data_4M3B
# 
_entry.id   4M3B 
# 
_audit_conform.dict_name       mmcif_pdbx.dic 
_audit_conform.dict_version    5.387 
_audit_conform.dict_location   http://mmcif.pdb.org/dictionaries/ascii/mmcif_pdbx.dic 
# 
loop_
_database_2.database_id 
_database_2.database_code 
_database_2.pdbx_database_accession 
_database_2.pdbx_DOI 
PDB   4M3B         pdb_00004m3b 10.2210/pdb4m3b/pdb 
RCSB  RCSB081412   ?            ?                   
WWPDB D_1000081412 ?            ?                   
# 
loop_
_pdbx_audit_revision_history.ordinal 
_pdbx_audit_revision_history.data_content_type 
_pdbx_audit_revision_history.major_revision 
_pdbx_audit_revision_history.minor_revision 
_pdbx_audit_revision_history.revision_date 
1 'Structure model' 1 0 2014-06-25 
2 'Structure model' 1 1 2024-02-28 
# 
_pdbx_audit_revision_details.ordinal             1 
_pdbx_audit_revision_details.revision_ordinal    1 
_pdbx_audit_revision_details.data_content_type   'Structure model' 
_pdbx_audit_revision_details.provider            repository 
_pdbx_audit_revision_details.type                'Initial release' 
_pdbx_audit_revision_details.description         ? 
_pdbx_audit_revision_details.details             ? 
# 
loop_
_pdbx_audit_revision_group.ordinal 
_pdbx_audit_revision_group.revision_ordinal 
_pdbx_audit_revision_group.data_content_type 
_pdbx_audit_revision_group.group 
1 2 'Structure model' 'Data collection'      
2 2 'Structure model' 'Database references'  
3 2 'Structure model' 'Derived calculations' 
# 
loop_
_pdbx_audit_revision_category.ordinal 
_pdbx_audit_revision_category.revision_ordinal 
_pdbx_audit_revision_category.data_content_type 
_pdbx_audit_revision_category.category 
1 2 'Structure model' chem_comp_atom 
2 2 'Structure model' chem_comp_bond 
3 2 'Structure model' database_2     
4 2 'Structure model' struct_site    
# 
loop_
_pdbx_audit_revision_item.ordinal 
_pdbx_audit_revision_item.revision_ordinal 
_pdbx_audit_revision_item.data_content_type 
_pdbx_audit_revision_item.item 
1 2 'Structure model' '_database_2.pdbx_DOI'                
2 2 'Structure model' '_database_2.pdbx_database_accession' 
3 2 'Structure model' '_struct_site.pdbx_auth_asym_id'      
4 2 'Structure model' '_struct_site.pdbx_auth_comp_id'      
5 2 'Structure model' '_struct_site.pdbx_auth_seq_id'       
# 
_pdbx_database_status.entry_id                        4M3B 
_pdbx_database_status.deposit_site                    RCSB 
_pdbx_database_status.process_site                    RCSB 
_pdbx_database_status.recvd_initial_deposition_date   2013-08-06 
_pdbx_database_status.status_code                     REL 
_pdbx_database_status.status_code_sf                  REL 
_pdbx_database_status.status_code_mr                  ? 
_pdbx_database_status.SG_entry                        ? 
_pdbx_database_status.status_code_cs                  ? 
_pdbx_database_status.methods_development_category    ? 
_pdbx_database_status.pdb_format_compatible           Y 
_pdbx_database_status.status_code_nmr_data            ? 
# 
loop_
_pdbx_database_related.db_name 
_pdbx_database_related.db_id 
_pdbx_database_related.details 
_pdbx_database_related.content_type 
PDB 4M3D . unspecified 
PDB 4M3E . unspecified 
PDB 4M3F . unspecified 
PDB 4M3G . unspecified 
# 
loop_
_audit_author.name 
_audit_author.pdbx_ordinal 
'Villemagne, B.'  1  
'Flipo, M.'       2  
'Blondiaux, N.'   3  
'Crauste, C.'     4  
'Malaquin, S.'    5  
'Leroux, F.'      6  
'Piveteau, C.'    7  
'Villeret, V.'    8  
'Brodin, P.'      9  
'Villoutreix, B.' 10 
'Sperandio, O.'   11 
'Wohlkonig, A.'   12 
'Wintjens, R.'    13 
'Deprez, B.'      14 
'Baulard, A.'     15 
'Willand, N.'     16 
# 
_citation.id                        primary 
_citation.title                     
;Ligand Efficiency Driven Design of New Inhibitors of Mycobacterium tuberculosis Transcriptional Repressor EthR Using Fragment Growing, Merging, and Linking Approaches.
;
_citation.journal_abbrev            J.Med.Chem. 
_citation.journal_volume            57 
_citation.page_first                4876 
_citation.page_last                 4888 
_citation.year                      2014 
_citation.journal_id_ASTM           JMCMAR 
_citation.country                   US 
_citation.journal_id_ISSN           0022-2623 
_citation.journal_id_CSD            0151 
_citation.book_publisher            ? 
_citation.pdbx_database_id_PubMed   24818704 
_citation.pdbx_database_id_DOI      10.1021/jm500422b 
# 
loop_
_citation_author.citation_id 
_citation_author.name 
_citation_author.ordinal 
_citation_author.identifier_ORCID 
primary 'Villemagne, B.'    1  ? 
primary 'Flipo, M.'         2  ? 
primary 'Blondiaux, N.'     3  ? 
primary 'Crauste, C.'       4  ? 
primary 'Malaquin, S.'      5  ? 
primary 'Leroux, F.'        6  ? 
primary 'Piveteau, C.'      7  ? 
primary 'Villeret, V.'      8  ? 
primary 'Brodin, P.'        9  ? 
primary 'Villoutreix, B.O.' 10 ? 
primary 'Sperandio, O.'     11 ? 
primary 'Soror, S.H.'       12 ? 
primary 'Wohlkonig, A.'     13 ? 
primary 'Wintjens, R.'      14 ? 
primary 'Deprez, B.'        15 ? 
primary 'Baulard, A.R.'     16 ? 
primary 'Willand, N.'       17 ? 
# 
loop_
_entity.id 
_entity.type 
_entity.src_method 
_entity.pdbx_description 
_entity.formula_weight 
_entity.pdbx_number_of_molecules 
_entity.pdbx_ec 
_entity.pdbx_mutation 
_entity.pdbx_fragment 
_entity.details 
1 polymer     man 'HTH-type transcriptional regulator EthR'                          23781.705 1  ? ? ? ? 
2 non-polymer syn '4-(2-methyl-1,3-thiazol-4-yl)-N-(3,3,3-trifluoropropyl)benzamide' 314.326   1  ? ? ? ? 
3 water       nat water                                                              18.015    37 ? ? ? ? 
# 
_entity_name_com.entity_id   1 
_entity_name_com.name        'transcriptional regulatory repressor protein (TETR-family)' 
# 
_entity_poly.entity_id                      1 
_entity_poly.type                           'polypeptide(L)' 
_entity_poly.nstd_linkage                   no 
_entity_poly.nstd_monomer                   no 
_entity_poly.pdbx_seq_one_letter_code       
;MTTSAASQASLPRGRRTARPSGDDRELAILATAENLLEDRPLADISVDDLAKGAGISRPTFYFYFPSKEAVLLTLLDRVV
NQADMALQTLAENPADTDRENMWRTGINVFFETFGSHKAVTRAGQAARATSVEVAELWSTFMQKWIAYTAAVIDAERDRG
AAPRTLPAHELATALNLMNERTLFASFAGEQPSVPEARVLDTLVHIWVTSIYGENR
;
_entity_poly.pdbx_seq_one_letter_code_can   
;MTTSAASQASLPRGRRTARPSGDDRELAILATAENLLEDRPLADISVDDLAKGAGISRPTFYFYFPSKEAVLLTLLDRVV
NQADMALQTLAENPADTDRENMWRTGINVFFETFGSHKAVTRAGQAARATSVEVAELWSTFMQKWIAYTAAVIDAERDRG
AAPRTLPAHELATALNLMNERTLFASFAGEQPSVPEARVLDTLVHIWVTSIYGENR
;
_entity_poly.pdbx_strand_id                 A 
_entity_poly.pdbx_target_identifier         ? 
# 
loop_
_pdbx_entity_nonpoly.entity_id 
_pdbx_entity_nonpoly.name 
_pdbx_entity_nonpoly.comp_id 
2 '4-(2-methyl-1,3-thiazol-4-yl)-N-(3,3,3-trifluoropropyl)benzamide' 2B2 
3 water                                                              HOH 
# 
loop_
_entity_poly_seq.entity_id 
_entity_poly_seq.num 
_entity_poly_seq.mon_id 
_entity_poly_seq.hetero 
1 1   MET n 
1 2   THR n 
1 3   THR n 
1 4   SER n 
1 5   ALA n 
1 6   ALA n 
1 7   SER n 
1 8   GLN n 
1 9   ALA n 
1 10  SER n 
1 11  LEU n 
1 12  PRO n 
1 13  ARG n 
1 14  GLY n 
1 15  ARG n 
1 16  ARG n 
1 17  THR n 
1 18  ALA n 
1 19  ARG n 
1 20  PRO n 
1 21  SER n 
1 22  GLY n 
1 23  ASP n 
1 24  ASP n 
1 25  ARG n 
1 26  GLU n 
1 27  LEU n 
1 28  ALA n 
1 29  ILE n 
1 30  LEU n 
1 31  ALA n 
1 32  THR n 
1 33  ALA n 
1 34  GLU n 
1 35  ASN n 
1 36  LEU n 
1 37  LEU n 
1 38  GLU n 
1 39  ASP n 
1 40  ARG n 
1 41  PRO n 
1 42  LEU n 
1 43  ALA n 
1 44  ASP n 
1 45  ILE n 
1 46  SER n 
1 47  VAL n 
1 48  ASP n 
1 49  ASP n 
1 50  LEU n 
1 51  ALA n 
1 52  LYS n 
1 53  GLY n 
1 54  ALA n 
1 55  GLY n 
1 56  ILE n 
1 57  SER n 
1 58  ARG n 
1 59  PRO n 
1 60  THR n 
1 61  PHE n 
1 62  TYR n 
1 63  PHE n 
1 64  TYR n 
1 65  PHE n 
1 66  PRO n 
1 67  SER n 
1 68  LYS n 
1 69  GLU n 
1 70  ALA n 
1 71  VAL n 
1 72  LEU n 
1 73  LEU n 
1 74  THR n 
1 75  LEU n 
1 76  LEU n 
1 77  ASP n 
1 78  ARG n 
1 79  VAL n 
1 80  VAL n 
1 81  ASN n 
1 82  GLN n 
1 83  ALA n 
1 84  ASP n 
1 85  MET n 
1 86  ALA n 
1 87  LEU n 
1 88  GLN n 
1 89  THR n 
1 90  LEU n 
1 91  ALA n 
1 92  GLU n 
1 93  ASN n 
1 94  PRO n 
1 95  ALA n 
1 96  ASP n 
1 97  THR n 
1 98  ASP n 
1 99  ARG n 
1 100 GLU n 
1 101 ASN n 
1 102 MET n 
1 103 TRP n 
1 104 ARG n 
1 105 THR n 
1 106 GLY n 
1 107 ILE n 
1 108 ASN n 
1 109 VAL n 
1 110 PHE n 
1 111 PHE n 
1 112 GLU n 
1 113 THR n 
1 114 PHE n 
1 115 GLY n 
1 116 SER n 
1 117 HIS n 
1 118 LYS n 
1 119 ALA n 
1 120 VAL n 
1 121 THR n 
1 122 ARG n 
1 123 ALA n 
1 124 GLY n 
1 125 GLN n 
1 126 ALA n 
1 127 ALA n 
1 128 ARG n 
1 129 ALA n 
1 130 THR n 
1 131 SER n 
1 132 VAL n 
1 133 GLU n 
1 134 VAL n 
1 135 ALA n 
1 136 GLU n 
1 137 LEU n 
1 138 TRP n 
1 139 SER n 
1 140 THR n 
1 141 PHE n 
1 142 MET n 
1 143 GLN n 
1 144 LYS n 
1 145 TRP n 
1 146 ILE n 
1 147 ALA n 
1 148 TYR n 
1 149 THR n 
1 150 ALA n 
1 151 ALA n 
1 152 VAL n 
1 153 ILE n 
1 154 ASP n 
1 155 ALA n 
1 156 GLU n 
1 157 ARG n 
1 158 ASP n 
1 159 ARG n 
1 160 GLY n 
1 161 ALA n 
1 162 ALA n 
1 163 PRO n 
1 164 ARG n 
1 165 THR n 
1 166 LEU n 
1 167 PRO n 
1 168 ALA n 
1 169 HIS n 
1 170 GLU n 
1 171 LEU n 
1 172 ALA n 
1 173 THR n 
1 174 ALA n 
1 175 LEU n 
1 176 ASN n 
1 177 LEU n 
1 178 MET n 
1 179 ASN n 
1 180 GLU n 
1 181 ARG n 
1 182 THR n 
1 183 LEU n 
1 184 PHE n 
1 185 ALA n 
1 186 SER n 
1 187 PHE n 
1 188 ALA n 
1 189 GLY n 
1 190 GLU n 
1 191 GLN n 
1 192 PRO n 
1 193 SER n 
1 194 VAL n 
1 195 PRO n 
1 196 GLU n 
1 197 ALA n 
1 198 ARG n 
1 199 VAL n 
1 200 LEU n 
1 201 ASP n 
1 202 THR n 
1 203 LEU n 
1 204 VAL n 
1 205 HIS n 
1 206 ILE n 
1 207 TRP n 
1 208 VAL n 
1 209 THR n 
1 210 SER n 
1 211 ILE n 
1 212 TYR n 
1 213 GLY n 
1 214 GLU n 
1 215 ASN n 
1 216 ARG n 
# 
_entity_src_gen.entity_id                          1 
_entity_src_gen.pdbx_src_id                        1 
_entity_src_gen.pdbx_alt_source_flag               sample 
_entity_src_gen.pdbx_seq_type                      ? 
_entity_src_gen.pdbx_beg_seq_num                   ? 
_entity_src_gen.pdbx_end_seq_num                   ? 
_entity_src_gen.gene_src_common_name               ? 
_entity_src_gen.gene_src_genus                     ? 
_entity_src_gen.pdbx_gene_src_gene                 'etaR, ethR, MT3970, Rv3855' 
_entity_src_gen.gene_src_species                   ? 
_entity_src_gen.gene_src_strain                    H37RV 
_entity_src_gen.gene_src_tissue                    ? 
_entity_src_gen.gene_src_tissue_fraction           ? 
_entity_src_gen.gene_src_details                   ? 
_entity_src_gen.pdbx_gene_src_fragment             ? 
_entity_src_gen.pdbx_gene_src_scientific_name      'Mycobacterium tuberculosis' 
_entity_src_gen.pdbx_gene_src_ncbi_taxonomy_id     83332 
_entity_src_gen.pdbx_gene_src_variant              ? 
_entity_src_gen.pdbx_gene_src_cell_line            ? 
_entity_src_gen.pdbx_gene_src_atcc                 ? 
_entity_src_gen.pdbx_gene_src_organ                ? 
_entity_src_gen.pdbx_gene_src_organelle            ? 
_entity_src_gen.pdbx_gene_src_cell                 ? 
_entity_src_gen.pdbx_gene_src_cellular_location    ? 
_entity_src_gen.host_org_common_name               ? 
_entity_src_gen.pdbx_host_org_scientific_name      'Escherichia coli' 
_entity_src_gen.pdbx_host_org_ncbi_taxonomy_id     511693 
_entity_src_gen.host_org_genus                     ? 
_entity_src_gen.pdbx_host_org_gene                 ? 
_entity_src_gen.pdbx_host_org_organ                ? 
_entity_src_gen.host_org_species                   ? 
_entity_src_gen.pdbx_host_org_tissue               ? 
_entity_src_gen.pdbx_host_org_tissue_fraction      ? 
_entity_src_gen.pdbx_host_org_strain               BL21 
_entity_src_gen.pdbx_host_org_variant              ? 
_entity_src_gen.pdbx_host_org_cell_line            ? 
_entity_src_gen.pdbx_host_org_atcc                 ? 
_entity_src_gen.pdbx_host_org_culture_collection   ? 
_entity_src_gen.pdbx_host_org_cell                 ? 
_entity_src_gen.pdbx_host_org_organelle            ? 
_entity_src_gen.pdbx_host_org_cellular_location    ? 
_entity_src_gen.pdbx_host_org_vector_type          ? 
_entity_src_gen.pdbx_host_org_vector               ? 
_entity_src_gen.host_org_details                   ? 
_entity_src_gen.expression_system_id               ? 
_entity_src_gen.plasmid_name                       ? 
_entity_src_gen.plasmid_details                    ? 
_entity_src_gen.pdbx_description                   ? 
# 
loop_
_chem_comp.id 
_chem_comp.type 
_chem_comp.mon_nstd_flag 
_chem_comp.name 
_chem_comp.pdbx_synonyms 
_chem_comp.formula 
_chem_comp.formula_weight 
2B2 non-polymer         . '4-(2-methyl-1,3-thiazol-4-yl)-N-(3,3,3-trifluoropropyl)benzamide' ? 'C14 H13 F3 N2 O S' 314.326 
ALA 'L-peptide linking' y ALANINE                                                            ? 'C3 H7 N O2'        89.093  
ARG 'L-peptide linking' y ARGININE                                                           ? 'C6 H15 N4 O2 1'    175.209 
ASN 'L-peptide linking' y ASPARAGINE                                                         ? 'C4 H8 N2 O3'       132.118 
ASP 'L-peptide linking' y 'ASPARTIC ACID'                                                    ? 'C4 H7 N O4'        133.103 
GLN 'L-peptide linking' y GLUTAMINE                                                          ? 'C5 H10 N2 O3'      146.144 
GLU 'L-peptide linking' y 'GLUTAMIC ACID'                                                    ? 'C5 H9 N O4'        147.129 
GLY 'peptide linking'   y GLYCINE                                                            ? 'C2 H5 N O2'        75.067  
HIS 'L-peptide linking' y HISTIDINE                                                          ? 'C6 H10 N3 O2 1'    156.162 
HOH non-polymer         . WATER                                                              ? 'H2 O'              18.015  
ILE 'L-peptide linking' y ISOLEUCINE                                                         ? 'C6 H13 N O2'       131.173 
LEU 'L-peptide linking' y LEUCINE                                                            ? 'C6 H13 N O2'       131.173 
LYS 'L-peptide linking' y LYSINE                                                             ? 'C6 H15 N2 O2 1'    147.195 
MET 'L-peptide linking' y METHIONINE                                                         ? 'C5 H11 N O2 S'     149.211 
PHE 'L-peptide linking' y PHENYLALANINE                                                      ? 'C9 H11 N O2'       165.189 
PRO 'L-peptide linking' y PROLINE                                                            ? 'C5 H9 N O2'        115.130 
SER 'L-peptide linking' y SERINE                                                             ? 'C3 H7 N O3'        105.093 
THR 'L-peptide linking' y THREONINE                                                          ? 'C4 H9 N O3'        119.119 
TRP 'L-peptide linking' y TRYPTOPHAN                                                         ? 'C11 H12 N2 O2'     204.225 
TYR 'L-peptide linking' y TYROSINE                                                           ? 'C9 H11 N O3'       181.189 
VAL 'L-peptide linking' y VALINE                                                             ? 'C5 H11 N O2'       117.146 
# 
loop_
_pdbx_poly_seq_scheme.asym_id 
_pdbx_poly_seq_scheme.entity_id 
_pdbx_poly_seq_scheme.seq_id 
_pdbx_poly_seq_scheme.mon_id 
_pdbx_poly_seq_scheme.ndb_seq_num 
_pdbx_poly_seq_scheme.pdb_seq_num 
_pdbx_poly_seq_scheme.auth_seq_num 
_pdbx_poly_seq_scheme.pdb_mon_id 
_pdbx_poly_seq_scheme.auth_mon_id 
_pdbx_poly_seq_scheme.pdb_strand_id 
_pdbx_poly_seq_scheme.pdb_ins_code 
_pdbx_poly_seq_scheme.hetero 
A 1 1   MET 1   1   ?   ?   ?   A . n 
A 1 2   THR 2   2   ?   ?   ?   A . n 
A 1 3   THR 3   3   ?   ?   ?   A . n 
A 1 4   SER 4   4   ?   ?   ?   A . n 
A 1 5   ALA 5   5   ?   ?   ?   A . n 
A 1 6   ALA 6   6   ?   ?   ?   A . n 
A 1 7   SER 7   7   ?   ?   ?   A . n 
A 1 8   GLN 8   8   ?   ?   ?   A . n 
A 1 9   ALA 9   9   ?   ?   ?   A . n 
A 1 10  SER 10  10  ?   ?   ?   A . n 
A 1 11  LEU 11  11  ?   ?   ?   A . n 
A 1 12  PRO 12  12  ?   ?   ?   A . n 
A 1 13  ARG 13  13  ?   ?   ?   A . n 
A 1 14  GLY 14  14  ?   ?   ?   A . n 
A 1 15  ARG 15  15  ?   ?   ?   A . n 
A 1 16  ARG 16  16  ?   ?   ?   A . n 
A 1 17  THR 17  17  ?   ?   ?   A . n 
A 1 18  ALA 18  18  ?   ?   ?   A . n 
A 1 19  ARG 19  19  ?   ?   ?   A . n 
A 1 20  PRO 20  20  ?   ?   ?   A . n 
A 1 21  SER 21  21  ?   ?   ?   A . n 
A 1 22  GLY 22  22  ?   ?   ?   A . n 
A 1 23  ASP 23  23  ?   ?   ?   A . n 
A 1 24  ASP 24  24  ?   ?   ?   A . n 
A 1 25  ARG 25  25  25  ARG ARG A . n 
A 1 26  GLU 26  26  26  GLU GLU A . n 
A 1 27  LEU 27  27  27  LEU LEU A . n 
A 1 28  ALA 28  28  28  ALA ALA A . n 
A 1 29  ILE 29  29  29  ILE ILE A . n 
A 1 30  LEU 30  30  30  LEU LEU A . n 
A 1 31  ALA 31  31  31  ALA ALA A . n 
A 1 32  THR 32  32  32  THR THR A . n 
A 1 33  ALA 33  33  33  ALA ALA A . n 
A 1 34  GLU 34  34  34  GLU GLU A . n 
A 1 35  ASN 35  35  35  ASN ASN A . n 
A 1 36  LEU 36  36  36  LEU LEU A . n 
A 1 37  LEU 37  37  37  LEU LEU A . n 
A 1 38  GLU 38  38  38  GLU GLU A . n 
A 1 39  ASP 39  39  39  ASP ASP A . n 
A 1 40  ARG 40  40  40  ARG ARG A . n 
A 1 41  PRO 41  41  41  PRO PRO A . n 
A 1 42  LEU 42  42  42  LEU LEU A . n 
A 1 43  ALA 43  43  43  ALA ALA A . n 
A 1 44  ASP 44  44  44  ASP ASP A . n 
A 1 45  ILE 45  45  45  ILE ILE A . n 
A 1 46  SER 46  46  46  SER SER A . n 
A 1 47  VAL 47  47  47  VAL VAL A . n 
A 1 48  ASP 48  48  48  ASP ASP A . n 
A 1 49  ASP 49  49  49  ASP ASP A . n 
A 1 50  LEU 50  50  50  LEU LEU A . n 
A 1 51  ALA 51  51  51  ALA ALA A . n 
A 1 52  LYS 52  52  52  LYS LYS A . n 
A 1 53  GLY 53  53  53  GLY GLY A . n 
A 1 54  ALA 54  54  54  ALA ALA A . n 
A 1 55  GLY 55  55  55  GLY GLY A . n 
A 1 56  ILE 56  56  56  ILE ILE A . n 
A 1 57  SER 57  57  57  SER SER A . n 
A 1 58  ARG 58  58  58  ARG ARG A . n 
A 1 59  PRO 59  59  59  PRO PRO A . n 
A 1 60  THR 60  60  60  THR THR A . n 
A 1 61  PHE 61  61  61  PHE PHE A . n 
A 1 62  TYR 62  62  62  TYR TYR A . n 
A 1 63  PHE 63  63  63  PHE PHE A . n 
A 1 64  TYR 64  64  64  TYR TYR A . n 
A 1 65  PHE 65  65  65  PHE PHE A . n 
A 1 66  PRO 66  66  66  PRO PRO A . n 
A 1 67  SER 67  67  67  SER SER A . n 
A 1 68  LYS 68  68  68  LYS LYS A . n 
A 1 69  GLU 69  69  69  GLU GLU A . n 
A 1 70  ALA 70  70  70  ALA ALA A . n 
A 1 71  VAL 71  71  71  VAL VAL A . n 
A 1 72  LEU 72  72  72  LEU LEU A . n 
A 1 73  LEU 73  73  73  LEU LEU A . n 
A 1 74  THR 74  74  74  THR THR A . n 
A 1 75  LEU 75  75  75  LEU LEU A . n 
A 1 76  LEU 76  76  76  LEU LEU A . n 
A 1 77  ASP 77  77  77  ASP ASP A . n 
A 1 78  ARG 78  78  78  ARG ARG A . n 
A 1 79  VAL 79  79  79  VAL VAL A . n 
A 1 80  VAL 80  80  80  VAL VAL A . n 
A 1 81  ASN 81  81  81  ASN ASN A . n 
A 1 82  GLN 82  82  82  GLN GLN A . n 
A 1 83  ALA 83  83  83  ALA ALA A . n 
A 1 84  ASP 84  84  84  ASP ASP A . n 
A 1 85  MET 85  85  85  MET MET A . n 
A 1 86  ALA 86  86  86  ALA ALA A . n 
A 1 87  LEU 87  87  87  LEU LEU A . n 
A 1 88  GLN 88  88  88  GLN GLN A . n 
A 1 89  THR 89  89  89  THR THR A . n 
A 1 90  LEU 90  90  90  LEU LEU A . n 
A 1 91  ALA 91  91  91  ALA ALA A . n 
A 1 92  GLU 92  92  92  GLU GLU A . n 
A 1 93  ASN 93  93  ?   ?   ?   A . n 
A 1 94  PRO 94  94  ?   ?   ?   A . n 
A 1 95  ALA 95  95  ?   ?   ?   A . n 
A 1 96  ASP 96  96  ?   ?   ?   A . n 
A 1 97  THR 97  97  ?   ?   ?   A . n 
A 1 98  ASP 98  98  98  ASP ASP A . n 
A 1 99  ARG 99  99  99  ARG ARG A . n 
A 1 100 GLU 100 100 100 GLU GLU A . n 
A 1 101 ASN 101 101 101 ASN ASN A . n 
A 1 102 MET 102 102 102 MET MET A . n 
A 1 103 TRP 103 103 103 TRP TRP A . n 
A 1 104 ARG 104 104 104 ARG ARG A . n 
A 1 105 THR 105 105 105 THR THR A . n 
A 1 106 GLY 106 106 106 GLY GLY A . n 
A 1 107 ILE 107 107 107 ILE ILE A . n 
A 1 108 ASN 108 108 108 ASN ASN A . n 
A 1 109 VAL 109 109 109 VAL VAL A . n 
A 1 110 PHE 110 110 110 PHE PHE A . n 
A 1 111 PHE 111 111 111 PHE PHE A . n 
A 1 112 GLU 112 112 112 GLU GLU A . n 
A 1 113 THR 113 113 113 THR THR A . n 
A 1 114 PHE 114 114 114 PHE PHE A . n 
A 1 115 GLY 115 115 115 GLY GLY A . n 
A 1 116 SER 116 116 116 SER SER A . n 
A 1 117 HIS 117 117 117 HIS HIS A . n 
A 1 118 LYS 118 118 118 LYS LYS A . n 
A 1 119 ALA 119 119 119 ALA ALA A . n 
A 1 120 VAL 120 120 120 VAL VAL A . n 
A 1 121 THR 121 121 121 THR THR A . n 
A 1 122 ARG 122 122 122 ARG ARG A . n 
A 1 123 ALA 123 123 123 ALA ALA A . n 
A 1 124 GLY 124 124 124 GLY GLY A . n 
A 1 125 GLN 125 125 125 GLN GLN A . n 
A 1 126 ALA 126 126 126 ALA ALA A . n 
A 1 127 ALA 127 127 127 ALA ALA A . n 
A 1 128 ARG 128 128 128 ARG ARG A . n 
A 1 129 ALA 129 129 129 ALA ALA A . n 
A 1 130 THR 130 130 130 THR THR A . n 
A 1 131 SER 131 131 131 SER SER A . n 
A 1 132 VAL 132 132 132 VAL VAL A . n 
A 1 133 GLU 133 133 133 GLU GLU A . n 
A 1 134 VAL 134 134 134 VAL VAL A . n 
A 1 135 ALA 135 135 135 ALA ALA A . n 
A 1 136 GLU 136 136 136 GLU GLU A . n 
A 1 137 LEU 137 137 137 LEU LEU A . n 
A 1 138 TRP 138 138 138 TRP TRP A . n 
A 1 139 SER 139 139 139 SER SER A . n 
A 1 140 THR 140 140 140 THR THR A . n 
A 1 141 PHE 141 141 141 PHE PHE A . n 
A 1 142 MET 142 142 142 MET MET A . n 
A 1 143 GLN 143 143 143 GLN GLN A . n 
A 1 144 LYS 144 144 144 LYS LYS A . n 
A 1 145 TRP 145 145 145 TRP TRP A . n 
A 1 146 ILE 146 146 146 ILE ILE A . n 
A 1 147 ALA 147 147 147 ALA ALA A . n 
A 1 148 TYR 148 148 148 TYR TYR A . n 
A 1 149 THR 149 149 149 THR THR A . n 
A 1 150 ALA 150 150 150 ALA ALA A . n 
A 1 151 ALA 151 151 151 ALA ALA A . n 
A 1 152 VAL 152 152 152 VAL VAL A . n 
A 1 153 ILE 153 153 153 ILE ILE A . n 
A 1 154 ASP 154 154 154 ASP ASP A . n 
A 1 155 ALA 155 155 155 ALA ALA A . n 
A 1 156 GLU 156 156 156 GLU GLU A . n 
A 1 157 ARG 157 157 157 ARG ARG A . n 
A 1 158 ASP 158 158 158 ASP ASP A . n 
A 1 159 ARG 159 159 159 ARG ARG A . n 
A 1 160 GLY 160 160 160 GLY GLY A . n 
A 1 161 ALA 161 161 161 ALA ALA A . n 
A 1 162 ALA 162 162 162 ALA ALA A . n 
A 1 163 PRO 163 163 163 PRO PRO A . n 
A 1 164 ARG 164 164 164 ARG ARG A . n 
A 1 165 THR 165 165 165 THR THR A . n 
A 1 166 LEU 166 166 166 LEU LEU A . n 
A 1 167 PRO 167 167 167 PRO PRO A . n 
A 1 168 ALA 168 168 168 ALA ALA A . n 
A 1 169 HIS 169 169 169 HIS HIS A . n 
A 1 170 GLU 170 170 170 GLU GLU A . n 
A 1 171 LEU 171 171 171 LEU LEU A . n 
A 1 172 ALA 172 172 172 ALA ALA A . n 
A 1 173 THR 173 173 173 THR THR A . n 
A 1 174 ALA 174 174 174 ALA ALA A . n 
A 1 175 LEU 175 175 175 LEU LEU A . n 
A 1 176 ASN 176 176 176 ASN ASN A . n 
A 1 177 LEU 177 177 177 LEU LEU A . n 
A 1 178 MET 178 178 178 MET MET A . n 
A 1 179 ASN 179 179 179 ASN ASN A . n 
A 1 180 GLU 180 180 180 GLU GLU A . n 
A 1 181 ARG 181 181 181 ARG ARG A . n 
A 1 182 THR 182 182 182 THR THR A . n 
A 1 183 LEU 183 183 183 LEU LEU A . n 
A 1 184 PHE 184 184 184 PHE PHE A . n 
A 1 185 ALA 185 185 185 ALA ALA A . n 
A 1 186 SER 186 186 186 SER SER A . n 
A 1 187 PHE 187 187 187 PHE PHE A . n 
A 1 188 ALA 188 188 188 ALA ALA A . n 
A 1 189 GLY 189 189 189 GLY GLY A . n 
A 1 190 GLU 190 190 190 GLU GLU A . n 
A 1 191 GLN 191 191 191 GLN GLN A . n 
A 1 192 PRO 192 192 192 PRO PRO A . n 
A 1 193 SER 193 193 193 SER SER A . n 
A 1 194 VAL 194 194 194 VAL VAL A . n 
A 1 195 PRO 195 195 195 PRO PRO A . n 
A 1 196 GLU 196 196 196 GLU GLU A . n 
A 1 197 ALA 197 197 197 ALA ALA A . n 
A 1 198 ARG 198 198 198 ARG ARG A . n 
A 1 199 VAL 199 199 199 VAL VAL A . n 
A 1 200 LEU 200 200 200 LEU LEU A . n 
A 1 201 ASP 201 201 201 ASP ASP A . n 
A 1 202 THR 202 202 202 THR THR A . n 
A 1 203 LEU 203 203 203 LEU LEU A . n 
A 1 204 VAL 204 204 204 VAL VAL A . n 
A 1 205 HIS 205 205 205 HIS HIS A . n 
A 1 206 ILE 206 206 206 ILE ILE A . n 
A 1 207 TRP 207 207 207 TRP TRP A . n 
A 1 208 VAL 208 208 208 VAL VAL A . n 
A 1 209 THR 209 209 209 THR THR A . n 
A 1 210 SER 210 210 210 SER SER A . n 
A 1 211 ILE 211 211 211 ILE ILE A . n 
A 1 212 TYR 212 212 212 TYR TYR A . n 
A 1 213 GLY 213 213 213 GLY GLY A . n 
A 1 214 GLU 214 214 214 GLU GLU A . n 
A 1 215 ASN 215 215 ?   ?   ?   A . n 
A 1 216 ARG 216 216 ?   ?   ?   A . n 
# 
loop_
_pdbx_nonpoly_scheme.asym_id 
_pdbx_nonpoly_scheme.entity_id 
_pdbx_nonpoly_scheme.mon_id 
_pdbx_nonpoly_scheme.ndb_seq_num 
_pdbx_nonpoly_scheme.pdb_seq_num 
_pdbx_nonpoly_scheme.auth_seq_num 
_pdbx_nonpoly_scheme.pdb_mon_id 
_pdbx_nonpoly_scheme.auth_mon_id 
_pdbx_nonpoly_scheme.pdb_strand_id 
_pdbx_nonpoly_scheme.pdb_ins_code 
B 2 2B2 1  301 1  2B2 B2  A . 
C 3 HOH 1  401 1  HOH HOH A . 
C 3 HOH 2  402 2  HOH HOH A . 
C 3 HOH 3  403 3  HOH HOH A . 
C 3 HOH 4  404 4  HOH HOH A . 
C 3 HOH 5  405 5  HOH HOH A . 
C 3 HOH 6  406 6  HOH HOH A . 
C 3 HOH 7  407 7  HOH HOH A . 
C 3 HOH 8  408 8  HOH HOH A . 
C 3 HOH 9  409 9  HOH HOH A . 
C 3 HOH 10 410 10 HOH HOH A . 
C 3 HOH 11 411 11 HOH HOH A . 
C 3 HOH 12 412 12 HOH HOH A . 
C 3 HOH 13 413 13 HOH HOH A . 
C 3 HOH 14 414 14 HOH HOH A . 
C 3 HOH 15 415 15 HOH HOH A . 
C 3 HOH 16 416 16 HOH HOH A . 
C 3 HOH 17 417 17 HOH HOH A . 
C 3 HOH 18 418 18 HOH HOH A . 
C 3 HOH 19 419 19 HOH HOH A . 
C 3 HOH 20 420 20 HOH HOH A . 
C 3 HOH 21 421 21 HOH HOH A . 
C 3 HOH 22 422 22 HOH HOH A . 
C 3 HOH 23 423 23 HOH HOH A . 
C 3 HOH 24 424 24 HOH HOH A . 
C 3 HOH 25 425 25 HOH HOH A . 
C 3 HOH 26 426 26 HOH HOH A . 
C 3 HOH 27 427 27 HOH HOH A . 
C 3 HOH 28 428 28 HOH HOH A . 
C 3 HOH 29 429 29 HOH HOH A . 
C 3 HOH 30 430 30 HOH HOH A . 
C 3 HOH 31 431 31 HOH HOH A . 
C 3 HOH 32 432 32 HOH HOH A . 
C 3 HOH 33 433 33 HOH HOH A . 
C 3 HOH 34 434 34 HOH HOH A . 
C 3 HOH 35 435 35 HOH HOH A . 
C 3 HOH 36 436 36 HOH HOH A . 
C 3 HOH 37 437 37 HOH HOH A . 
# 
loop_
_pdbx_unobs_or_zero_occ_atoms.id 
_pdbx_unobs_or_zero_occ_atoms.PDB_model_num 
_pdbx_unobs_or_zero_occ_atoms.polymer_flag 
_pdbx_unobs_or_zero_occ_atoms.occupancy_flag 
_pdbx_unobs_or_zero_occ_atoms.auth_asym_id 
_pdbx_unobs_or_zero_occ_atoms.auth_comp_id 
_pdbx_unobs_or_zero_occ_atoms.auth_seq_id 
_pdbx_unobs_or_zero_occ_atoms.PDB_ins_code 
_pdbx_unobs_or_zero_occ_atoms.auth_atom_id 
_pdbx_unobs_or_zero_occ_atoms.label_alt_id 
_pdbx_unobs_or_zero_occ_atoms.label_asym_id 
_pdbx_unobs_or_zero_occ_atoms.label_comp_id 
_pdbx_unobs_or_zero_occ_atoms.label_seq_id 
_pdbx_unobs_or_zero_occ_atoms.label_atom_id 
1 1 Y 1 A GLU 214 ? C ? A GLU 214 C 
2 1 Y 1 A GLU 214 ? O ? A GLU 214 O 
# 
loop_
_software.pdbx_ordinal 
_software.name 
_software.version 
_software.date 
_software.type 
_software.contact_author 
_software.contact_author_email 
_software.classification 
_software.location 
_software.language 
_software.citation_id 
1 SCALA       3.3.16 2010/01/06       other   'Phil R. Evans'      pre@mrc-lmb.cam.ac.uk    'data scaling'    
http://www.ccp4.ac.uk/dist/html/scala.html   Fortran_77 ? 
2 MOLREP      .      ?                program 'Alexei Vaguine'     alexei@ysbl.york.ac.uk   phasing           
http://www.ccp4.ac.uk/dist/html/molrep.html  Fortran_77 ? 
3 REFMAC      .      ?                program 'Garib N. Murshudov' garib@ysbl.york.ac.uk    refinement        
http://www.ccp4.ac.uk/dist/html/refmac5.html Fortran_77 ? 
4 PDB_EXTRACT 3.11   'April 22, 2011' package PDB                  deposit@deposit.rcsb.org 'data extraction' 
http://sw-tools.pdb.org/apps/PDB_EXTRACT/    C++        ? 
5 MAR345dtb   .      ?                ?       ?                    ?                        'data collection' ? ?          ? 
6 XSCALE      .      ?                ?       ?                    ?                        'data scaling'    ? ?          ? 
# 
_cell.length_a           121.737 
_cell.length_b           121.737 
_cell.length_c           33.713 
_cell.angle_alpha        90.000 
_cell.angle_beta         90.000 
_cell.angle_gamma        90.000 
_cell.entry_id           4M3B 
_cell.pdbx_unique_axis   ? 
_cell.Z_PDB              8 
_cell.length_a_esd       ? 
_cell.length_b_esd       ? 
_cell.length_c_esd       ? 
_cell.angle_alpha_esd    ? 
_cell.angle_beta_esd     ? 
_cell.angle_gamma_esd    ? 
# 
_symmetry.space_group_name_H-M             'P 41 21 2' 
_symmetry.entry_id                         4M3B 
_symmetry.Int_Tables_number                92 
_symmetry.pdbx_full_space_group_name_H-M   ? 
_symmetry.cell_setting                     ? 
_symmetry.space_group_name_Hall            ? 
# 
_exptl.crystals_number   1 
_exptl.entry_id          4M3B 
_exptl.method            'X-RAY DIFFRACTION' 
# 
_exptl_crystal.id                    1 
_exptl_crystal.density_Matthews      2.63 
_exptl_crystal.density_meas          ? 
_exptl_crystal.density_percent_sol   53.16 
_exptl_crystal.description           ? 
_exptl_crystal.F_000                 ? 
_exptl_crystal.preparation           ? 
# 
_exptl_crystal_grow.crystal_id      1 
_exptl_crystal_grow.method          'VAPOR DIFFUSION, HANGING DROP' 
_exptl_crystal_grow.pH              6.7 
_exptl_crystal_grow.temp            293 
_exptl_crystal_grow.temp_details    ? 
_exptl_crystal_grow.pdbx_details    
'1.4-1.65 M ammonium sulfate, 15% glycerol, 0.1 M MES, pH 6.7, VAPOR DIFFUSION, HANGING DROP, temperature 293K' 
_exptl_crystal_grow.pdbx_pH_range   ? 
# 
_diffrn.id                     1 
_diffrn.ambient_temp           100 
_diffrn.ambient_temp_details   ? 
_diffrn.crystal_id             1 
# 
_diffrn_detector.diffrn_id              1 
_diffrn_detector.detector               CCD 
_diffrn_detector.type                   'MARMOSAIC 225 mm CCD' 
_diffrn_detector.pdbx_collection_date   2010-12-05 
_diffrn_detector.details                ? 
# 
_diffrn_radiation.diffrn_id                        1 
_diffrn_radiation.wavelength_id                    1 
_diffrn_radiation.pdbx_diffrn_protocol             'SINGLE WAVELENGTH' 
_diffrn_radiation.monochromator                    'Si(111)' 
_diffrn_radiation.pdbx_monochromatic_or_laue_m_l   M 
_diffrn_radiation.pdbx_scattering_type             x-ray 
# 
_diffrn_radiation_wavelength.id           1 
_diffrn_radiation_wavelength.wavelength   1.0000 
_diffrn_radiation_wavelength.wt           1.0 
# 
_diffrn_source.diffrn_id                   1 
_diffrn_source.source                      SYNCHROTRON 
_diffrn_source.type                        'SLS BEAMLINE X06DA' 
_diffrn_source.pdbx_wavelength             ? 
_diffrn_source.pdbx_wavelength_list        1.0000 
_diffrn_source.pdbx_synchrotron_site       SLS 
_diffrn_source.pdbx_synchrotron_beamline   X06DA 
# 
_reflns.entry_id                     4M3B 
_reflns.d_resolution_high            2.001 
_reflns.d_resolution_low             60.868 
_reflns.number_all                   17731 
_reflns.number_obs                   17731 
_reflns.pdbx_netI_over_sigmaI        23.5 
_reflns.pdbx_Rsym_value              0.072 
_reflns.pdbx_redundancy              10.7 
_reflns.percent_possible_obs         99.8 
_reflns.observed_criterion_sigma_F   ? 
_reflns.observed_criterion_sigma_I   ? 
_reflns.pdbx_Rmerge_I_obs            ? 
_reflns.B_iso_Wilson_estimate        ? 
_reflns.R_free_details               ? 
_reflns.limit_h_max                  ? 
_reflns.limit_h_min                  ? 
_reflns.limit_k_max                  ? 
_reflns.limit_k_min                  ? 
_reflns.limit_l_max                  ? 
_reflns.limit_l_min                  ? 
_reflns.observed_criterion_F_max     ? 
_reflns.observed_criterion_F_min     ? 
_reflns.pdbx_chi_squared             ? 
_reflns.pdbx_scaling_rejects         ? 
_reflns.pdbx_ordinal                 1 
_reflns.pdbx_diffrn_id               1 
# 
loop_
_reflns_shell.d_res_high 
_reflns_shell.d_res_low 
_reflns_shell.number_measured_obs 
_reflns_shell.number_measured_all 
_reflns_shell.number_unique_obs 
_reflns_shell.Rmerge_I_obs 
_reflns_shell.meanI_over_sigI_obs 
_reflns_shell.pdbx_Rsym_value 
_reflns_shell.pdbx_chi_squared 
_reflns_shell.pdbx_redundancy 
_reflns_shell.percent_possible_obs 
_reflns_shell.number_unique_all 
_reflns_shell.percent_possible_all 
_reflns_shell.pdbx_ordinal 
_reflns_shell.pdbx_diffrn_id 
2.001 2.110  ? 27520 ? 0.430 1.80  0.430 ? 11.00 ? 2513 98.9  1  1 
2.110 2.240  ? 25454 ? 0.290 2.60  0.290 ? 10.70 ? 2382 100.0 2  1 
2.240 2.390  ? 24824 ? 0.204 3.70  0.204 ? 10.90 ? 2272 100.0 3  1 
2.390 2.580  ? 23442 ? 0.144 5.30  0.144 ? 11.10 ? 2118 100.0 4  1 
2.580 2.830  ? 20430 ? 0.106 7.10  0.106 ? 10.40 ? 1957 100.0 5  1 
2.830 3.160  ? 19629 ? 0.074 10.10 0.074 ? 11.00 ? 1779 100.0 6  1 
3.160 3.650  ? 16460 ? 0.047 15.00 0.047 ? 10.40 ? 1586 100.0 7  1 
3.650 4.470  ? 14610 ? 0.034 17.90 0.034 ? 10.70 ? 1368 100.0 8  1 
4.470 6.330  ? 10820 ? 0.032 18.30 0.032 ? 9.90  ? 1093 100.0 9  1 
6.330 60.868 ? 6070  ? 0.026 19.00 0.026 ? 9.20  ? 663  99.6  10 1 
# 
_refine.entry_id                                 4M3B 
_refine.ls_d_res_high                            2.001 
_refine.ls_d_res_low                             60.868 
_refine.pdbx_ls_sigma_F                          0.0 
_refine.pdbx_data_cutoff_high_absF               ? 
_refine.pdbx_data_cutoff_low_absF                ? 
_refine.ls_percent_reflns_obs                    100.0 
_refine.ls_number_reflns_obs                     17690 
_refine.ls_number_reflns_all                     ? 
_refine.pdbx_ls_cross_valid_method               THROUGHOUT 
_refine.pdbx_R_Free_selection_details            RANDOM 
_refine.details                                  ? 
_refine.ls_R_factor_all                          ? 
_refine.ls_R_factor_obs                          0.2034 
_refine.ls_R_factor_R_work                       0.2015 
_refine.ls_wR_factor_R_work                      0.1896 
_refine.ls_R_factor_R_free                       0.2405 
_refine.ls_wR_factor_R_free                      0.2279 
_refine.ls_percent_reflns_R_free                 5.1 
_refine.ls_number_reflns_R_free                  901 
_refine.ls_R_factor_R_free_error                 ? 
_refine.B_iso_mean                               25.8630 
_refine.solvent_model_param_bsol                 ? 
_refine.solvent_model_param_ksol                 ? 
_refine.pdbx_isotropic_thermal_model             ? 
_refine.aniso_B[1][1]                            0.0100 
_refine.aniso_B[2][2]                            0.0100 
_refine.aniso_B[3][3]                            -0.0300 
_refine.aniso_B[1][2]                            0.0000 
_refine.aniso_B[1][3]                            0.0000 
_refine.aniso_B[2][3]                            0.0000 
_refine.correlation_coeff_Fo_to_Fc               0.9410 
_refine.correlation_coeff_Fo_to_Fc_free          0.9140 
_refine.overall_SU_R_Cruickshank_DPI             0.1560 
_refine.overall_SU_R_free                        0.1479 
_refine.pdbx_overall_ESU_R                       0.1530 
_refine.pdbx_overall_ESU_R_Free                  0.1470 
_refine.overall_SU_ML                            0.0920 
_refine.overall_SU_B                             3.1770 
_refine.solvent_model_details                    MASK 
_refine.pdbx_solvent_vdw_probe_radii             1.4000 
_refine.pdbx_solvent_ion_probe_radii             0.8000 
_refine.pdbx_solvent_shrinkage_radii             0.8000 
_refine.ls_number_parameters                     ? 
_refine.ls_number_restraints                     ? 
_refine.pdbx_starting_model                      ? 
_refine.pdbx_method_to_determine_struct          'MOLECULAR REPLACEMENT' 
_refine.pdbx_stereochemistry_target_values       'MAXIMUM LIKELIHOOD' 
_refine.pdbx_stereochem_target_val_spec_case     ? 
_refine.overall_FOM_work_R_set                   0.8573 
_refine.B_iso_max                                59.190 
_refine.B_iso_min                                7.860 
_refine.pdbx_overall_phase_error                 ? 
_refine.occupancy_max                            1.000 
_refine.occupancy_min                            0.500 
_refine.pdbx_ls_sigma_I                          ? 
_refine.ls_redundancy_reflns_obs                 ? 
_refine.ls_R_factor_R_free_error_details         ? 
_refine.pdbx_data_cutoff_high_rms_absF           ? 
_refine.overall_FOM_free_R_set                   ? 
_refine.pdbx_diffrn_id                           1 
_refine.pdbx_refine_id                           'X-RAY DIFFRACTION' 
_refine.pdbx_TLS_residual_ADP_flag               ? 
_refine.pdbx_overall_SU_R_free_Cruickshank_DPI   ? 
_refine.pdbx_overall_SU_R_Blow_DPI               ? 
_refine.pdbx_overall_SU_R_free_Blow_DPI          ? 
# 
_refine_hist.pdbx_refine_id                   'X-RAY DIFFRACTION' 
_refine_hist.cycle_id                         LAST 
_refine_hist.pdbx_number_atoms_protein        1445 
_refine_hist.pdbx_number_atoms_nucleic_acid   0 
_refine_hist.pdbx_number_atoms_ligand         21 
_refine_hist.number_atoms_solvent             37 
_refine_hist.number_atoms_total               1503 
_refine_hist.d_res_high                       2.001 
_refine_hist.d_res_low                        60.868 
# 
loop_
_refine_ls_restr.type 
_refine_ls_restr.number 
_refine_ls_restr.dev_ideal 
_refine_ls_restr.dev_ideal_target 
_refine_ls_restr.weight 
_refine_ls_restr.pdbx_restraint_function 
_refine_ls_restr.pdbx_refine_id 
r_bond_refined_d       1496 0.027  0.022  ? ? 'X-RAY DIFFRACTION' 
r_angle_refined_deg    2037 1.874  1.963  ? ? 'X-RAY DIFFRACTION' 
r_dihedral_angle_1_deg 183  5.327  5.000  ? ? 'X-RAY DIFFRACTION' 
r_dihedral_angle_2_deg 68   36.743 23.235 ? ? 'X-RAY DIFFRACTION' 
r_dihedral_angle_3_deg 234  14.298 15.000 ? ? 'X-RAY DIFFRACTION' 
r_dihedral_angle_4_deg 13   19.389 15.000 ? ? 'X-RAY DIFFRACTION' 
r_chiral_restr         233  0.143  0.200  ? ? 'X-RAY DIFFRACTION' 
r_gen_planes_refined   1139 0.011  0.021  ? ? 'X-RAY DIFFRACTION' 
r_mcbond_it            921  1.235  1.500  ? ? 'X-RAY DIFFRACTION' 
r_mcangle_it           1478 2.131  2.000  ? ? 'X-RAY DIFFRACTION' 
r_scbond_it            575  3.510  3.000  ? ? 'X-RAY DIFFRACTION' 
r_scangle_it           559  5.551  4.500  ? ? 'X-RAY DIFFRACTION' 
# 
_refine_ls_shell.d_res_high                       2.001 
_refine_ls_shell.d_res_low                        2.053 
_refine_ls_shell.pdbx_total_number_of_bins_used   20 
_refine_ls_shell.percent_reflns_obs               100.0 
_refine_ls_shell.number_reflns_R_work             1159 
_refine_ls_shell.R_factor_all                     ? 
_refine_ls_shell.R_factor_R_work                  0.2260 
_refine_ls_shell.R_factor_R_free                  0.2660 
_refine_ls_shell.percent_reflns_R_free            ? 
_refine_ls_shell.number_reflns_R_free             65 
_refine_ls_shell.R_factor_R_free_error            ? 
_refine_ls_shell.number_reflns_all                1224 
_refine_ls_shell.number_reflns_obs                ? 
_refine_ls_shell.redundancy_reflns_obs            ? 
_refine_ls_shell.pdbx_refine_id                   'X-RAY DIFFRACTION' 
# 
_struct.entry_id                  4M3B 
_struct.title                     
;Rapid and efficient design of new inhibitors of Mycobacterium tuberculosis transcriptional repressor EthR using fragment growing, merging and linking approaches
;
_struct.pdbx_model_details        ? 
_struct.pdbx_CASP_flag            ? 
_struct.pdbx_model_type_details   ? 
# 
_struct_keywords.entry_id        4M3B 
_struct_keywords.pdbx_keywords   'TRANSCRIPTION REPRESSOR/INHIBITOR' 
_struct_keywords.text            
;helix-turn-helix DNA binding protein, TETR-family, transcriptional regulatory repressor, inhibitor, TRANSCRIPTION REPRESSOR-INHIBITOR complex
;
# 
loop_
_struct_asym.id 
_struct_asym.pdbx_blank_PDB_chainid_flag 
_struct_asym.pdbx_modified 
_struct_asym.entity_id 
_struct_asym.details 
A N N 1 ? 
B N N 2 ? 
C N N 3 ? 
# 
_struct_ref.id                         1 
_struct_ref.db_name                    UNP 
_struct_ref.db_code                    ETHR_MYCTU 
_struct_ref.pdbx_db_accession          P96222 
_struct_ref.entity_id                  1 
_struct_ref.pdbx_seq_one_letter_code   
;MTTSAASQASLPRGRRTARPSGDDRELAILATAENLLEDRPLADISVDDLAKGAGISRPTFYFYFPSKEAVLLTLLDRVV
NQADMALQTLAENPADTDRENMWRTGINVFFETFGSHKAVTRAGQAARATSVEVAELWSTFMQKWIAYTAAVIDAERDRG
AAPRTLPAHELATALNLMNERTLFASFAGEQPSVPEARVLDTLVHIWVTSIYGENR
;
_struct_ref.pdbx_align_begin           1 
_struct_ref.pdbx_db_isoform            ? 
# 
_struct_ref_seq.align_id                      1 
_struct_ref_seq.ref_id                        1 
_struct_ref_seq.pdbx_PDB_id_code              4M3B 
_struct_ref_seq.pdbx_strand_id                A 
_struct_ref_seq.seq_align_beg                 1 
_struct_ref_seq.pdbx_seq_align_beg_ins_code   ? 
_struct_ref_seq.seq_align_end                 216 
_struct_ref_seq.pdbx_seq_align_end_ins_code   ? 
_struct_ref_seq.pdbx_db_accession             P96222 
_struct_ref_seq.db_align_beg                  1 
_struct_ref_seq.pdbx_db_align_beg_ins_code    ? 
_struct_ref_seq.db_align_end                  216 
_struct_ref_seq.pdbx_db_align_end_ins_code    ? 
_struct_ref_seq.pdbx_auth_seq_align_beg       1 
_struct_ref_seq.pdbx_auth_seq_align_end       216 
# 
_pdbx_struct_assembly.id                   1 
_pdbx_struct_assembly.details              author_and_software_defined_assembly 
_pdbx_struct_assembly.method_details       PISA 
_pdbx_struct_assembly.oligomeric_details   dimeric 
_pdbx_struct_assembly.oligomeric_count     2 
# 
loop_
_pdbx_struct_assembly_prop.biol_id 
_pdbx_struct_assembly_prop.type 
_pdbx_struct_assembly_prop.value 
_pdbx_struct_assembly_prop.details 
1 'ABSA (A^2)' 2670  ? 
1 MORE         -18   ? 
1 'SSA (A^2)'  16590 ? 
# 
_pdbx_struct_assembly_gen.assembly_id       1 
_pdbx_struct_assembly_gen.oper_expression   1,2 
_pdbx_struct_assembly_gen.asym_id_list      A,B,C 
# 
loop_
_pdbx_struct_oper_list.id 
_pdbx_struct_oper_list.type 
_pdbx_struct_oper_list.name 
_pdbx_struct_oper_list.symmetry_operation 
_pdbx_struct_oper_list.matrix[1][1] 
_pdbx_struct_oper_list.matrix[1][2] 
_pdbx_struct_oper_list.matrix[1][3] 
_pdbx_struct_oper_list.vector[1] 
_pdbx_struct_oper_list.matrix[2][1] 
_pdbx_struct_oper_list.matrix[2][2] 
_pdbx_struct_oper_list.matrix[2][3] 
_pdbx_struct_oper_list.vector[2] 
_pdbx_struct_oper_list.matrix[3][1] 
_pdbx_struct_oper_list.matrix[3][2] 
_pdbx_struct_oper_list.matrix[3][3] 
_pdbx_struct_oper_list.vector[3] 
1 'identity operation'         1_555 x,y,z        1.0000000000  0.0000000000  0.0000000000  0.0000000000   0.0000000000  1.0000000000  0.0000000000 0.0000000000  0.0000000000  0.0000000000 1.0000000000 0.0000000000  
2 'crystal symmetry operation' 8_554 -y,-x,-z-1/2 -0.8219101645 -0.3143371015 -0.4750324917 -22.9540387626 -0.3143371015 -0.4451799393 0.8384551319 -7.1506224939 -0.4750324917 0.8384551319 0.2670901038 -3.8737877336 
# 
_struct_biol.id        1 
_struct_biol.details   ? 
# 
loop_
_struct_conf.conf_type_id 
_struct_conf.id 
_struct_conf.pdbx_PDB_helix_id 
_struct_conf.beg_label_comp_id 
_struct_conf.beg_label_asym_id 
_struct_conf.beg_label_seq_id 
_struct_conf.pdbx_beg_PDB_ins_code 
_struct_conf.end_label_comp_id 
_struct_conf.end_label_asym_id 
_struct_conf.end_label_seq_id 
_struct_conf.pdbx_end_PDB_ins_code 
_struct_conf.beg_auth_comp_id 
_struct_conf.beg_auth_asym_id 
_struct_conf.beg_auth_seq_id 
_struct_conf.end_auth_comp_id 
_struct_conf.end_auth_asym_id 
_struct_conf.end_auth_seq_id 
_struct_conf.pdbx_PDB_helix_class 
_struct_conf.details 
_struct_conf.pdbx_PDB_helix_length 
HELX_P HELX_P1  1  ARG A 25  ? GLU A 38  ? ARG A 25  GLU A 38  1 ? 14 
HELX_P HELX_P2  2  PRO A 41  ? ILE A 45  ? PRO A 41  ILE A 45  5 ? 5  
HELX_P HELX_P3  3  SER A 46  ? GLY A 55  ? SER A 46  GLY A 55  1 ? 10 
HELX_P HELX_P4  4  SER A 57  ? PHE A 65  ? SER A 57  PHE A 65  1 ? 9  
HELX_P HELX_P5  5  SER A 67  ? GLU A 92  ? SER A 67  GLU A 92  1 ? 26 
HELX_P HELX_P6  6  ARG A 99  ? SER A 116 ? ARG A 99  SER A 116 1 ? 18 
HELX_P HELX_P7  7  HIS A 117 ? ARG A 128 ? HIS A 117 ARG A 128 1 ? 12 
HELX_P HELX_P8  8  SER A 131 ? ARG A 159 ? SER A 131 ARG A 159 1 ? 29 
HELX_P HELX_P9  9  PRO A 167 ? ALA A 188 ? PRO A 167 ALA A 188 1 ? 22 
HELX_P HELX_P10 10 PRO A 195 ? GLY A 213 ? PRO A 195 GLY A 213 1 ? 19 
# 
_struct_conf_type.id          HELX_P 
_struct_conf_type.criteria    ? 
_struct_conf_type.reference   ? 
# 
_struct_mon_prot_cis.pdbx_id                1 
_struct_mon_prot_cis.label_comp_id          GLN 
_struct_mon_prot_cis.label_seq_id           191 
_struct_mon_prot_cis.label_asym_id          A 
_struct_mon_prot_cis.label_alt_id           . 
_struct_mon_prot_cis.pdbx_PDB_ins_code      ? 
_struct_mon_prot_cis.auth_comp_id           GLN 
_struct_mon_prot_cis.auth_seq_id            191 
_struct_mon_prot_cis.auth_asym_id           A 
_struct_mon_prot_cis.pdbx_label_comp_id_2   PRO 
_struct_mon_prot_cis.pdbx_label_seq_id_2    192 
_struct_mon_prot_cis.pdbx_label_asym_id_2   A 
_struct_mon_prot_cis.pdbx_PDB_ins_code_2    ? 
_struct_mon_prot_cis.pdbx_auth_comp_id_2    PRO 
_struct_mon_prot_cis.pdbx_auth_seq_id_2     192 
_struct_mon_prot_cis.pdbx_auth_asym_id_2    A 
_struct_mon_prot_cis.pdbx_PDB_model_num     1 
_struct_mon_prot_cis.pdbx_omega_angle       4.12 
# 
_struct_site.id                   AC1 
_struct_site.pdbx_evidence_code   Software 
_struct_site.pdbx_auth_asym_id    A 
_struct_site.pdbx_auth_comp_id    2B2 
_struct_site.pdbx_auth_seq_id     301 
_struct_site.pdbx_auth_ins_code   ? 
_struct_site.pdbx_num_residues    16 
_struct_site.details              'BINDING SITE FOR RESIDUE 2B2 A 301' 
# 
loop_
_struct_site_gen.id 
_struct_site_gen.site_id 
_struct_site_gen.pdbx_num_res 
_struct_site_gen.label_comp_id 
_struct_site_gen.label_asym_id 
_struct_site_gen.label_seq_id 
_struct_site_gen.pdbx_auth_ins_code 
_struct_site_gen.auth_comp_id 
_struct_site_gen.auth_asym_id 
_struct_site_gen.auth_seq_id 
_struct_site_gen.label_atom_id 
_struct_site_gen.label_alt_id 
_struct_site_gen.symmetry 
_struct_site_gen.details 
1  AC1 16 MET A 102 ? MET A 102 . ? 1_555 ? 
2  AC1 16 TRP A 103 ? TRP A 103 . ? 1_555 ? 
3  AC1 16 GLY A 106 ? GLY A 106 . ? 1_555 ? 
4  AC1 16 ILE A 107 ? ILE A 107 . ? 1_555 ? 
5  AC1 16 PHE A 110 ? PHE A 110 . ? 1_555 ? 
6  AC1 16 PHE A 114 ? PHE A 114 . ? 1_555 ? 
7  AC1 16 TRP A 138 ? TRP A 138 . ? 1_555 ? 
8  AC1 16 MET A 142 ? MET A 142 . ? 1_555 ? 
9  AC1 16 TYR A 148 ? TYR A 148 . ? 1_555 ? 
10 AC1 16 THR A 149 ? THR A 149 . ? 1_555 ? 
11 AC1 16 ASN A 176 ? ASN A 176 . ? 1_555 ? 
12 AC1 16 ASN A 179 ? ASN A 179 . ? 1_555 ? 
13 AC1 16 GLU A 180 ? GLU A 180 . ? 1_555 ? 
14 AC1 16 LEU A 183 ? LEU A 183 . ? 1_555 ? 
15 AC1 16 PHE A 184 ? PHE A 184 . ? 1_555 ? 
16 AC1 16 TRP A 207 ? TRP A 207 . ? 1_555 ? 
# 
loop_
_pdbx_validate_rmsd_bond.id 
_pdbx_validate_rmsd_bond.PDB_model_num 
_pdbx_validate_rmsd_bond.auth_atom_id_1 
_pdbx_validate_rmsd_bond.auth_asym_id_1 
_pdbx_validate_rmsd_bond.auth_comp_id_1 
_pdbx_validate_rmsd_bond.auth_seq_id_1 
_pdbx_validate_rmsd_bond.PDB_ins_code_1 
_pdbx_validate_rmsd_bond.label_alt_id_1 
_pdbx_validate_rmsd_bond.auth_atom_id_2 
_pdbx_validate_rmsd_bond.auth_asym_id_2 
_pdbx_validate_rmsd_bond.auth_comp_id_2 
_pdbx_validate_rmsd_bond.auth_seq_id_2 
_pdbx_validate_rmsd_bond.PDB_ins_code_2 
_pdbx_validate_rmsd_bond.label_alt_id_2 
_pdbx_validate_rmsd_bond.bond_value 
_pdbx_validate_rmsd_bond.bond_target_value 
_pdbx_validate_rmsd_bond.bond_deviation 
_pdbx_validate_rmsd_bond.bond_standard_deviation 
_pdbx_validate_rmsd_bond.linker_flag 
1 1 CB A ARG 181 ? ? CG A ARG 181 ? ? 1.819 1.521 0.298  0.027 N 
2 1 CG A ARG 181 ? ? CD A ARG 181 ? ? 1.356 1.515 -0.159 0.025 N 
# 
_pdbx_validate_rmsd_angle.id                         1 
_pdbx_validate_rmsd_angle.PDB_model_num              1 
_pdbx_validate_rmsd_angle.auth_atom_id_1             CG 
_pdbx_validate_rmsd_angle.auth_asym_id_1             A 
_pdbx_validate_rmsd_angle.auth_comp_id_1             ARG 
_pdbx_validate_rmsd_angle.auth_seq_id_1              181 
_pdbx_validate_rmsd_angle.PDB_ins_code_1             ? 
_pdbx_validate_rmsd_angle.label_alt_id_1             ? 
_pdbx_validate_rmsd_angle.auth_atom_id_2             CD 
_pdbx_validate_rmsd_angle.auth_asym_id_2             A 
_pdbx_validate_rmsd_angle.auth_comp_id_2             ARG 
_pdbx_validate_rmsd_angle.auth_seq_id_2              181 
_pdbx_validate_rmsd_angle.PDB_ins_code_2             ? 
_pdbx_validate_rmsd_angle.label_alt_id_2             ? 
_pdbx_validate_rmsd_angle.auth_atom_id_3             NE 
_pdbx_validate_rmsd_angle.auth_asym_id_3             A 
_pdbx_validate_rmsd_angle.auth_comp_id_3             ARG 
_pdbx_validate_rmsd_angle.auth_seq_id_3              181 
_pdbx_validate_rmsd_angle.PDB_ins_code_3             ? 
_pdbx_validate_rmsd_angle.label_alt_id_3             ? 
_pdbx_validate_rmsd_angle.angle_value                86.77 
_pdbx_validate_rmsd_angle.angle_target_value         111.80 
_pdbx_validate_rmsd_angle.angle_deviation            -25.03 
_pdbx_validate_rmsd_angle.angle_standard_deviation   2.10 
_pdbx_validate_rmsd_angle.linker_flag                N 
# 
_pdbx_validate_torsion.id              1 
_pdbx_validate_torsion.PDB_model_num   1 
_pdbx_validate_torsion.auth_comp_id    THR 
_pdbx_validate_torsion.auth_asym_id    A 
_pdbx_validate_torsion.auth_seq_id     165 
_pdbx_validate_torsion.PDB_ins_code    ? 
_pdbx_validate_torsion.label_alt_id    ? 
_pdbx_validate_torsion.phi             -101.67 
_pdbx_validate_torsion.psi             -109.55 
# 
_pdbx_phasing_MR.entry_id                     4M3B 
_pdbx_phasing_MR.method_rotation              ? 
_pdbx_phasing_MR.method_translation           ? 
_pdbx_phasing_MR.model_details                ? 
_pdbx_phasing_MR.R_factor                     ? 
_pdbx_phasing_MR.R_rigid_body                 ? 
_pdbx_phasing_MR.correlation_coeff_Fo_to_Fc   ? 
_pdbx_phasing_MR.correlation_coeff_Io_to_Ic   ? 
_pdbx_phasing_MR.d_res_high_rotation          2.260 
_pdbx_phasing_MR.d_res_low_rotation           60.870 
_pdbx_phasing_MR.d_res_high_translation       2.260 
_pdbx_phasing_MR.d_res_low_translation        60.870 
_pdbx_phasing_MR.packing                      ? 
_pdbx_phasing_MR.reflns_percent_rotation      ? 
_pdbx_phasing_MR.reflns_percent_translation   ? 
_pdbx_phasing_MR.sigma_F_rotation             ? 
_pdbx_phasing_MR.sigma_F_translation          ? 
_pdbx_phasing_MR.sigma_I_rotation             ? 
_pdbx_phasing_MR.sigma_I_translation          ? 
# 
_phasing.method   MR 
# 
loop_
_pdbx_unobs_or_zero_occ_residues.id 
_pdbx_unobs_or_zero_occ_residues.PDB_model_num 
_pdbx_unobs_or_zero_occ_residues.polymer_flag 
_pdbx_unobs_or_zero_occ_residues.occupancy_flag 
_pdbx_unobs_or_zero_occ_residues.auth_asym_id 
_pdbx_unobs_or_zero_occ_residues.auth_comp_id 
_pdbx_unobs_or_zero_occ_residues.auth_seq_id 
_pdbx_unobs_or_zero_occ_residues.PDB_ins_code 
_pdbx_unobs_or_zero_occ_residues.label_asym_id 
_pdbx_unobs_or_zero_occ_residues.label_comp_id 
_pdbx_unobs_or_zero_occ_residues.label_seq_id 
1  1 Y 1 A MET 1   ? A MET 1   
2  1 Y 1 A THR 2   ? A THR 2   
3  1 Y 1 A THR 3   ? A THR 3   
4  1 Y 1 A SER 4   ? A SER 4   
5  1 Y 1 A ALA 5   ? A ALA 5   
6  1 Y 1 A ALA 6   ? A ALA 6   
7  1 Y 1 A SER 7   ? A SER 7   
8  1 Y 1 A GLN 8   ? A GLN 8   
9  1 Y 1 A ALA 9   ? A ALA 9   
10 1 Y 1 A SER 10  ? A SER 10  
11 1 Y 1 A LEU 11  ? A LEU 11  
12 1 Y 1 A PRO 12  ? A PRO 12  
13 1 Y 1 A ARG 13  ? A ARG 13  
14 1 Y 1 A GLY 14  ? A GLY 14  
15 1 Y 1 A ARG 15  ? A ARG 15  
16 1 Y 1 A ARG 16  ? A ARG 16  
17 1 Y 1 A THR 17  ? A THR 17  
18 1 Y 1 A ALA 18  ? A ALA 18  
19 1 Y 1 A ARG 19  ? A ARG 19  
20 1 Y 1 A PRO 20  ? A PRO 20  
21 1 Y 1 A SER 21  ? A SER 21  
22 1 Y 1 A GLY 22  ? A GLY 22  
23 1 Y 1 A ASP 23  ? A ASP 23  
24 1 Y 1 A ASP 24  ? A ASP 24  
25 1 Y 1 A ASN 93  ? A ASN 93  
26 1 Y 1 A PRO 94  ? A PRO 94  
27 1 Y 1 A ALA 95  ? A ALA 95  
28 1 Y 1 A ASP 96  ? A ASP 96  
29 1 Y 1 A THR 97  ? A THR 97  
30 1 Y 1 A ASN 215 ? A ASN 215 
31 1 Y 1 A ARG 216 ? A ARG 216 
# 
loop_
_chem_comp_atom.comp_id 
_chem_comp_atom.atom_id 
_chem_comp_atom.type_symbol 
_chem_comp_atom.pdbx_aromatic_flag 
_chem_comp_atom.pdbx_stereo_config 
_chem_comp_atom.pdbx_ordinal 
2B2 F3   F N N 1   
2B2 C14  C N N 2   
2B2 F1   F N N 3   
2B2 F2   F N N 4   
2B2 C13  C N N 5   
2B2 C12  C N N 6   
2B2 N2   N N N 7   
2B2 C11  C N N 8   
2B2 O    O N N 9   
2B2 C8   C Y N 10  
2B2 C7   C Y N 11  
2B2 C6   C Y N 12  
2B2 C9   C Y N 13  
2B2 C10  C Y N 14  
2B2 C5   C Y N 15  
2B2 C3   C Y N 16  
2B2 N1   N Y N 17  
2B2 C4   C Y N 18  
2B2 S    S Y N 19  
2B2 C2   C Y N 20  
2B2 C1   C N N 21  
2B2 H1   H N N 22  
2B2 H2   H N N 23  
2B2 H3   H N N 24  
2B2 H4   H N N 25  
2B2 H5   H N N 26  
2B2 H6   H N N 27  
2B2 H7   H N N 28  
2B2 H8   H N N 29  
2B2 H9   H N N 30  
2B2 H10  H N N 31  
2B2 H11  H N N 32  
2B2 H12  H N N 33  
2B2 H13  H N N 34  
ALA N    N N N 35  
ALA CA   C N S 36  
ALA C    C N N 37  
ALA O    O N N 38  
ALA CB   C N N 39  
ALA OXT  O N N 40  
ALA H    H N N 41  
ALA H2   H N N 42  
ALA HA   H N N 43  
ALA HB1  H N N 44  
ALA HB2  H N N 45  
ALA HB3  H N N 46  
ALA HXT  H N N 47  
ARG N    N N N 48  
ARG CA   C N S 49  
ARG C    C N N 50  
ARG O    O N N 51  
ARG CB   C N N 52  
ARG CG   C N N 53  
ARG CD   C N N 54  
ARG NE   N N N 55  
ARG CZ   C N N 56  
ARG NH1  N N N 57  
ARG NH2  N N N 58  
ARG OXT  O N N 59  
ARG H    H N N 60  
ARG H2   H N N 61  
ARG HA   H N N 62  
ARG HB2  H N N 63  
ARG HB3  H N N 64  
ARG HG2  H N N 65  
ARG HG3  H N N 66  
ARG HD2  H N N 67  
ARG HD3  H N N 68  
ARG HE   H N N 69  
ARG HH11 H N N 70  
ARG HH12 H N N 71  
ARG HH21 H N N 72  
ARG HH22 H N N 73  
ARG HXT  H N N 74  
ASN N    N N N 75  
ASN CA   C N S 76  
ASN C    C N N 77  
ASN O    O N N 78  
ASN CB   C N N 79  
ASN CG   C N N 80  
ASN OD1  O N N 81  
ASN ND2  N N N 82  
ASN OXT  O N N 83  
ASN H    H N N 84  
ASN H2   H N N 85  
ASN HA   H N N 86  
ASN HB2  H N N 87  
ASN HB3  H N N 88  
ASN HD21 H N N 89  
ASN HD22 H N N 90  
ASN HXT  H N N 91  
ASP N    N N N 92  
ASP CA   C N S 93  
ASP C    C N N 94  
ASP O    O N N 95  
ASP CB   C N N 96  
ASP CG   C N N 97  
ASP OD1  O N N 98  
ASP OD2  O N N 99  
ASP OXT  O N N 100 
ASP H    H N N 101 
ASP H2   H N N 102 
ASP HA   H N N 103 
ASP HB2  H N N 104 
ASP HB3  H N N 105 
ASP HD2  H N N 106 
ASP HXT  H N N 107 
GLN N    N N N 108 
GLN CA   C N S 109 
GLN C    C N N 110 
GLN O    O N N 111 
GLN CB   C N N 112 
GLN CG   C N N 113 
GLN CD   C N N 114 
GLN OE1  O N N 115 
GLN NE2  N N N 116 
GLN OXT  O N N 117 
GLN H    H N N 118 
GLN H2   H N N 119 
GLN HA   H N N 120 
GLN HB2  H N N 121 
GLN HB3  H N N 122 
GLN HG2  H N N 123 
GLN HG3  H N N 124 
GLN HE21 H N N 125 
GLN HE22 H N N 126 
GLN HXT  H N N 127 
GLU N    N N N 128 
GLU CA   C N S 129 
GLU C    C N N 130 
GLU O    O N N 131 
GLU CB   C N N 132 
GLU CG   C N N 133 
GLU CD   C N N 134 
GLU OE1  O N N 135 
GLU OE2  O N N 136 
GLU OXT  O N N 137 
GLU H    H N N 138 
GLU H2   H N N 139 
GLU HA   H N N 140 
GLU HB2  H N N 141 
GLU HB3  H N N 142 
GLU HG2  H N N 143 
GLU HG3  H N N 144 
GLU HE2  H N N 145 
GLU HXT  H N N 146 
GLY N    N N N 147 
GLY CA   C N N 148 
GLY C    C N N 149 
GLY O    O N N 150 
GLY OXT  O N N 151 
GLY H    H N N 152 
GLY H2   H N N 153 
GLY HA2  H N N 154 
GLY HA3  H N N 155 
GLY HXT  H N N 156 
HIS N    N N N 157 
HIS CA   C N S 158 
HIS C    C N N 159 
HIS O    O N N 160 
HIS CB   C N N 161 
HIS CG   C Y N 162 
HIS ND1  N Y N 163 
HIS CD2  C Y N 164 
HIS CE1  C Y N 165 
HIS NE2  N Y N 166 
HIS OXT  O N N 167 
HIS H    H N N 168 
HIS H2   H N N 169 
HIS HA   H N N 170 
HIS HB2  H N N 171 
HIS HB3  H N N 172 
HIS HD1  H N N 173 
HIS HD2  H N N 174 
HIS HE1  H N N 175 
HIS HE2  H N N 176 
HIS HXT  H N N 177 
HOH O    O N N 178 
HOH H1   H N N 179 
HOH H2   H N N 180 
ILE N    N N N 181 
ILE CA   C N S 182 
ILE C    C N N 183 
ILE O    O N N 184 
ILE CB   C N S 185 
ILE CG1  C N N 186 
ILE CG2  C N N 187 
ILE CD1  C N N 188 
ILE OXT  O N N 189 
ILE H    H N N 190 
ILE H2   H N N 191 
ILE HA   H N N 192 
ILE HB   H N N 193 
ILE HG12 H N N 194 
ILE HG13 H N N 195 
ILE HG21 H N N 196 
ILE HG22 H N N 197 
ILE HG23 H N N 198 
ILE HD11 H N N 199 
ILE HD12 H N N 200 
ILE HD13 H N N 201 
ILE HXT  H N N 202 
LEU N    N N N 203 
LEU CA   C N S 204 
LEU C    C N N 205 
LEU O    O N N 206 
LEU CB   C N N 207 
LEU CG   C N N 208 
LEU CD1  C N N 209 
LEU CD2  C N N 210 
LEU OXT  O N N 211 
LEU H    H N N 212 
LEU H2   H N N 213 
LEU HA   H N N 214 
LEU HB2  H N N 215 
LEU HB3  H N N 216 
LEU HG   H N N 217 
LEU HD11 H N N 218 
LEU HD12 H N N 219 
LEU HD13 H N N 220 
LEU HD21 H N N 221 
LEU HD22 H N N 222 
LEU HD23 H N N 223 
LEU HXT  H N N 224 
LYS N    N N N 225 
LYS CA   C N S 226 
LYS C    C N N 227 
LYS O    O N N 228 
LYS CB   C N N 229 
LYS CG   C N N 230 
LYS CD   C N N 231 
LYS CE   C N N 232 
LYS NZ   N N N 233 
LYS OXT  O N N 234 
LYS H    H N N 235 
LYS H2   H N N 236 
LYS HA   H N N 237 
LYS HB2  H N N 238 
LYS HB3  H N N 239 
LYS HG2  H N N 240 
LYS HG3  H N N 241 
LYS HD2  H N N 242 
LYS HD3  H N N 243 
LYS HE2  H N N 244 
LYS HE3  H N N 245 
LYS HZ1  H N N 246 
LYS HZ2  H N N 247 
LYS HZ3  H N N 248 
LYS HXT  H N N 249 
MET N    N N N 250 
MET CA   C N S 251 
MET C    C N N 252 
MET O    O N N 253 
MET CB   C N N 254 
MET CG   C N N 255 
MET SD   S N N 256 
MET CE   C N N 257 
MET OXT  O N N 258 
MET H    H N N 259 
MET H2   H N N 260 
MET HA   H N N 261 
MET HB2  H N N 262 
MET HB3  H N N 263 
MET HG2  H N N 264 
MET HG3  H N N 265 
MET HE1  H N N 266 
MET HE2  H N N 267 
MET HE3  H N N 268 
MET HXT  H N N 269 
PHE N    N N N 270 
PHE CA   C N S 271 
PHE C    C N N 272 
PHE O    O N N 273 
PHE CB   C N N 274 
PHE CG   C Y N 275 
PHE CD1  C Y N 276 
PHE CD2  C Y N 277 
PHE CE1  C Y N 278 
PHE CE2  C Y N 279 
PHE CZ   C Y N 280 
PHE OXT  O N N 281 
PHE H    H N N 282 
PHE H2   H N N 283 
PHE HA   H N N 284 
PHE HB2  H N N 285 
PHE HB3  H N N 286 
PHE HD1  H N N 287 
PHE HD2  H N N 288 
PHE HE1  H N N 289 
PHE HE2  H N N 290 
PHE HZ   H N N 291 
PHE HXT  H N N 292 
PRO N    N N N 293 
PRO CA   C N S 294 
PRO C    C N N 295 
PRO O    O N N 296 
PRO CB   C N N 297 
PRO CG   C N N 298 
PRO CD   C N N 299 
PRO OXT  O N N 300 
PRO H    H N N 301 
PRO HA   H N N 302 
PRO HB2  H N N 303 
PRO HB3  H N N 304 
PRO HG2  H N N 305 
PRO HG3  H N N 306 
PRO HD2  H N N 307 
PRO HD3  H N N 308 
PRO HXT  H N N 309 
SER N    N N N 310 
SER CA   C N S 311 
SER C    C N N 312 
SER O    O N N 313 
SER CB   C N N 314 
SER OG   O N N 315 
SER OXT  O N N 316 
SER H    H N N 317 
SER H2   H N N 318 
SER HA   H N N 319 
SER HB2  H N N 320 
SER HB3  H N N 321 
SER HG   H N N 322 
SER HXT  H N N 323 
THR N    N N N 324 
THR CA   C N S 325 
THR C    C N N 326 
THR O    O N N 327 
THR CB   C N R 328 
THR OG1  O N N 329 
THR CG2  C N N 330 
THR OXT  O N N 331 
THR H    H N N 332 
THR H2   H N N 333 
THR HA   H N N 334 
THR HB   H N N 335 
THR HG1  H N N 336 
THR HG21 H N N 337 
THR HG22 H N N 338 
THR HG23 H N N 339 
THR HXT  H N N 340 
TRP N    N N N 341 
TRP CA   C N S 342 
TRP C    C N N 343 
TRP O    O N N 344 
TRP CB   C N N 345 
TRP CG   C Y N 346 
TRP CD1  C Y N 347 
TRP CD2  C Y N 348 
TRP NE1  N Y N 349 
TRP CE2  C Y N 350 
TRP CE3  C Y N 351 
TRP CZ2  C Y N 352 
TRP CZ3  C Y N 353 
TRP CH2  C Y N 354 
TRP OXT  O N N 355 
TRP H    H N N 356 
TRP H2   H N N 357 
TRP HA   H N N 358 
TRP HB2  H N N 359 
TRP HB3  H N N 360 
TRP HD1  H N N 361 
TRP HE1  H N N 362 
TRP HE3  H N N 363 
TRP HZ2  H N N 364 
TRP HZ3  H N N 365 
TRP HH2  H N N 366 
TRP HXT  H N N 367 
TYR N    N N N 368 
TYR CA   C N S 369 
TYR C    C N N 370 
TYR O    O N N 371 
TYR CB   C N N 372 
TYR CG   C Y N 373 
TYR CD1  C Y N 374 
TYR CD2  C Y N 375 
TYR CE1  C Y N 376 
TYR CE2  C Y N 377 
TYR CZ   C Y N 378 
TYR OH   O N N 379 
TYR OXT  O N N 380 
TYR H    H N N 381 
TYR H2   H N N 382 
TYR HA   H N N 383 
TYR HB2  H N N 384 
TYR HB3  H N N 385 
TYR HD1  H N N 386 
TYR HD2  H N N 387 
TYR HE1  H N N 388 
TYR HE2  H N N 389 
TYR HH   H N N 390 
TYR HXT  H N N 391 
VAL N    N N N 392 
VAL CA   C N S 393 
VAL C    C N N 394 
VAL O    O N N 395 
VAL CB   C N N 396 
VAL CG1  C N N 397 
VAL CG2  C N N 398 
VAL OXT  O N N 399 
VAL H    H N N 400 
VAL H2   H N N 401 
VAL HA   H N N 402 
VAL HB   H N N 403 
VAL HG11 H N N 404 
VAL HG12 H N N 405 
VAL HG13 H N N 406 
VAL HG21 H N N 407 
VAL HG22 H N N 408 
VAL HG23 H N N 409 
VAL HXT  H N N 410 
# 
loop_
_chem_comp_bond.comp_id 
_chem_comp_bond.atom_id_1 
_chem_comp_bond.atom_id_2 
_chem_comp_bond.value_order 
_chem_comp_bond.pdbx_aromatic_flag 
_chem_comp_bond.pdbx_stereo_config 
_chem_comp_bond.pdbx_ordinal 
2B2 F1  C14  sing N N 1   
2B2 F3  C14  sing N N 2   
2B2 O   C11  doub N N 3   
2B2 C14 F2   sing N N 4   
2B2 C14 C13  sing N N 5   
2B2 C9  C10  doub Y N 6   
2B2 C9  C8   sing Y N 7   
2B2 C13 C12  sing N N 8   
2B2 C11 C8   sing N N 9   
2B2 C11 N2   sing N N 10  
2B2 C12 N2   sing N N 11  
2B2 C10 C5   sing Y N 12  
2B2 C8  C7   doub Y N 13  
2B2 C1  C2   sing N N 14  
2B2 N1  C2   doub Y N 15  
2B2 N1  C3   sing Y N 16  
2B2 C5  C3   sing N N 17  
2B2 C5  C6   doub Y N 18  
2B2 C2  S    sing Y N 19  
2B2 C7  C6   sing Y N 20  
2B2 C3  C4   doub Y N 21  
2B2 C4  S    sing Y N 22  
2B2 C13 H1   sing N N 23  
2B2 C13 H2   sing N N 24  
2B2 C12 H3   sing N N 25  
2B2 C12 H4   sing N N 26  
2B2 N2  H5   sing N N 27  
2B2 C7  H6   sing N N 28  
2B2 C6  H7   sing N N 29  
2B2 C9  H8   sing N N 30  
2B2 C10 H9   sing N N 31  
2B2 C4  H10  sing N N 32  
2B2 C1  H11  sing N N 33  
2B2 C1  H12  sing N N 34  
2B2 C1  H13  sing N N 35  
ALA N   CA   sing N N 36  
ALA N   H    sing N N 37  
ALA N   H2   sing N N 38  
ALA CA  C    sing N N 39  
ALA CA  CB   sing N N 40  
ALA CA  HA   sing N N 41  
ALA C   O    doub N N 42  
ALA C   OXT  sing N N 43  
ALA CB  HB1  sing N N 44  
ALA CB  HB2  sing N N 45  
ALA CB  HB3  sing N N 46  
ALA OXT HXT  sing N N 47  
ARG N   CA   sing N N 48  
ARG N   H    sing N N 49  
ARG N   H2   sing N N 50  
ARG CA  C    sing N N 51  
ARG CA  CB   sing N N 52  
ARG CA  HA   sing N N 53  
ARG C   O    doub N N 54  
ARG C   OXT  sing N N 55  
ARG CB  CG   sing N N 56  
ARG CB  HB2  sing N N 57  
ARG CB  HB3  sing N N 58  
ARG CG  CD   sing N N 59  
ARG CG  HG2  sing N N 60  
ARG CG  HG3  sing N N 61  
ARG CD  NE   sing N N 62  
ARG CD  HD2  sing N N 63  
ARG CD  HD3  sing N N 64  
ARG NE  CZ   sing N N 65  
ARG NE  HE   sing N N 66  
ARG CZ  NH1  sing N N 67  
ARG CZ  NH2  doub N N 68  
ARG NH1 HH11 sing N N 69  
ARG NH1 HH12 sing N N 70  
ARG NH2 HH21 sing N N 71  
ARG NH2 HH22 sing N N 72  
ARG OXT HXT  sing N N 73  
ASN N   CA   sing N N 74  
ASN N   H    sing N N 75  
ASN N   H2   sing N N 76  
ASN CA  C    sing N N 77  
ASN CA  CB   sing N N 78  
ASN CA  HA   sing N N 79  
ASN C   O    doub N N 80  
ASN C   OXT  sing N N 81  
ASN CB  CG   sing N N 82  
ASN CB  HB2  sing N N 83  
ASN CB  HB3  sing N N 84  
ASN CG  OD1  doub N N 85  
ASN CG  ND2  sing N N 86  
ASN ND2 HD21 sing N N 87  
ASN ND2 HD22 sing N N 88  
ASN OXT HXT  sing N N 89  
ASP N   CA   sing N N 90  
ASP N   H    sing N N 91  
ASP N   H2   sing N N 92  
ASP CA  C    sing N N 93  
ASP CA  CB   sing N N 94  
ASP CA  HA   sing N N 95  
ASP C   O    doub N N 96  
ASP C   OXT  sing N N 97  
ASP CB  CG   sing N N 98  
ASP CB  HB2  sing N N 99  
ASP CB  HB3  sing N N 100 
ASP CG  OD1  doub N N 101 
ASP CG  OD2  sing N N 102 
ASP OD2 HD2  sing N N 103 
ASP OXT HXT  sing N N 104 
GLN N   CA   sing N N 105 
GLN N   H    sing N N 106 
GLN N   H2   sing N N 107 
GLN CA  C    sing N N 108 
GLN CA  CB   sing N N 109 
GLN CA  HA   sing N N 110 
GLN C   O    doub N N 111 
GLN C   OXT  sing N N 112 
GLN CB  CG   sing N N 113 
GLN CB  HB2  sing N N 114 
GLN CB  HB3  sing N N 115 
GLN CG  CD   sing N N 116 
GLN CG  HG2  sing N N 117 
GLN CG  HG3  sing N N 118 
GLN CD  OE1  doub N N 119 
GLN CD  NE2  sing N N 120 
GLN NE2 HE21 sing N N 121 
GLN NE2 HE22 sing N N 122 
GLN OXT HXT  sing N N 123 
GLU N   CA   sing N N 124 
GLU N   H    sing N N 125 
GLU N   H2   sing N N 126 
GLU CA  C    sing N N 127 
GLU CA  CB   sing N N 128 
GLU CA  HA   sing N N 129 
GLU C   O    doub N N 130 
GLU C   OXT  sing N N 131 
GLU CB  CG   sing N N 132 
GLU CB  HB2  sing N N 133 
GLU CB  HB3  sing N N 134 
GLU CG  CD   sing N N 135 
GLU CG  HG2  sing N N 136 
GLU CG  HG3  sing N N 137 
GLU CD  OE1  doub N N 138 
GLU CD  OE2  sing N N 139 
GLU OE2 HE2  sing N N 140 
GLU OXT HXT  sing N N 141 
GLY N   CA   sing N N 142 
GLY N   H    sing N N 143 
GLY N   H2   sing N N 144 
GLY CA  C    sing N N 145 
GLY CA  HA2  sing N N 146 
GLY CA  HA3  sing N N 147 
GLY C   O    doub N N 148 
GLY C   OXT  sing N N 149 
GLY OXT HXT  sing N N 150 
HIS N   CA   sing N N 151 
HIS N   H    sing N N 152 
HIS N   H2   sing N N 153 
HIS CA  C    sing N N 154 
HIS CA  CB   sing N N 155 
HIS CA  HA   sing N N 156 
HIS C   O    doub N N 157 
HIS C   OXT  sing N N 158 
HIS CB  CG   sing N N 159 
HIS CB  HB2  sing N N 160 
HIS CB  HB3  sing N N 161 
HIS CG  ND1  sing Y N 162 
HIS CG  CD2  doub Y N 163 
HIS ND1 CE1  doub Y N 164 
HIS ND1 HD1  sing N N 165 
HIS CD2 NE2  sing Y N 166 
HIS CD2 HD2  sing N N 167 
HIS CE1 NE2  sing Y N 168 
HIS CE1 HE1  sing N N 169 
HIS NE2 HE2  sing N N 170 
HIS OXT HXT  sing N N 171 
HOH O   H1   sing N N 172 
HOH O   H2   sing N N 173 
ILE N   CA   sing N N 174 
ILE N   H    sing N N 175 
ILE N   H2   sing N N 176 
ILE CA  C    sing N N 177 
ILE CA  CB   sing N N 178 
ILE CA  HA   sing N N 179 
ILE C   O    doub N N 180 
ILE C   OXT  sing N N 181 
ILE CB  CG1  sing N N 182 
ILE CB  CG2  sing N N 183 
ILE CB  HB   sing N N 184 
ILE CG1 CD1  sing N N 185 
ILE CG1 HG12 sing N N 186 
ILE CG1 HG13 sing N N 187 
ILE CG2 HG21 sing N N 188 
ILE CG2 HG22 sing N N 189 
ILE CG2 HG23 sing N N 190 
ILE CD1 HD11 sing N N 191 
ILE CD1 HD12 sing N N 192 
ILE CD1 HD13 sing N N 193 
ILE OXT HXT  sing N N 194 
LEU N   CA   sing N N 195 
LEU N   H    sing N N 196 
LEU N   H2   sing N N 197 
LEU CA  C    sing N N 198 
LEU CA  CB   sing N N 199 
LEU CA  HA   sing N N 200 
LEU C   O    doub N N 201 
LEU C   OXT  sing N N 202 
LEU CB  CG   sing N N 203 
LEU CB  HB2  sing N N 204 
LEU CB  HB3  sing N N 205 
LEU CG  CD1  sing N N 206 
LEU CG  CD2  sing N N 207 
LEU CG  HG   sing N N 208 
LEU CD1 HD11 sing N N 209 
LEU CD1 HD12 sing N N 210 
LEU CD1 HD13 sing N N 211 
LEU CD2 HD21 sing N N 212 
LEU CD2 HD22 sing N N 213 
LEU CD2 HD23 sing N N 214 
LEU OXT HXT  sing N N 215 
LYS N   CA   sing N N 216 
LYS N   H    sing N N 217 
LYS N   H2   sing N N 218 
LYS CA  C    sing N N 219 
LYS CA  CB   sing N N 220 
LYS CA  HA   sing N N 221 
LYS C   O    doub N N 222 
LYS C   OXT  sing N N 223 
LYS CB  CG   sing N N 224 
LYS CB  HB2  sing N N 225 
LYS CB  HB3  sing N N 226 
LYS CG  CD   sing N N 227 
LYS CG  HG2  sing N N 228 
LYS CG  HG3  sing N N 229 
LYS CD  CE   sing N N 230 
LYS CD  HD2  sing N N 231 
LYS CD  HD3  sing N N 232 
LYS CE  NZ   sing N N 233 
LYS CE  HE2  sing N N 234 
LYS CE  HE3  sing N N 235 
LYS NZ  HZ1  sing N N 236 
LYS NZ  HZ2  sing N N 237 
LYS NZ  HZ3  sing N N 238 
LYS OXT HXT  sing N N 239 
MET N   CA   sing N N 240 
MET N   H    sing N N 241 
MET N   H2   sing N N 242 
MET CA  C    sing N N 243 
MET CA  CB   sing N N 244 
MET CA  HA   sing N N 245 
MET C   O    doub N N 246 
MET C   OXT  sing N N 247 
MET CB  CG   sing N N 248 
MET CB  HB2  sing N N 249 
MET CB  HB3  sing N N 250 
MET CG  SD   sing N N 251 
MET CG  HG2  sing N N 252 
MET CG  HG3  sing N N 253 
MET SD  CE   sing N N 254 
MET CE  HE1  sing N N 255 
MET CE  HE2  sing N N 256 
MET CE  HE3  sing N N 257 
MET OXT HXT  sing N N 258 
PHE N   CA   sing N N 259 
PHE N   H    sing N N 260 
PHE N   H2   sing N N 261 
PHE CA  C    sing N N 262 
PHE CA  CB   sing N N 263 
PHE CA  HA   sing N N 264 
PHE C   O    doub N N 265 
PHE C   OXT  sing N N 266 
PHE CB  CG   sing N N 267 
PHE CB  HB2  sing N N 268 
PHE CB  HB3  sing N N 269 
PHE CG  CD1  doub Y N 270 
PHE CG  CD2  sing Y N 271 
PHE CD1 CE1  sing Y N 272 
PHE CD1 HD1  sing N N 273 
PHE CD2 CE2  doub Y N 274 
PHE CD2 HD2  sing N N 275 
PHE CE1 CZ   doub Y N 276 
PHE CE1 HE1  sing N N 277 
PHE CE2 CZ   sing Y N 278 
PHE CE2 HE2  sing N N 279 
PHE CZ  HZ   sing N N 280 
PHE OXT HXT  sing N N 281 
PRO N   CA   sing N N 282 
PRO N   CD   sing N N 283 
PRO N   H    sing N N 284 
PRO CA  C    sing N N 285 
PRO CA  CB   sing N N 286 
PRO CA  HA   sing N N 287 
PRO C   O    doub N N 288 
PRO C   OXT  sing N N 289 
PRO CB  CG   sing N N 290 
PRO CB  HB2  sing N N 291 
PRO CB  HB3  sing N N 292 
PRO CG  CD   sing N N 293 
PRO CG  HG2  sing N N 294 
PRO CG  HG3  sing N N 295 
PRO CD  HD2  sing N N 296 
PRO CD  HD3  sing N N 297 
PRO OXT HXT  sing N N 298 
SER N   CA   sing N N 299 
SER N   H    sing N N 300 
SER N   H2   sing N N 301 
SER CA  C    sing N N 302 
SER CA  CB   sing N N 303 
SER CA  HA   sing N N 304 
SER C   O    doub N N 305 
SER C   OXT  sing N N 306 
SER CB  OG   sing N N 307 
SER CB  HB2  sing N N 308 
SER CB  HB3  sing N N 309 
SER OG  HG   sing N N 310 
SER OXT HXT  sing N N 311 
THR N   CA   sing N N 312 
THR N   H    sing N N 313 
THR N   H2   sing N N 314 
THR CA  C    sing N N 315 
THR CA  CB   sing N N 316 
THR CA  HA   sing N N 317 
THR C   O    doub N N 318 
THR C   OXT  sing N N 319 
THR CB  OG1  sing N N 320 
THR CB  CG2  sing N N 321 
THR CB  HB   sing N N 322 
THR OG1 HG1  sing N N 323 
THR CG2 HG21 sing N N 324 
THR CG2 HG22 sing N N 325 
THR CG2 HG23 sing N N 326 
THR OXT HXT  sing N N 327 
TRP N   CA   sing N N 328 
TRP N   H    sing N N 329 
TRP N   H2   sing N N 330 
TRP CA  C    sing N N 331 
TRP CA  CB   sing N N 332 
TRP CA  HA   sing N N 333 
TRP C   O    doub N N 334 
TRP C   OXT  sing N N 335 
TRP CB  CG   sing N N 336 
TRP CB  HB2  sing N N 337 
TRP CB  HB3  sing N N 338 
TRP CG  CD1  doub Y N 339 
TRP CG  CD2  sing Y N 340 
TRP CD1 NE1  sing Y N 341 
TRP CD1 HD1  sing N N 342 
TRP CD2 CE2  doub Y N 343 
TRP CD2 CE3  sing Y N 344 
TRP NE1 CE2  sing Y N 345 
TRP NE1 HE1  sing N N 346 
TRP CE2 CZ2  sing Y N 347 
TRP CE3 CZ3  doub Y N 348 
TRP CE3 HE3  sing N N 349 
TRP CZ2 CH2  doub Y N 350 
TRP CZ2 HZ2  sing N N 351 
TRP CZ3 CH2  sing Y N 352 
TRP CZ3 HZ3  sing N N 353 
TRP CH2 HH2  sing N N 354 
TRP OXT HXT  sing N N 355 
TYR N   CA   sing N N 356 
TYR N   H    sing N N 357 
TYR N   H2   sing N N 358 
TYR CA  C    sing N N 359 
TYR CA  CB   sing N N 360 
TYR CA  HA   sing N N 361 
TYR C   O    doub N N 362 
TYR C   OXT  sing N N 363 
TYR CB  CG   sing N N 364 
TYR CB  HB2  sing N N 365 
TYR CB  HB3  sing N N 366 
TYR CG  CD1  doub Y N 367 
TYR CG  CD2  sing Y N 368 
TYR CD1 CE1  sing Y N 369 
TYR CD1 HD1  sing N N 370 
TYR CD2 CE2  doub Y N 371 
TYR CD2 HD2  sing N N 372 
TYR CE1 CZ   doub Y N 373 
TYR CE1 HE1  sing N N 374 
TYR CE2 CZ   sing Y N 375 
TYR CE2 HE2  sing N N 376 
TYR CZ  OH   sing N N 377 
TYR OH  HH   sing N N 378 
TYR OXT HXT  sing N N 379 
VAL N   CA   sing N N 380 
VAL N   H    sing N N 381 
VAL N   H2   sing N N 382 
VAL CA  C    sing N N 383 
VAL CA  CB   sing N N 384 
VAL CA  HA   sing N N 385 
VAL C   O    doub N N 386 
VAL C   OXT  sing N N 387 
VAL CB  CG1  sing N N 388 
VAL CB  CG2  sing N N 389 
VAL CB  HB   sing N N 390 
VAL CG1 HG11 sing N N 391 
VAL CG1 HG12 sing N N 392 
VAL CG1 HG13 sing N N 393 
VAL CG2 HG21 sing N N 394 
VAL CG2 HG22 sing N N 395 
VAL CG2 HG23 sing N N 396 
VAL OXT HXT  sing N N 397 
# 
_atom_sites.entry_id                    4M3B 
_atom_sites.fract_transf_matrix[1][1]   0.00718580 
_atom_sites.fract_transf_matrix[1][2]   -0.00124469 
_atom_sites.fract_transf_matrix[1][3]   -0.00377952 
_atom_sites.fract_transf_matrix[2][1]   0.00371944 
_atom_sites.fract_transf_matrix[2][2]   0.00487361 
_atom_sites.fract_transf_matrix[2][3]   0.00546658 
_atom_sites.fract_transf_matrix[3][1]   0.00510665 
_atom_sites.fract_transf_matrix[3][2]   -0.02344983 
_atom_sites.fract_transf_matrix[3][3]   0.01743164 
_atom_sites.fract_transf_vector[1]      0.288699 
_atom_sites.fract_transf_vector[2]      -0.147297 
_atom_sites.fract_transf_vector[3]      -0.241467 
# 
loop_
_atom_type.symbol 
C 
F 
N 
O 
S 
# 
loop_
_atom_site.group_PDB 
_atom_site.id 
_atom_site.type_symbol 
_atom_site.label_atom_id 
_atom_site.label_alt_id 
_atom_site.label_comp_id 
_atom_site.label_asym_id 
_atom_site.label_entity_id 
_atom_site.label_seq_id 
_atom_site.pdbx_PDB_ins_code 
_atom_site.Cartn_x 
_atom_site.Cartn_y 
_atom_site.Cartn_z 
_atom_site.occupancy 
_atom_site.B_iso_or_equiv 
_atom_site.pdbx_formal_charge 
_atom_site.auth_seq_id 
_atom_site.auth_comp_id 
_atom_site.auth_asym_id 
_atom_site.auth_atom_id 
_atom_site.pdbx_PDB_model_num 
ATOM   1    N N   . ARG A 1 25  ? 22.151  -1.952  -12.841 1.00 38.75 ? 25  ARG A N   1 
ATOM   2    C CA  . ARG A 1 25  ? 21.400  -2.783  -13.803 1.00 39.64 ? 25  ARG A CA  1 
ATOM   3    C C   . ARG A 1 25  ? 20.099  -3.345  -13.191 1.00 38.20 ? 25  ARG A C   1 
ATOM   4    O O   . ARG A 1 25  ? 19.073  -3.284  -13.844 1.00 36.25 ? 25  ARG A O   1 
ATOM   5    C CB  . ARG A 1 25  ? 22.253  -3.895  -14.437 1.00 41.23 ? 25  ARG A CB  1 
ATOM   6    C CG  . ARG A 1 25  ? 23.377  -3.326  -15.321 1.00 45.50 ? 25  ARG A CG  1 
ATOM   7    C CD  . ARG A 1 25  ? 23.736  -4.255  -16.488 1.00 53.29 ? 25  ARG A CD  1 
ATOM   8    N NE  . ARG A 1 25  ? 24.775  -5.241  -16.157 1.00 57.13 ? 25  ARG A NE  1 
ATOM   9    C CZ  . ARG A 1 25  ? 25.431  -6.001  -17.042 1.00 59.19 ? 25  ARG A CZ  1 
ATOM   10   N NH1 . ARG A 1 25  ? 25.189  -5.921  -18.364 1.00 56.08 ? 25  ARG A NH1 1 
ATOM   11   N NH2 . ARG A 1 25  ? 26.344  -6.856  -16.589 1.00 59.08 ? 25  ARG A NH2 1 
ATOM   12   N N   . GLU A 1 26  ? 20.162  -3.884  -11.971 1.00 37.05 ? 26  GLU A N   1 
ATOM   13   C CA  . GLU A 1 26  ? 18.925  -4.266  -11.267 1.00 38.22 ? 26  GLU A CA  1 
ATOM   14   C C   . GLU A 1 26  ? 18.004  -3.038  -11.063 1.00 37.26 ? 26  GLU A C   1 
ATOM   15   O O   . GLU A 1 26  ? 16.834  -3.101  -11.396 1.00 35.62 ? 26  GLU A O   1 
ATOM   16   C CB  . GLU A 1 26  ? 19.210  -4.947  -9.943  1.00 38.17 ? 26  GLU A CB  1 
ATOM   17   C CG  . GLU A 1 26  ? 18.081  -5.867  -9.540  1.00 43.78 ? 26  GLU A CG  1 
ATOM   18   C CD  . GLU A 1 26  ? 18.406  -6.737  -8.335  1.00 49.93 ? 26  GLU A CD  1 
ATOM   19   O OE1 . GLU A 1 26  ? 18.518  -7.978  -8.517  1.00 53.40 ? 26  GLU A OE1 1 
ATOM   20   O OE2 . GLU A 1 26  ? 18.536  -6.186  -7.224  1.00 49.56 ? 26  GLU A OE2 1 
ATOM   21   N N   . LEU A 1 27  ? 18.584  -1.930  -10.579 1.00 36.63 ? 27  LEU A N   1 
ATOM   22   C CA  . LEU A 1 27  ? 17.895  -0.658  -10.384 1.00 36.62 ? 27  LEU A CA  1 
ATOM   23   C C   . LEU A 1 27  ? 17.298  -0.114  -11.673 1.00 35.02 ? 27  LEU A C   1 
ATOM   24   O O   . LEU A 1 27  ? 16.157  0.395   -11.657 1.00 33.09 ? 27  LEU A O   1 
ATOM   25   C CB  . LEU A 1 27  ? 18.810  0.396   -9.713  1.00 38.31 ? 27  LEU A CB  1 
ATOM   26   C CG  . LEU A 1 27  ? 19.277  0.134   -8.254  1.00 41.60 ? 27  LEU A CG  1 
ATOM   27   C CD1 . LEU A 1 27  ? 19.920  1.409   -7.612  1.00 44.26 ? 27  LEU A CD1 1 
ATOM   28   C CD2 . LEU A 1 27  ? 18.127  -0.407  -7.358  1.00 44.79 ? 27  LEU A CD2 1 
ATOM   29   N N   . ALA A 1 28  ? 18.049  -0.262  -12.782 1.00 33.58 ? 28  ALA A N   1 
ATOM   30   C CA  . ALA A 1 28  ? 17.640  0.206   -14.105 1.00 32.09 ? 28  ALA A CA  1 
ATOM   31   C C   . ALA A 1 28  ? 16.437  -0.576  -14.594 1.00 30.46 ? 28  ALA A C   1 
ATOM   32   O O   . ALA A 1 28  ? 15.525  -0.013  -15.205 1.00 31.63 ? 28  ALA A O   1 
ATOM   33   C CB  . ALA A 1 28  ? 18.825  0.070   -15.146 1.00 33.05 ? 28  ALA A CB  1 
ATOM   34   N N   . ILE A 1 29  ? 16.445  -1.883  -14.379 1.00 28.53 ? 29  ILE A N   1 
ATOM   35   C CA  . ILE A 1 29  ? 15.283  -2.715  -14.758 1.00 27.14 ? 29  ILE A CA  1 
ATOM   36   C C   . ILE A 1 29  ? 14.056  -2.244  -13.915 1.00 26.00 ? 29  ILE A C   1 
ATOM   37   O O   . ILE A 1 29  ? 12.981  -2.068  -14.433 1.00 25.20 ? 29  ILE A O   1 
ATOM   38   C CB  . ILE A 1 29  ? 15.559  -4.234  -14.467 1.00 27.18 ? 29  ILE A CB  1 
ATOM   39   C CG1 . ILE A 1 29  ? 16.541  -4.793  -15.513 1.00 28.36 ? 29  ILE A CG1 1 
ATOM   40   C CG2 . ILE A 1 29  ? 14.267  -5.066  -14.517 1.00 23.79 ? 29  ILE A CG2 1 
ATOM   41   C CD1 . ILE A 1 29  ? 17.316  -6.045  -15.064 1.00 28.37 ? 29  ILE A CD1 1 
ATOM   42   N N   . LEU A 1 30  ? 14.250  -2.097  -12.616 1.00 25.59 ? 30  LEU A N   1 
ATOM   43   C CA  . LEU A 1 30  ? 13.143  -1.661  -11.736 1.00 27.49 ? 30  LEU A CA  1 
ATOM   44   C C   . LEU A 1 30  ? 12.592  -0.285  -12.172 1.00 27.39 ? 30  LEU A C   1 
ATOM   45   O O   . LEU A 1 30  ? 11.380  -0.157  -12.389 1.00 27.49 ? 30  LEU A O   1 
ATOM   46   C CB  . LEU A 1 30  ? 13.574  -1.657  -10.275 1.00 26.82 ? 30  LEU A CB  1 
ATOM   47   C CG  . LEU A 1 30  ? 13.846  -3.052  -9.683  1.00 27.25 ? 30  LEU A CG  1 
ATOM   48   C CD1 . LEU A 1 30  ? 14.683  -2.902  -8.397  1.00 26.43 ? 30  LEU A CD1 1 
ATOM   49   C CD2 . LEU A 1 30  ? 12.553  -3.851  -9.421  1.00 27.16 ? 30  LEU A CD2 1 
ATOM   50   N N   . ALA A 1 31  ? 13.467  0.729   -12.314 1.00 28.11 ? 31  ALA A N   1 
ATOM   51   C CA  . ALA A 1 31  ? 13.020  2.069   -12.782 1.00 28.68 ? 31  ALA A CA  1 
ATOM   52   C C   . ALA A 1 31  ? 12.258  2.002   -14.112 1.00 29.07 ? 31  ALA A C   1 
ATOM   53   O O   . ALA A 1 31  ? 11.214  2.661   -14.317 1.00 28.10 ? 31  ALA A O   1 
ATOM   54   C CB  . ALA A 1 31  ? 14.204  3.032   -12.897 1.00 29.95 ? 31  ALA A CB  1 
ATOM   55   N N   . THR A 1 32  ? 12.764  1.175   -15.023 1.00 28.11 ? 32  THR A N   1 
ATOM   56   C CA  . THR A 1 32  ? 12.139  1.009   -16.327 1.00 27.99 ? 32  THR A CA  1 
ATOM   57   C C   . THR A 1 32  ? 10.762  0.400   -16.240 1.00 26.56 ? 32  THR A C   1 
ATOM   58   O O   . THR A 1 32  ? 9.849   0.863   -16.954 1.00 25.19 ? 32  THR A O   1 
ATOM   59   C CB  . THR A 1 32  ? 13.002  0.108   -17.265 1.00 28.67 ? 32  THR A CB  1 
ATOM   60   O OG1 . THR A 1 32  ? 14.304  0.689   -17.404 1.00 30.94 ? 32  THR A OG1 1 
ATOM   61   C CG2 . THR A 1 32  ? 12.349  -0.028  -18.615 1.00 28.97 ? 32  THR A CG2 1 
ATOM   62   N N   . ALA A 1 33  ? 10.615  -0.663  -15.429 1.00 25.46 ? 33  ALA A N   1 
ATOM   63   C CA  . ALA A 1 33  ? 9.286   -1.286  -15.248 1.00 25.91 ? 33  ALA A CA  1 
ATOM   64   C C   . ALA A 1 33  ? 8.326   -0.241  -14.584 1.00 25.98 ? 33  ALA A C   1 
ATOM   65   O O   . ALA A 1 33  ? 7.206   -0.098  -15.009 1.00 26.40 ? 33  ALA A O   1 
ATOM   66   C CB  . ALA A 1 33  ? 9.372   -2.553  -14.372 1.00 24.00 ? 33  ALA A CB  1 
ATOM   67   N N   . GLU A 1 34  ? 8.778   0.472   -13.558 1.00 27.29 ? 34  GLU A N   1 
ATOM   68   C CA  . GLU A 1 34  ? 7.893   1.496   -12.966 1.00 28.50 ? 34  GLU A CA  1 
ATOM   69   C C   . GLU A 1 34  ? 7.498   2.561   -14.026 1.00 30.05 ? 34  GLU A C   1 
ATOM   70   O O   . GLU A 1 34  ? 6.316   2.864   -14.182 1.00 28.49 ? 34  GLU A O   1 
ATOM   71   C CB  . GLU A 1 34  ? 8.485   2.134   -11.708 1.00 29.03 ? 34  GLU A CB  1 
ATOM   72   C CG  . GLU A 1 34  ? 7.423   3.100   -10.987 1.00 29.51 ? 34  GLU A CG  1 
ATOM   73   C CD  . GLU A 1 34  ? 7.763   3.403   -9.519  1.00 31.02 ? 34  GLU A CD  1 
ATOM   74   O OE1 . GLU A 1 34  ? 8.924   3.264   -9.116  1.00 33.22 ? 34  GLU A OE1 1 
ATOM   75   O OE2 . GLU A 1 34  ? 6.869   3.789   -8.752  1.00 30.43 ? 34  GLU A OE2 1 
ATOM   76   N N   . ASN A 1 35  ? 8.478   3.073   -14.771 1.00 31.57 ? 35  ASN A N   1 
ATOM   77   C CA  . ASN A 1 35  ? 8.175   4.000   -15.867 1.00 34.58 ? 35  ASN A CA  1 
ATOM   78   C C   . ASN A 1 35  ? 7.125   3.484   -16.810 1.00 34.47 ? 35  ASN A C   1 
ATOM   79   O O   . ASN A 1 35  ? 6.178   4.196   -17.100 1.00 35.45 ? 35  ASN A O   1 
ATOM   80   C CB  . ASN A 1 35  ? 9.425   4.440   -16.641 1.00 35.39 ? 35  ASN A CB  1 
ATOM   81   C CG  . ASN A 1 35  ? 10.339  5.298   -15.802 1.00 40.70 ? 35  ASN A CG  1 
ATOM   82   O OD1 . ASN A 1 35  ? 9.890   5.908   -14.830 1.00 44.67 ? 35  ASN A OD1 1 
ATOM   83   N ND2 . ASN A 1 35  ? 11.642  5.362   -16.173 1.00 45.37 ? 35  ASN A ND2 1 
ATOM   84   N N   . LEU A 1 36  ? 7.255   2.240   -17.266 1.00 34.57 ? 36  LEU A N   1 
ATOM   85   C CA  . LEU A 1 36  ? 6.338   1.733   -18.274 1.00 34.76 ? 36  LEU A CA  1 
ATOM   86   C C   . LEU A 1 36  ? 4.964   1.353   -17.737 1.00 34.82 ? 36  LEU A C   1 
ATOM   87   O O   . LEU A 1 36  ? 3.974   1.435   -18.459 1.00 34.94 ? 36  LEU A O   1 
ATOM   88   C CB  . LEU A 1 36  ? 6.927   0.527   -18.996 1.00 35.38 ? 36  LEU A CB  1 
ATOM   89   C CG  . LEU A 1 36  ? 8.206   0.728   -19.832 1.00 38.67 ? 36  LEU A CG  1 
ATOM   90   C CD1 . LEU A 1 36  ? 8.607   -0.646  -20.385 1.00 39.74 ? 36  LEU A CD1 1 
ATOM   91   C CD2 . LEU A 1 36  ? 8.001   1.765   -20.970 1.00 39.12 ? 36  LEU A CD2 1 
ATOM   92   N N   . LEU A 1 37  ? 4.917   0.880   -16.490 1.00 33.60 ? 37  LEU A N   1 
ATOM   93   C CA  . LEU A 1 37  ? 3.662   0.635   -15.804 1.00 33.32 ? 37  LEU A CA  1 
ATOM   94   C C   . LEU A 1 37  ? 2.784   1.916   -15.713 1.00 33.53 ? 37  LEU A C   1 
ATOM   95   O O   . LEU A 1 37  ? 1.562   1.811   -15.587 1.00 33.06 ? 37  LEU A O   1 
ATOM   96   C CB  . LEU A 1 37  ? 3.949   0.051   -14.425 1.00 32.47 ? 37  LEU A CB  1 
ATOM   97   C CG  . LEU A 1 37  ? 4.330   -1.451  -14.542 1.00 31.58 ? 37  LEU A CG  1 
ATOM   98   C CD1 . LEU A 1 37  ? 4.839   -2.006  -13.229 1.00 22.93 ? 37  LEU A CD1 1 
ATOM   99   C CD2 . LEU A 1 37  ? 3.179   -2.255  -15.048 1.00 25.34 ? 37  LEU A CD2 1 
ATOM   100  N N   . GLU A 1 38  ? 3.383   3.095   -15.807 1.00 34.91 ? 38  GLU A N   1 
ATOM   101  C CA  . GLU A 1 38  ? 2.598   4.344   -15.882 1.00 39.01 ? 38  GLU A CA  1 
ATOM   102  C C   . GLU A 1 38  ? 1.795   4.462   -17.170 1.00 41.41 ? 38  GLU A C   1 
ATOM   103  O O   . GLU A 1 38  ? 0.770   5.124   -17.190 1.00 41.47 ? 38  GLU A O   1 
ATOM   104  C CB  . GLU A 1 38  ? 3.472   5.576   -15.697 1.00 39.69 ? 38  GLU A CB  1 
ATOM   105  C CG  . GLU A 1 38  ? 3.338   6.215   -14.322 1.00 47.43 ? 38  GLU A CG  1 
ATOM   106  C CD  . GLU A 1 38  ? 4.627   6.196   -13.540 1.00 54.06 ? 38  GLU A CD  1 
ATOM   107  O OE1 . GLU A 1 38  ? 5.140   7.296   -13.237 1.00 55.49 ? 38  GLU A OE1 1 
ATOM   108  O OE2 . GLU A 1 38  ? 5.139   5.091   -13.229 1.00 58.16 ? 38  GLU A OE2 1 
ATOM   109  N N   . ASP A 1 39  ? 2.236   3.763   -18.229 1.00 43.71 ? 39  ASP A N   1 
ATOM   110  C CA  . ASP A 1 39  ? 1.591   3.794   -19.551 1.00 45.26 ? 39  ASP A CA  1 
ATOM   111  C C   . ASP A 1 39  ? 0.684   2.641   -19.914 1.00 44.83 ? 39  ASP A C   1 
ATOM   112  O O   . ASP A 1 39  ? -0.228  2.823   -20.699 1.00 44.26 ? 39  ASP A O   1 
ATOM   113  C CB  . ASP A 1 39  ? 2.660   3.908   -20.635 1.00 46.68 ? 39  ASP A CB  1 
ATOM   114  C CG  . ASP A 1 39  ? 2.999   5.340   -20.945 1.00 51.72 ? 39  ASP A CG  1 
ATOM   115  O OD1 . ASP A 1 39  ? 2.474   6.231   -20.211 1.00 53.60 ? 39  ASP A OD1 1 
ATOM   116  O OD2 . ASP A 1 39  ? 3.772   5.570   -21.925 1.00 55.86 ? 39  ASP A OD2 1 
ATOM   117  N N   . ARG A 1 40  ? 0.961   1.448   -19.395 1.00 44.67 ? 40  ARG A N   1 
ATOM   118  C CA  . ARG A 1 40  ? 0.240   0.236   -19.807 1.00 44.14 ? 40  ARG A CA  1 
ATOM   119  C C   . ARG A 1 40  ? 0.297   -0.838  -18.733 1.00 43.23 ? 40  ARG A C   1 
ATOM   120  O O   . ARG A 1 40  ? 1.130   -0.754  -17.838 1.00 42.21 ? 40  ARG A O   1 
ATOM   121  C CB  . ARG A 1 40  ? 0.755   -0.297  -21.172 1.00 45.61 ? 40  ARG A CB  1 
ATOM   122  C CG  . ARG A 1 40  ? 2.269   -0.373  -21.392 1.00 47.81 ? 40  ARG A CG  1 
ATOM   123  C CD  . ARG A 1 40  ? 2.565   -0.837  -22.856 1.00 53.40 ? 40  ARG A CD  1 
ATOM   124  N NE  . ARG A 1 40  ? 3.962   -1.243  -23.081 1.00 55.18 ? 40  ARG A NE  1 
ATOM   125  C CZ  . ARG A 1 40  ? 4.968   -0.392  -23.281 1.00 55.88 ? 40  ARG A CZ  1 
ATOM   126  N NH1 . ARG A 1 40  ? 4.759   0.922   -23.297 1.00 55.78 ? 40  ARG A NH1 1 
ATOM   127  N NH2 . ARG A 1 40  ? 6.198   -0.853  -23.442 1.00 56.66 ? 40  ARG A NH2 1 
ATOM   128  N N   . PRO A 1 41  ? -0.616  -1.829  -18.791 1.00 42.99 ? 41  PRO A N   1 
ATOM   129  C CA  . PRO A 1 41  ? -0.609  -2.939  -17.835 1.00 42.99 ? 41  PRO A CA  1 
ATOM   130  C C   . PRO A 1 41  ? 0.617   -3.840  -17.984 1.00 43.23 ? 41  PRO A C   1 
ATOM   131  O O   . PRO A 1 41  ? 1.233   -3.881  -19.061 1.00 42.95 ? 41  PRO A O   1 
ATOM   132  C CB  . PRO A 1 41  ? -1.877  -3.726  -18.196 1.00 42.95 ? 41  PRO A CB  1 
ATOM   133  C CG  . PRO A 1 41  ? -2.185  -3.348  -19.579 1.00 43.46 ? 41  PRO A CG  1 
ATOM   134  C CD  . PRO A 1 41  ? -1.735  -1.932  -19.749 1.00 43.29 ? 41  PRO A CD  1 
ATOM   135  N N   . LEU A 1 42  ? 0.953   -4.561  -16.921 1.00 43.64 ? 42  LEU A N   1 
ATOM   136  C CA  . LEU A 1 42  ? 2.036   -5.529  -16.962 1.00 44.27 ? 42  LEU A CA  1 
ATOM   137  C C   . LEU A 1 42  ? 1.948   -6.491  -18.197 1.00 45.60 ? 42  LEU A C   1 
ATOM   138  O O   . LEU A 1 42  ? 2.956   -6.759  -18.847 1.00 46.02 ? 42  LEU A O   1 
ATOM   139  C CB  . LEU A 1 42  ? 2.093   -6.327  -15.661 1.00 43.66 ? 42  LEU A CB  1 
ATOM   140  C CG  . LEU A 1 42  ? 3.345   -7.189  -15.522 1.00 41.58 ? 42  LEU A CG  1 
ATOM   141  C CD1 . LEU A 1 42  ? 4.631   -6.338  -15.572 1.00 40.60 ? 42  LEU A CD1 1 
ATOM   142  C CD2 . LEU A 1 42  ? 3.259   -8.042  -14.270 1.00 42.29 ? 42  LEU A CD2 1 
ATOM   143  N N   . ALA A 1 43  ? 0.749   -6.975  -18.508 1.00 46.68 ? 43  ALA A N   1 
ATOM   144  C CA  . ALA A 1 43  ? 0.498   -7.802  -19.718 1.00 47.55 ? 43  ALA A CA  1 
ATOM   145  C C   . ALA A 1 43  ? 0.966   -7.186  -21.071 1.00 47.90 ? 43  ALA A C   1 
ATOM   146  O O   . ALA A 1 43  ? 1.423   -7.906  -22.001 1.00 48.78 ? 43  ALA A O   1 
ATOM   147  C CB  . ALA A 1 43  ? -0.977  -8.183  -19.775 1.00 47.36 ? 43  ALA A CB  1 
ATOM   148  N N   . ASP A 1 44  ? 0.894   -5.867  -21.191 1.00 47.43 ? 44  ASP A N   1 
ATOM   149  C CA  . ASP A 1 44  ? 1.384   -5.200  -22.399 1.00 46.87 ? 44  ASP A CA  1 
ATOM   150  C C   . ASP A 1 44  ? 2.858   -4.827  -22.328 1.00 46.16 ? 44  ASP A C   1 
ATOM   151  O O   . ASP A 1 44  ? 3.364   -4.107  -23.203 1.00 46.36 ? 44  ASP A O   1 
ATOM   152  C CB  . ASP A 1 44  ? 0.572   -3.951  -22.703 1.00 47.28 ? 44  ASP A CB  1 
ATOM   153  C CG  . ASP A 1 44  ? -0.901  -4.239  -22.968 1.00 49.99 ? 44  ASP A CG  1 
ATOM   154  O OD1 . ASP A 1 44  ? -1.438  -5.316  -22.575 1.00 51.59 ? 44  ASP A OD1 1 
ATOM   155  O OD2 . ASP A 1 44  ? -1.540  -3.339  -23.564 1.00 53.15 ? 44  ASP A OD2 1 
ATOM   156  N N   . ILE A 1 45  ? 3.538   -5.279  -21.272 1.00 45.15 ? 45  ILE A N   1 
ATOM   157  C CA  . ILE A 1 45  ? 4.990   -5.080  -21.137 1.00 44.14 ? 45  ILE A CA  1 
ATOM   158  C C   . ILE A 1 45  ? 5.707   -6.462  -21.269 1.00 44.13 ? 45  ILE A C   1 
ATOM   159  O O   . ILE A 1 45  ? 5.331   -7.463  -20.622 1.00 45.00 ? 45  ILE A O   1 
ATOM   160  C CB  . ILE A 1 45  ? 5.368   -4.360  -19.784 1.00 43.47 ? 45  ILE A CB  1 
ATOM   161  C CG1 . ILE A 1 45  ? 4.573   -3.061  -19.595 1.00 41.42 ? 45  ILE A CG1 1 
ATOM   162  C CG2 . ILE A 1 45  ? 6.864   -4.088  -19.694 1.00 43.71 ? 45  ILE A CG2 1 
ATOM   163  C CD1 . ILE A 1 45  ? 4.887   -2.290  -18.296 1.00 35.03 ? 45  ILE A CD1 1 
ATOM   164  N N   . SER A 1 46  ? 6.735   -6.520  -22.106 1.00 43.75 ? 46  SER A N   1 
ATOM   165  C CA  . SER A 1 46  ? 7.460   -7.794  -22.297 1.00 43.45 ? 46  SER A CA  1 
ATOM   166  C C   . SER A 1 46  ? 8.850   -7.710  -21.657 1.00 43.10 ? 46  SER A C   1 
ATOM   167  O O   . SER A 1 46  ? 9.368   -6.608  -21.431 1.00 42.06 ? 46  SER A O   1 
ATOM   168  C CB  . SER A 1 46  ? 7.543   -8.149  -23.795 1.00 42.45 ? 46  SER A CB  1 
ATOM   169  O OG  . SER A 1 46  ? 8.177   -7.098  -24.507 1.00 40.70 ? 46  SER A OG  1 
ATOM   170  N N   . VAL A 1 47  ? 9.455   -8.875  -21.367 1.00 43.14 ? 47  VAL A N   1 
ATOM   171  C CA  . VAL A 1 47  ? 10.845  -8.917  -20.878 1.00 42.51 ? 47  VAL A CA  1 
ATOM   172  C C   . VAL A 1 47  ? 11.745  -8.072  -21.799 1.00 42.99 ? 47  VAL A C   1 
ATOM   173  O O   . VAL A 1 47  ? 12.625  -7.297  -21.351 1.00 43.66 ? 47  VAL A O   1 
ATOM   174  C CB  . VAL A 1 47  ? 11.333  -10.387 -20.778 1.00 42.68 ? 47  VAL A CB  1 
ATOM   175  C CG1 . VAL A 1 47  ? 12.830  -10.452 -20.489 1.00 42.22 ? 47  VAL A CG1 1 
ATOM   176  C CG2 . VAL A 1 47  ? 10.520  -11.148 -19.726 1.00 42.85 ? 47  VAL A CG2 1 
ATOM   177  N N   . ASP A 1 48  ? 11.494  -8.199  -23.098 1.00 44.57 ? 48  ASP A N   1 
ATOM   178  C CA  . ASP A 1 48  ? 12.227  -7.446  -24.132 1.00 45.68 ? 48  ASP A CA  1 
ATOM   179  C C   . ASP A 1 48  ? 12.134  -5.912  -23.939 1.00 44.66 ? 48  ASP A C   1 
ATOM   180  O O   . ASP A 1 48  ? 13.130  -5.177  -24.079 1.00 43.70 ? 48  ASP A O   1 
ATOM   181  C CB  . ASP A 1 48  ? 11.782  -7.899  -25.538 1.00 46.27 ? 48  ASP A CB  1 
ATOM   182  C CG  . ASP A 1 48  ? 12.172  -9.388  -25.852 1.00 50.55 ? 48  ASP A CG  1 
ATOM   183  O OD1 . ASP A 1 48  ? 13.302  -9.855  -25.529 1.00 52.11 ? 48  ASP A OD1 1 
ATOM   184  O OD2 . ASP A 1 48  ? 11.337  -10.101 -26.450 1.00 52.75 ? 48  ASP A OD2 1 
ATOM   185  N N   . ASP A 1 49  ? 10.924  -5.444  -23.606 1.00 44.63 ? 49  ASP A N   1 
ATOM   186  C CA  . ASP A 1 49  ? 10.689  -4.041  -23.205 1.00 42.73 ? 49  ASP A CA  1 
ATOM   187  C C   . ASP A 1 49  ? 11.558  -3.624  -22.025 1.00 40.33 ? 49  ASP A C   1 
ATOM   188  O O   . ASP A 1 49  ? 12.253  -2.612  -22.056 1.00 39.78 ? 49  ASP A O   1 
ATOM   189  C CB  . ASP A 1 49  ? 9.216   -3.872  -22.789 1.00 44.60 ? 49  ASP A CB  1 
ATOM   190  C CG  . ASP A 1 49  ? 8.248   -3.947  -23.958 1.00 48.13 ? 49  ASP A CG  1 
ATOM   191  O OD1 . ASP A 1 49  ? 8.551   -3.340  -25.004 1.00 52.45 ? 49  ASP A OD1 1 
ATOM   192  O OD2 . ASP A 1 49  ? 7.173   -4.587  -23.816 1.00 52.11 ? 49  ASP A OD2 1 
ATOM   193  N N   . LEU A 1 50  ? 11.512  -4.401  -20.951 1.00 39.20 ? 50  LEU A N   1 
ATOM   194  C CA  . LEU A 1 50  ? 12.273  -4.041  -19.743 1.00 37.15 ? 50  LEU A CA  1 
ATOM   195  C C   . LEU A 1 50  ? 13.731  -4.061  -20.020 1.00 37.10 ? 50  LEU A C   1 
ATOM   196  O O   . LEU A 1 50  ? 14.461  -3.179  -19.588 1.00 36.21 ? 50  LEU A O   1 
ATOM   197  C CB  . LEU A 1 50  ? 11.955  -4.989  -18.600 1.00 36.91 ? 50  LEU A CB  1 
ATOM   198  C CG  . LEU A 1 50  ? 10.464  -5.098  -18.243 1.00 36.29 ? 50  LEU A CG  1 
ATOM   199  C CD1 . LEU A 1 50  ? 10.211  -6.276  -17.327 1.00 35.88 ? 50  LEU A CD1 1 
ATOM   200  C CD2 . LEU A 1 50  ? 10.050  -3.778  -17.619 1.00 38.47 ? 50  LEU A CD2 1 
ATOM   201  N N   . ALA A 1 51  ? 14.166  -5.115  -20.735 1.00 38.22 ? 51  ALA A N   1 
ATOM   202  C CA  . ALA A 1 51  ? 15.564  -5.259  -21.142 1.00 37.95 ? 51  ALA A CA  1 
ATOM   203  C C   . ALA A 1 51  ? 15.974  -4.019  -21.906 1.00 38.09 ? 51  ALA A C   1 
ATOM   204  O O   . ALA A 1 51  ? 16.952  -3.373  -21.560 1.00 36.47 ? 51  ALA A O   1 
ATOM   205  C CB  . ALA A 1 51  ? 15.753  -6.528  -22.015 1.00 37.86 ? 51  ALA A CB  1 
ATOM   206  N N   . LYS A 1 52  ? 15.207  -3.669  -22.944 1.00 40.54 ? 52  LYS A N   1 
ATOM   207  C CA  . LYS A 1 52  ? 15.603  -2.504  -23.775 1.00 42.38 ? 52  LYS A CA  1 
ATOM   208  C C   . LYS A 1 52  ? 15.823  -1.269  -22.877 1.00 41.68 ? 52  LYS A C   1 
ATOM   209  O O   . LYS A 1 52  ? 16.937  -0.726  -22.796 1.00 41.89 ? 52  LYS A O   1 
ATOM   210  C CB  . LYS A 1 52  ? 14.560  -2.264  -24.868 1.00 44.18 ? 52  LYS A CB  1 
ATOM   211  C CG  . LYS A 1 52  ? 15.084  -1.616  -26.165 1.00 48.71 ? 52  LYS A CG  1 
ATOM   212  C CD  . LYS A 1 52  ? 15.386  -2.679  -27.314 1.00 54.96 ? 52  LYS A CD  1 
ATOM   213  C CE  . LYS A 1 52  ? 14.176  -3.645  -27.619 1.00 57.37 ? 52  LYS A CE  1 
ATOM   214  N NZ  . LYS A 1 52  ? 12.928  -2.908  -28.002 1.00 56.91 ? 52  LYS A NZ  1 
ATOM   215  N N   . GLY A 1 53  ? 14.800  -0.891  -22.090 1.00 41.32 ? 53  GLY A N   1 
ATOM   216  C CA  . GLY A 1 53  ? 14.869  0.359   -21.309 1.00 38.32 ? 53  GLY A CA  1 
ATOM   217  C C   . GLY A 1 53  ? 16.008  0.337   -20.328 1.00 37.80 ? 53  GLY A C   1 
ATOM   218  O O   . GLY A 1 53  ? 16.534  1.389   -19.956 1.00 36.00 ? 53  GLY A O   1 
ATOM   219  N N   . ALA A 1 54  ? 16.417  -0.861  -19.906 1.00 36.96 ? 54  ALA A N   1 
ATOM   220  C CA  . ALA A 1 54  ? 17.526  -0.980  -18.941 1.00 37.15 ? 54  ALA A CA  1 
ATOM   221  C C   . ALA A 1 54  ? 18.905  -0.992  -19.587 1.00 37.49 ? 54  ALA A C   1 
ATOM   222  O O   . ALA A 1 54  ? 19.933  -0.876  -18.892 1.00 38.45 ? 54  ALA A O   1 
ATOM   223  C CB  . ALA A 1 54  ? 17.338  -2.227  -18.037 1.00 37.46 ? 54  ALA A CB  1 
ATOM   224  N N   . GLY A 1 55  ? 18.939  -1.103  -20.915 1.00 37.64 ? 55  GLY A N   1 
ATOM   225  C CA  . GLY A 1 55  ? 20.225  -1.051  -21.663 1.00 37.74 ? 55  GLY A CA  1 
ATOM   226  C C   . GLY A 1 55  ? 21.000  -2.390  -21.625 1.00 36.77 ? 55  GLY A C   1 
ATOM   227  O O   . GLY A 1 55  ? 22.232  -2.409  -21.591 1.00 36.65 ? 55  GLY A O   1 
ATOM   228  N N   . ILE A 1 56  ? 20.256  -3.494  -21.549 1.00 36.10 ? 56  ILE A N   1 
ATOM   229  C CA  . ILE A 1 56  ? 20.835  -4.852  -21.399 1.00 34.08 ? 56  ILE A CA  1 
ATOM   230  C C   . ILE A 1 56  ? 20.089  -5.747  -22.347 1.00 31.91 ? 56  ILE A C   1 
ATOM   231  O O   . ILE A 1 56  ? 19.030  -5.330  -22.816 1.00 31.06 ? 56  ILE A O   1 
ATOM   232  C CB  . ILE A 1 56  ? 20.692  -5.428  -19.953 1.00 33.06 ? 56  ILE A CB  1 
ATOM   233  C CG1 . ILE A 1 56  ? 19.208  -5.630  -19.567 1.00 32.92 ? 56  ILE A CG1 1 
ATOM   234  C CG2 . ILE A 1 56  ? 21.591  -4.658  -18.939 1.00 35.31 ? 56  ILE A CG2 1 
ATOM   235  C CD1 . ILE A 1 56  ? 18.977  -6.225  -18.134 1.00 34.67 ? 56  ILE A CD1 1 
ATOM   236  N N   . SER A 1 57  ? 20.583  -6.984  -22.610 1.00 30.63 ? 57  SER A N   1 
ATOM   237  C CA  . SER A 1 57  ? 19.821  -7.965  -23.454 1.00 28.69 ? 57  SER A CA  1 
ATOM   238  C C   . SER A 1 57  ? 18.818  -8.749  -22.627 1.00 29.03 ? 57  SER A C   1 
ATOM   239  O O   . SER A 1 57  ? 18.860  -8.704  -21.381 1.00 28.08 ? 57  SER A O   1 
ATOM   240  C CB  . SER A 1 57  ? 20.788  -8.988  -24.117 1.00 30.47 ? 57  SER A CB  1 
ATOM   241  O OG  . SER A 1 57  ? 21.457  -9.753  -23.099 1.00 24.93 ? 57  SER A OG  1 
ATOM   242  N N   . ARG A 1 58  ? 17.955  -9.514  -23.311 1.00 27.88 ? 58  ARG A N   1 
ATOM   243  C CA  . ARG A 1 58  ? 17.029  -10.447 -22.678 1.00 29.18 ? 58  ARG A CA  1 
ATOM   244  C C   . ARG A 1 58  ? 17.682  -11.525 -21.831 1.00 28.44 ? 58  ARG A C   1 
ATOM   245  O O   . ARG A 1 58  ? 17.204  -11.755 -20.689 1.00 28.16 ? 58  ARG A O   1 
ATOM   246  C CB  . ARG A 1 58  ? 16.046  -11.072 -23.710 1.00 31.42 ? 58  ARG A CB  1 
ATOM   247  C CG  . ARG A 1 58  ? 15.056  -12.168 -23.136 1.00 36.11 ? 58  ARG A CG  1 
ATOM   248  C CD  . ARG A 1 58  ? 13.869  -12.545 -24.089 1.00 44.30 ? 58  ARG A CD  1 
ATOM   249  N NE  . ARG A 1 58  ? 14.169  -13.703 -24.926 1.00 48.53 ? 58  ARG A NE  1 
ATOM   250  C CZ  . ARG A 1 58  ? 13.812  -13.849 -26.216 1.00 52.38 ? 58  ARG A CZ  1 
ATOM   251  N NH1 . ARG A 1 58  ? 13.128  -12.890 -26.855 1.00 50.92 ? 58  ARG A NH1 1 
ATOM   252  N NH2 . ARG A 1 58  ? 14.146  -14.971 -26.882 1.00 49.70 ? 58  ARG A NH2 1 
ATOM   253  N N   . PRO A 1 59  ? 18.785  -12.192 -22.341 1.00 25.83 ? 59  PRO A N   1 
ATOM   254  C CA  . PRO A 1 59  ? 19.286  -13.189 -21.402 1.00 24.91 ? 59  PRO A CA  1 
ATOM   255  C C   . PRO A 1 59  ? 19.927  -12.508 -20.233 1.00 22.20 ? 59  PRO A C   1 
ATOM   256  O O   . PRO A 1 59  ? 19.873  -13.042 -19.135 1.00 23.39 ? 59  PRO A O   1 
ATOM   257  C CB  . PRO A 1 59  ? 20.307  -14.047 -22.246 1.00 24.10 ? 59  PRO A CB  1 
ATOM   258  C CG  . PRO A 1 59  ? 20.635  -13.201 -23.444 1.00 22.44 ? 59  PRO A CG  1 
ATOM   259  C CD  . PRO A 1 59  ? 19.374  -12.343 -23.697 1.00 26.55 ? 59  PRO A CD  1 
ATOM   260  N N   . THR A 1 60  ? 20.529  -11.342 -20.439 1.00 23.64 ? 60  THR A N   1 
ATOM   261  C CA  . THR A 1 60  ? 21.094  -10.614 -19.286 1.00 23.94 ? 60  THR A CA  1 
ATOM   262  C C   . THR A 1 60  ? 19.982  -10.237 -18.245 1.00 24.77 ? 60  THR A C   1 
ATOM   263  O O   . THR A 1 60  ? 20.211  -10.368 -17.043 1.00 25.71 ? 60  THR A O   1 
ATOM   264  C CB  . THR A 1 60  ? 21.917  -9.384  -19.695 1.00 24.92 ? 60  THR A CB  1 
ATOM   265  O OG1 . THR A 1 60  ? 23.076  -9.800  -20.424 1.00 23.33 ? 60  THR A OG1 1 
ATOM   266  C CG2 . THR A 1 60  ? 22.409  -8.608  -18.416 1.00 23.82 ? 60  THR A CG2 1 
ATOM   267  N N   . PHE A 1 61  ? 18.803  -9.826  -18.716 1.00 25.11 ? 61  PHE A N   1 
ATOM   268  C CA  . PHE A 1 61  ? 17.616  -9.658  -17.842 1.00 26.32 ? 61  PHE A CA  1 
ATOM   269  C C   . PHE A 1 61  ? 17.394  -10.876 -16.920 1.00 29.14 ? 61  PHE A C   1 
ATOM   270  O O   . PHE A 1 61  ? 17.249  -10.722 -15.698 1.00 28.78 ? 61  PHE A O   1 
ATOM   271  C CB  . PHE A 1 61  ? 16.334  -9.453  -18.654 1.00 26.10 ? 61  PHE A CB  1 
ATOM   272  C CG  . PHE A 1 61  ? 15.059  -9.431  -17.787 1.00 27.84 ? 61  PHE A CG  1 
ATOM   273  C CD1 . PHE A 1 61  ? 14.502  -8.198  -17.381 1.00 29.65 ? 61  PHE A CD1 1 
ATOM   274  C CD2 . PHE A 1 61  ? 14.462  -10.627 -17.345 1.00 28.96 ? 61  PHE A CD2 1 
ATOM   275  C CE1 . PHE A 1 61  ? 13.314  -8.145  -16.596 1.00 32.04 ? 61  PHE A CE1 1 
ATOM   276  C CE2 . PHE A 1 61  ? 13.274  -10.616 -16.529 1.00 32.97 ? 61  PHE A CE2 1 
ATOM   277  C CZ  . PHE A 1 61  ? 12.695  -9.350  -16.157 1.00 29.83 ? 61  PHE A CZ  1 
ATOM   278  N N   . TYR A 1 62  ? 17.410  -12.083 -17.503 1.00 29.20 ? 62  TYR A N   1 
ATOM   279  C CA  . TYR A 1 62  ? 17.170  -13.339 -16.752 1.00 30.23 ? 62  TYR A CA  1 
ATOM   280  C C   . TYR A 1 62  ? 18.209  -13.644 -15.700 1.00 30.11 ? 62  TYR A C   1 
ATOM   281  O O   . TYR A 1 62  ? 17.968  -14.403 -14.775 1.00 29.78 ? 62  TYR A O   1 
ATOM   282  C CB  . TYR A 1 62  ? 16.979  -14.514 -17.719 1.00 30.38 ? 62  TYR A CB  1 
ATOM   283  C CG  . TYR A 1 62  ? 15.667  -14.424 -18.418 1.00 32.69 ? 62  TYR A CG  1 
ATOM   284  C CD1 . TYR A 1 62  ? 14.462  -14.483 -17.698 1.00 30.63 ? 62  TYR A CD1 1 
ATOM   285  C CD2 . TYR A 1 62  ? 15.596  -14.274 -19.802 1.00 35.17 ? 62  TYR A CD2 1 
ATOM   286  C CE1 . TYR A 1 62  ? 13.239  -14.376 -18.346 1.00 32.01 ? 62  TYR A CE1 1 
ATOM   287  C CE2 . TYR A 1 62  ? 14.355  -14.160 -20.428 1.00 39.09 ? 62  TYR A CE2 1 
ATOM   288  C CZ  . TYR A 1 62  ? 13.188  -14.231 -19.683 1.00 34.62 ? 62  TYR A CZ  1 
ATOM   289  O OH  . TYR A 1 62  ? 11.970  -14.142 -20.319 1.00 41.23 ? 62  TYR A OH  1 
ATOM   290  N N   . PHE A 1 63  ? 19.359  -12.991 -15.773 1.00 30.27 ? 63  PHE A N   1 
ATOM   291  C CA  . PHE A 1 63  ? 20.267  -13.082 -14.673 1.00 30.57 ? 63  PHE A CA  1 
ATOM   292  C C   . PHE A 1 63  ? 19.841  -12.282 -13.410 1.00 32.58 ? 63  PHE A C   1 
ATOM   293  O O   . PHE A 1 63  ? 20.326  -12.558 -12.278 1.00 31.93 ? 63  PHE A O   1 
ATOM   294  C CB  . PHE A 1 63  ? 21.604  -12.543 -15.118 1.00 31.92 ? 63  PHE A CB  1 
ATOM   295  C CG  . PHE A 1 63  ? 22.650  -12.688 -14.114 1.00 32.19 ? 63  PHE A CG  1 
ATOM   296  C CD1 . PHE A 1 63  ? 23.122  -13.971 -13.775 1.00 36.47 ? 63  PHE A CD1 1 
ATOM   297  C CD2 . PHE A 1 63  ? 23.175  -11.569 -13.485 1.00 37.28 ? 63  PHE A CD2 1 
ATOM   298  C CE1 . PHE A 1 63  ? 24.109  -14.129 -12.822 1.00 39.83 ? 63  PHE A CE1 1 
ATOM   299  C CE2 . PHE A 1 63  ? 24.191  -11.697 -12.499 1.00 39.75 ? 63  PHE A CE2 1 
ATOM   300  C CZ  . PHE A 1 63  ? 24.674  -12.977 -12.184 1.00 39.43 ? 63  PHE A CZ  1 
ATOM   301  N N   . TYR A 1 64  ? 19.041  -11.227 -13.622 1.00 29.67 ? 64  TYR A N   1 
ATOM   302  C CA  . TYR A 1 64  ? 18.579  -10.408 -12.495 1.00 30.21 ? 64  TYR A CA  1 
ATOM   303  C C   . TYR A 1 64  ? 17.213  -10.840 -11.919 1.00 29.88 ? 64  TYR A C   1 
ATOM   304  O O   . TYR A 1 64  ? 17.014  -10.730 -10.717 1.00 29.40 ? 64  TYR A O   1 
ATOM   305  C CB  . TYR A 1 64  ? 18.585  -8.906  -12.906 1.00 28.93 ? 64  TYR A CB  1 
ATOM   306  C CG  . TYR A 1 64  ? 19.990  -8.428  -13.122 1.00 29.54 ? 64  TYR A CG  1 
ATOM   307  C CD1 . TYR A 1 64  ? 20.816  -8.105  -12.029 1.00 34.22 ? 64  TYR A CD1 1 
ATOM   308  C CD2 . TYR A 1 64  ? 20.529  -8.340  -14.401 1.00 30.13 ? 64  TYR A CD2 1 
ATOM   309  C CE1 . TYR A 1 64  ? 22.138  -7.714  -12.204 1.00 34.06 ? 64  TYR A CE1 1 
ATOM   310  C CE2 . TYR A 1 64  ? 21.853  -7.914  -14.587 1.00 32.90 ? 64  TYR A CE2 1 
ATOM   311  C CZ  . TYR A 1 64  ? 22.641  -7.617  -13.491 1.00 34.69 ? 64  TYR A CZ  1 
ATOM   312  O OH  . TYR A 1 64  ? 23.939  -7.200  -13.694 1.00 37.25 ? 64  TYR A OH  1 
ATOM   313  N N   . PHE A 1 65  ? 16.295  -11.293 -12.778 1.00 29.99 ? 65  PHE A N   1 
ATOM   314  C CA  . PHE A 1 65  ? 14.938  -11.678 -12.393 1.00 31.08 ? 65  PHE A CA  1 
ATOM   315  C C   . PHE A 1 65  ? 14.508  -12.840 -13.243 1.00 32.11 ? 65  PHE A C   1 
ATOM   316  O O   . PHE A 1 65  ? 14.816  -12.871 -14.452 1.00 30.73 ? 65  PHE A O   1 
ATOM   317  C CB  . PHE A 1 65  ? 13.921  -10.525 -12.675 1.00 30.21 ? 65  PHE A CB  1 
ATOM   318  C CG  . PHE A 1 65  ? 14.191  -9.278  -11.885 1.00 29.11 ? 65  PHE A CG  1 
ATOM   319  C CD1 . PHE A 1 65  ? 13.642  -9.118  -10.592 1.00 28.83 ? 65  PHE A CD1 1 
ATOM   320  C CD2 . PHE A 1 65  ? 14.999  -8.270  -12.416 1.00 26.39 ? 65  PHE A CD2 1 
ATOM   321  C CE1 . PHE A 1 65  ? 13.912  -7.937  -9.848  1.00 29.34 ? 65  PHE A CE1 1 
ATOM   322  C CE2 . PHE A 1 65  ? 15.317  -7.122  -11.688 1.00 26.76 ? 65  PHE A CE2 1 
ATOM   323  C CZ  . PHE A 1 65  ? 14.727  -6.931  -10.402 1.00 27.93 ? 65  PHE A CZ  1 
ATOM   324  N N   . PRO A 1 66  ? 13.747  -13.792 -12.630 1.00 33.80 ? 66  PRO A N   1 
ATOM   325  C CA  . PRO A 1 66  ? 13.183  -14.922 -13.376 1.00 33.56 ? 66  PRO A CA  1 
ATOM   326  C C   . PRO A 1 66  ? 12.103  -14.599 -14.363 1.00 34.27 ? 66  PRO A C   1 
ATOM   327  O O   . PRO A 1 66  ? 11.831  -15.436 -15.225 1.00 34.40 ? 66  PRO A O   1 
ATOM   328  C CB  . PRO A 1 66  ? 12.653  -15.868 -12.268 1.00 35.05 ? 66  PRO A CB  1 
ATOM   329  C CG  . PRO A 1 66  ? 12.471  -14.965 -11.048 1.00 33.92 ? 66  PRO A CG  1 
ATOM   330  C CD  . PRO A 1 66  ? 13.606  -13.964 -11.163 1.00 33.93 ? 66  PRO A CD  1 
ATOM   331  N N   . SER A 1 67  ? 11.499  -13.395 -14.288 1.00 33.66 ? 67  SER A N   1 
ATOM   332  C CA  . SER A 1 67  ? 10.254  -13.045 -15.025 1.00 32.46 ? 67  SER A CA  1 
ATOM   333  C C   . SER A 1 67  ? 9.859   -11.529 -14.842 1.00 32.24 ? 67  SER A C   1 
ATOM   334  O O   . SER A 1 67  ? 10.303  -10.888 -13.882 1.00 29.87 ? 67  SER A O   1 
ATOM   335  C CB  . SER A 1 67  ? 9.095   -13.884 -14.461 1.00 34.07 ? 67  SER A CB  1 
ATOM   336  O OG  . SER A 1 67  ? 9.022   -13.713 -13.046 1.00 32.33 ? 67  SER A OG  1 
ATOM   337  N N   . LYS A 1 68  ? 9.001   -10.999 -15.721 1.00 31.57 ? 68  LYS A N   1 
ATOM   338  C CA  . LYS A 1 68  ? 8.438   -9.656  -15.530 1.00 32.58 ? 68  LYS A CA  1 
ATOM   339  C C   . LYS A 1 68  ? 7.569   -9.586  -14.257 1.00 32.18 ? 68  LYS A C   1 
ATOM   340  O O   . LYS A 1 68  ? 7.562   -8.541  -13.573 1.00 32.62 ? 68  LYS A O   1 
ATOM   341  C CB  . LYS A 1 68  ? 7.681   -9.147  -16.763 1.00 32.99 ? 68  LYS A CB  1 
ATOM   342  C CG  . LYS A 1 68  ? 6.346   -9.850  -17.030 1.00 36.08 ? 68  LYS A CG  1 
ATOM   343  C CD  . LYS A 1 68  ? 5.740   -9.410  -18.331 1.00 39.44 ? 68  LYS A CD  1 
ATOM   344  C CE  . LYS A 1 68  ? 4.437   -10.161 -18.614 1.00 43.88 ? 68  LYS A CE  1 
ATOM   345  N NZ  . LYS A 1 68  ? 3.813   -9.614  -19.846 1.00 46.79 ? 68  LYS A NZ  1 
ATOM   346  N N   . GLU A 1 69  ? 6.914   -10.705 -13.922 1.00 31.65 ? 69  GLU A N   1 
ATOM   347  C CA  . GLU A 1 69  ? 6.122   -10.841 -12.699 1.00 31.66 ? 69  GLU A CA  1 
ATOM   348  C C   . GLU A 1 69  ? 6.982   -10.668 -11.481 1.00 30.78 ? 69  GLU A C   1 
ATOM   349  O O   . GLU A 1 69  ? 6.568   -10.037 -10.490 1.00 31.23 ? 69  GLU A O   1 
ATOM   350  C CB  . GLU A 1 69  ? 5.352   -12.166 -12.666 1.00 31.96 ? 69  GLU A CB  1 
ATOM   351  C CG  . GLU A 1 69  ? 4.236   -12.174 -13.715 1.00 35.49 ? 69  GLU A CG  1 
ATOM   352  C CD  . GLU A 1 69  ? 4.690   -12.619 -15.116 1.00 39.77 ? 69  GLU A CD  1 
ATOM   353  O OE1 . GLU A 1 69  ? 5.851   -13.090 -15.319 1.00 37.81 ? 69  GLU A OE1 1 
ATOM   354  O OE2 . GLU A 1 69  ? 3.857   -12.480 -16.027 1.00 43.07 ? 69  GLU A OE2 1 
ATOM   355  N N   . ALA A 1 70  ? 8.223   -11.155 -11.539 1.00 27.60 ? 70  ALA A N   1 
ATOM   356  C CA  . ALA A 1 70  ? 9.127   -11.012 -10.415 1.00 25.83 ? 70  ALA A CA  1 
ATOM   357  C C   . ALA A 1 70  ? 9.587   -9.575  -10.236 1.00 24.66 ? 70  ALA A C   1 
ATOM   358  O O   . ALA A 1 70  ? 9.924   -9.131  -9.126  1.00 24.30 ? 70  ALA A O   1 
ATOM   359  C CB  . ALA A 1 70  ? 10.363  -11.930 -10.597 1.00 25.52 ? 70  ALA A CB  1 
ATOM   360  N N   . VAL A 1 71  ? 9.631   -8.857  -11.338 1.00 24.25 ? 71  VAL A N   1 
ATOM   361  C CA  . VAL A 1 71  ? 10.046  -7.457  -11.298 1.00 24.70 ? 71  VAL A CA  1 
ATOM   362  C C   . VAL A 1 71  ? 8.944   -6.677  -10.542 1.00 24.02 ? 71  VAL A C   1 
ATOM   363  O O   . VAL A 1 71  ? 9.262   -5.916  -9.653  1.00 24.37 ? 71  VAL A O   1 
ATOM   364  C CB  . VAL A 1 71  ? 10.228  -6.905  -12.700 1.00 24.53 ? 71  VAL A CB  1 
ATOM   365  C CG1 . VAL A 1 71  ? 10.565  -5.383  -12.684 1.00 24.54 ? 71  VAL A CG1 1 
ATOM   366  C CG2 . VAL A 1 71  ? 11.365  -7.671  -13.390 1.00 24.25 ? 71  VAL A CG2 1 
ATOM   367  N N   . LEU A 1 72  ? 7.691   -6.868  -10.926 1.00 24.42 ? 72  LEU A N   1 
ATOM   368  C CA  . LEU A 1 72  ? 6.564   -6.196  -10.196 1.00 25.79 ? 72  LEU A CA  1 
ATOM   369  C C   . LEU A 1 72  ? 6.519   -6.545  -8.704  1.00 26.23 ? 72  LEU A C   1 
ATOM   370  O O   . LEU A 1 72  ? 6.308   -5.651  -7.853  1.00 26.81 ? 72  LEU A O   1 
ATOM   371  C CB  . LEU A 1 72  ? 5.224   -6.512  -10.888 1.00 26.21 ? 72  LEU A CB  1 
ATOM   372  C CG  . LEU A 1 72  ? 3.935   -6.013  -10.204 1.00 29.68 ? 72  LEU A CG  1 
ATOM   373  C CD1 . LEU A 1 72  ? 3.915   -4.448  -10.018 1.00 26.98 ? 72  LEU A CD1 1 
ATOM   374  C CD2 . LEU A 1 72  ? 2.689   -6.550  -10.908 1.00 28.26 ? 72  LEU A CD2 1 
ATOM   375  N N   . LEU A 1 73  ? 6.748   -7.829  -8.360  1.00 25.30 ? 73  LEU A N   1 
ATOM   376  C CA  . LEU A 1 73  ? 6.874   -8.250  -6.945  1.00 24.02 ? 73  LEU A CA  1 
ATOM   377  C C   . LEU A 1 73  ? 7.932   -7.469  -6.198  1.00 24.33 ? 73  LEU A C   1 
ATOM   378  O O   . LEU A 1 73  ? 7.727   -7.017  -5.035  1.00 23.51 ? 73  LEU A O   1 
ATOM   379  C CB  . LEU A 1 73  ? 7.093   -9.795  -6.812  1.00 23.98 ? 73  LEU A CB  1 
ATOM   380  C CG  . LEU A 1 73  ? 7.250   -10.367 -5.378  1.00 27.76 ? 73  LEU A CG  1 
ATOM   381  C CD1 . LEU A 1 73  ? 5.827   -10.324 -4.629  1.00 17.52 ? 73  LEU A CD1 1 
ATOM   382  C CD2 . LEU A 1 73  ? 7.876   -11.789 -5.334  1.00 25.31 ? 73  LEU A CD2 1 
ATOM   383  N N   . THR A 1 74  ? 9.103   -7.300  -6.818  1.00 23.32 ? 74  THR A N   1 
ATOM   384  C CA  . THR A 1 74  ? 10.140  -6.519  -6.163  1.00 22.99 ? 74  THR A CA  1 
ATOM   385  C C   . THR A 1 74  ? 9.718   -5.031  -6.061  1.00 22.74 ? 74  THR A C   1 
ATOM   386  O O   . THR A 1 74  ? 9.970   -4.400  -5.049  1.00 22.27 ? 74  THR A O   1 
ATOM   387  C CB  . THR A 1 74  ? 11.491  -6.607  -6.931  1.00 25.19 ? 74  THR A CB  1 
ATOM   388  O OG1 . THR A 1 74  ? 11.882  -7.996  -7.017  1.00 27.46 ? 74  THR A OG1 1 
ATOM   389  C CG2 . THR A 1 74  ? 12.554  -5.856  -6.219  1.00 22.48 ? 74  THR A CG2 1 
ATOM   390  N N   . LEU A 1 75  ? 9.075   -4.482  -7.086  1.00 22.01 ? 75  LEU A N   1 
ATOM   391  C CA  . LEU A 1 75  ? 8.639   -3.076  -6.972  1.00 23.44 ? 75  LEU A CA  1 
ATOM   392  C C   . LEU A 1 75  ? 7.639   -2.954  -5.800  1.00 22.40 ? 75  LEU A C   1 
ATOM   393  O O   . LEU A 1 75  ? 7.721   -2.021  -4.991  1.00 22.08 ? 75  LEU A O   1 
ATOM   394  C CB  . LEU A 1 75  ? 7.973   -2.603  -8.256  1.00 21.98 ? 75  LEU A CB  1 
ATOM   395  C CG  . LEU A 1 75  ? 8.900   -2.394  -9.474  1.00 24.22 ? 75  LEU A CG  1 
ATOM   396  C CD1 . LEU A 1 75  ? 8.031   -2.221  -10.761 1.00 29.88 ? 75  LEU A CD1 1 
ATOM   397  C CD2 . LEU A 1 75  ? 9.786   -1.217  -9.298  1.00 24.23 ? 75  LEU A CD2 1 
ATOM   398  N N   . LEU A 1 76  ? 6.697   -3.881  -5.721  1.00 21.94 ? 76  LEU A N   1 
ATOM   399  C CA  . LEU A 1 76  ? 5.652   -3.750  -4.676  1.00 22.80 ? 76  LEU A CA  1 
ATOM   400  C C   . LEU A 1 76  ? 6.305   -3.914  -3.323  1.00 22.36 ? 76  LEU A C   1 
ATOM   401  O O   . LEU A 1 76  ? 6.036   -3.182  -2.378  1.00 21.30 ? 76  LEU A O   1 
ATOM   402  C CB  . LEU A 1 76  ? 4.566   -4.797  -4.849  1.00 22.46 ? 76  LEU A CB  1 
ATOM   403  C CG  . LEU A 1 76  ? 3.390   -4.749  -3.833  1.00 22.11 ? 76  LEU A CG  1 
ATOM   404  C CD1 . LEU A 1 76  ? 2.732   -3.365  -3.961  1.00 20.74 ? 76  LEU A CD1 1 
ATOM   405  C CD2 . LEU A 1 76  ? 2.382   -5.808  -4.263  1.00 19.35 ? 76  LEU A CD2 1 
ATOM   406  N N   . ASP A 1 77  ? 7.194   -4.888  -3.244  1.00 22.41 ? 77  ASP A N   1 
ATOM   407  C CA  . ASP A 1 77  ? 7.890   -5.178  -2.006  1.00 23.88 ? 77  ASP A CA  1 
ATOM   408  C C   . ASP A 1 77  ? 8.633   -3.932  -1.518  1.00 23.94 ? 77  ASP A C   1 
ATOM   409  O O   . ASP A 1 77  ? 8.585   -3.621  -0.330  1.00 23.33 ? 77  ASP A O   1 
ATOM   410  C CB  . ASP A 1 77  ? 8.837   -6.368  -2.228  1.00 25.90 ? 77  ASP A CB  1 
ATOM   411  C CG  . ASP A 1 77  ? 9.539   -6.773  -0.984  1.00 30.88 ? 77  ASP A CG  1 
ATOM   412  O OD1 . ASP A 1 77  ? 9.096   -7.731  -0.345  1.00 36.91 ? 77  ASP A OD1 1 
ATOM   413  O OD2 . ASP A 1 77  ? 10.515  -6.101  -0.621  1.00 38.58 ? 77  ASP A OD2 1 
ATOM   414  N N   . ARG A 1 78  ? 9.282   -3.173  -2.414  1.00 23.47 ? 78  ARG A N   1 
ATOM   415  C CA  . ARG A 1 78  ? 9.944   -1.922  -1.961  1.00 24.62 ? 78  ARG A CA  1 
ATOM   416  C C   . ARG A 1 78  ? 8.977   -0.831  -1.493  1.00 22.23 ? 78  ARG A C   1 
ATOM   417  O O   . ARG A 1 78  ? 9.197   -0.195  -0.490  1.00 22.07 ? 78  ARG A O   1 
ATOM   418  C CB  . ARG A 1 78  ? 10.842  -1.384  -3.083  1.00 27.09 ? 78  ARG A CB  1 
ATOM   419  C CG  . ARG A 1 78  ? 12.055  -2.336  -3.314  1.00 34.37 ? 78  ARG A CG  1 
ATOM   420  C CD  . ARG A 1 78  ? 12.547  -2.237  -4.779  1.00 42.93 ? 78  ARG A CD  1 
ATOM   421  N NE  . ARG A 1 78  ? 12.801  -0.858  -5.223  1.00 47.97 ? 78  ARG A NE  1 
ATOM   422  C CZ  . ARG A 1 78  ? 13.974  -0.228  -5.076  1.00 50.99 ? 78  ARG A CZ  1 
ATOM   423  N NH1 . ARG A 1 78  ? 15.005  -0.846  -4.490  1.00 51.40 ? 78  ARG A NH1 1 
ATOM   424  N NH2 . ARG A 1 78  ? 14.121  1.010   -5.527  1.00 49.54 ? 78  ARG A NH2 1 
ATOM   425  N N   . VAL A 1 79  ? 7.871   -0.619  -2.222  1.00 22.80 ? 79  VAL A N   1 
ATOM   426  C CA  . VAL A 1 79  ? 6.850   0.394   -1.802  1.00 22.27 ? 79  VAL A CA  1 
ATOM   427  C C   . VAL A 1 79  ? 6.192   -0.013  -0.449  1.00 22.67 ? 79  VAL A C   1 
ATOM   428  O O   . VAL A 1 79  ? 6.005   0.796   0.448   1.00 22.33 ? 79  VAL A O   1 
ATOM   429  C CB  . VAL A 1 79  ? 5.766   0.577   -2.937  1.00 22.76 ? 79  VAL A CB  1 
ATOM   430  C CG1 . VAL A 1 79  ? 4.598   1.549   -2.506  1.00 23.81 ? 79  VAL A CG1 1 
ATOM   431  C CG2 . VAL A 1 79  ? 6.401   1.096   -4.220  1.00 21.61 ? 79  VAL A CG2 1 
ATOM   432  N N   . VAL A 1 80  ? 5.831   -1.283  -0.306  1.00 21.57 ? 80  VAL A N   1 
ATOM   433  C CA  . VAL A 1 80  ? 5.221   -1.765  0.948   1.00 21.66 ? 80  VAL A CA  1 
ATOM   434  C C   . VAL A 1 80  ? 6.184   -1.592  2.152   1.00 21.44 ? 80  VAL A C   1 
ATOM   435  O O   . VAL A 1 80  ? 5.820   -1.144  3.238   1.00 19.27 ? 80  VAL A O   1 
ATOM   436  C CB  . VAL A 1 80  ? 4.823   -3.232  0.722   1.00 22.47 ? 80  VAL A CB  1 
ATOM   437  C CG1 . VAL A 1 80  ? 4.805   -4.008  1.989   1.00 22.47 ? 80  VAL A CG1 1 
ATOM   438  C CG2 . VAL A 1 80  ? 3.497   -3.351  -0.085  1.00 22.32 ? 80  VAL A CG2 1 
ATOM   439  N N   . ASN A 1 81  ? 7.451   -1.982  1.967   1.00 22.41 ? 81  ASN A N   1 
ATOM   440  C CA  . ASN A 1 81  ? 8.421   -1.775  3.019   1.00 22.75 ? 81  ASN A CA  1 
ATOM   441  C C   . ASN A 1 81  ? 8.696   -0.304  3.334   1.00 22.09 ? 81  ASN A C   1 
ATOM   442  O O   . ASN A 1 81  ? 8.917   0.042   4.501   1.00 21.90 ? 81  ASN A O   1 
ATOM   443  C CB  . ASN A 1 81  ? 9.740   -2.542  2.725   1.00 24.24 ? 81  ASN A CB  1 
ATOM   444  C CG  . ASN A 1 81  ? 9.647   -3.989  3.186   1.00 27.81 ? 81  ASN A CG  1 
ATOM   445  O OD1 . ASN A 1 81  ? 9.712   -4.263  4.397   1.00 28.40 ? 81  ASN A OD1 1 
ATOM   446  N ND2 . ASN A 1 81  ? 9.387   -4.897  2.243   1.00 26.83 ? 81  ASN A ND2 1 
ATOM   447  N N   . GLN A 1 82  ? 8.662   0.559   2.333   1.00 21.66 ? 82  GLN A N   1 
ATOM   448  C CA  . GLN A 1 82  ? 8.822   2.004   2.571   1.00 22.04 ? 82  GLN A CA  1 
ATOM   449  C C   . GLN A 1 82  ? 7.650   2.537   3.387   1.00 22.02 ? 82  GLN A C   1 
ATOM   450  O O   . GLN A 1 82  ? 7.827   3.342   4.304   1.00 20.31 ? 82  GLN A O   1 
ATOM   451  C CB  . GLN A 1 82  ? 8.941   2.747   1.206   1.00 24.63 ? 82  GLN A CB  1 
ATOM   452  C CG  . GLN A 1 82  ? 8.916   4.279   1.280   1.00 28.15 ? 82  GLN A CG  1 
ATOM   453  C CD  . GLN A 1 82  ? 9.036   4.886   -0.145  1.00 36.92 ? 82  GLN A CD  1 
ATOM   454  O OE1 . GLN A 1 82  ? 9.560   4.235   -1.070  1.00 40.15 ? 82  GLN A OE1 1 
ATOM   455  N NE2 . GLN A 1 82  ? 8.541   6.102   -0.316  1.00 34.57 ? 82  GLN A NE2 1 
ATOM   456  N N   . ALA A 1 83  ? 6.416   2.080   3.100   1.00 20.12 ? 83  ALA A N   1 
ATOM   457  C CA  . ALA A 1 83  ? 5.308   2.505   3.963   1.00 19.38 ? 83  ALA A CA  1 
ATOM   458  C C   . ALA A 1 83  ? 5.564   1.959   5.378   1.00 18.39 ? 83  ALA A C   1 
ATOM   459  O O   . ALA A 1 83  ? 5.321   2.636   6.362   1.00 18.78 ? 83  ALA A O   1 
ATOM   460  C CB  . ALA A 1 83  ? 3.944   1.962   3.399   1.00 17.29 ? 83  ALA A CB  1 
ATOM   461  N N   . ASP A 1 84  ? 5.980   0.695   5.449   1.00 19.05 ? 84  ASP A N   1 
ATOM   462  C CA  . ASP A 1 84  ? 6.059   0.047   6.715   1.00 20.02 ? 84  ASP A CA  1 
ATOM   463  C C   . ASP A 1 84  ? 7.150   0.720   7.572   1.00 21.45 ? 84  ASP A C   1 
ATOM   464  O O   . ASP A 1 84  ? 6.953   0.926   8.794   1.00 20.95 ? 84  ASP A O   1 
ATOM   465  C CB  . ASP A 1 84  ? 6.368   -1.454  6.576   1.00 18.96 ? 84  ASP A CB  1 
ATOM   466  C CG  . ASP A 1 84  ? 6.229   -2.187  7.907   1.00 22.34 ? 84  ASP A CG  1 
ATOM   467  O OD1 . ASP A 1 84  ? 5.105   -2.206  8.477   1.00 21.15 ? 84  ASP A OD1 1 
ATOM   468  O OD2 . ASP A 1 84  ? 7.244   -2.721  8.406   1.00 21.90 ? 84  ASP A OD2 1 
ATOM   469  N N   . MET A 1 85  ? 8.302   0.998   6.963   1.00 22.21 ? 85  MET A N   1 
ATOM   470  C CA  . MET A 1 85  ? 9.371   1.775   7.655   1.00 25.21 ? 85  MET A CA  1 
ATOM   471  C C   . MET A 1 85  ? 8.915   3.151   8.091   1.00 24.09 ? 85  MET A C   1 
ATOM   472  O O   . MET A 1 85  ? 9.278   3.591   9.198   1.00 25.25 ? 85  MET A O   1 
ATOM   473  C CB  . MET A 1 85  ? 10.607  1.881   6.753   1.00 25.65 ? 85  MET A CB  1 
ATOM   474  C CG  . MET A 1 85  ? 11.152  0.469   6.403   1.00 34.16 ? 85  MET A CG  1 
ATOM   475  S SD  . MET A 1 85  ? 12.733  0.592   5.500   1.00 47.85 ? 85  MET A SD  1 
ATOM   476  C CE  . MET A 1 85  ? 12.245  0.930   3.765   1.00 45.13 ? 85  MET A CE  1 
ATOM   477  N N   . ALA A 1 86  ? 8.127   3.856   7.261   1.00 22.65 ? 86  ALA A N   1 
ATOM   478  C CA  . ALA A 1 86  ? 7.648   5.209   7.685   1.00 24.25 ? 86  ALA A CA  1 
ATOM   479  C C   . ALA A 1 86  ? 6.730   5.071   8.870   1.00 23.98 ? 86  ALA A C   1 
ATOM   480  O O   . ALA A 1 86  ? 6.699   5.931   9.759   1.00 23.54 ? 86  ALA A O   1 
ATOM   481  C CB  . ALA A 1 86  ? 6.913   5.975   6.560   1.00 22.94 ? 86  ALA A CB  1 
ATOM   482  N N   . LEU A 1 87  ? 5.907   4.020   8.865   1.00 25.12 ? 87  LEU A N   1 
ATOM   483  C CA  . LEU A 1 87  ? 5.022   3.828   10.009  1.00 26.31 ? 87  LEU A CA  1 
ATOM   484  C C   . LEU A 1 87  ? 5.819   3.453   11.285  1.00 28.43 ? 87  LEU A C   1 
ATOM   485  O O   . LEU A 1 87  ? 5.506   3.933   12.385  1.00 28.49 ? 87  LEU A O   1 
ATOM   486  C CB  . LEU A 1 87  ? 3.930   2.769   9.669   1.00 27.34 ? 87  LEU A CB  1 
ATOM   487  C CG  . LEU A 1 87  ? 2.752   2.684   10.618  1.00 28.68 ? 87  LEU A CG  1 
ATOM   488  C CD1 . LEU A 1 87  ? 1.899   4.014   10.629  1.00 24.94 ? 87  LEU A CD1 1 
ATOM   489  C CD2 . LEU A 1 87  ? 1.918   1.432   10.237  1.00 25.23 ? 87  LEU A CD2 1 
ATOM   490  N N   . GLN A 1 88  ? 6.890   2.673   11.127  1.00 29.79 ? 88  GLN A N   1 
ATOM   491  C CA  . GLN A 1 88  ? 7.823   2.387   12.261  1.00 31.93 ? 88  GLN A CA  1 
ATOM   492  C C   . GLN A 1 88  ? 8.492   3.673   12.773  1.00 32.68 ? 88  GLN A C   1 
ATOM   493  O O   . GLN A 1 88  ? 8.650   3.844   14.010  1.00 33.72 ? 88  GLN A O   1 
ATOM   494  C CB  . GLN A 1 88  ? 8.831   1.277   11.865  1.00 33.10 ? 88  GLN A CB  1 
ATOM   495  C CG  . GLN A 1 88  ? 8.081   -0.034  11.424  1.00 39.20 ? 88  GLN A CG  1 
ATOM   496  C CD  . GLN A 1 88  ? 8.950   -1.188  10.860  1.00 47.62 ? 88  GLN A CD  1 
ATOM   497  O OE1 . GLN A 1 88  ? 9.530   -1.090  9.761   1.00 50.66 ? 88  GLN A OE1 1 
ATOM   498  N NE2 . GLN A 1 88  ? 8.998   -2.309  11.604  1.00 48.37 ? 88  GLN A NE2 1 
ATOM   499  N N   . THR A 1 89  ? 8.817   4.610   11.867  1.00 32.49 ? 89  THR A N   1 
ATOM   500  C CA  . THR A 1 89  ? 9.417   5.885   12.258  1.00 34.38 ? 89  THR A CA  1 
ATOM   501  C C   . THR A 1 89  ? 8.479   6.743   13.090  1.00 35.98 ? 89  THR A C   1 
ATOM   502  O O   . THR A 1 89  ? 8.910   7.322   14.086  1.00 35.24 ? 89  THR A O   1 
ATOM   503  C CB  . THR A 1 89  ? 9.905   6.730   11.058  1.00 34.57 ? 89  THR A CB  1 
ATOM   504  O OG1 . THR A 1 89  ? 10.934  6.031   10.375  1.00 33.42 ? 89  THR A OG1 1 
ATOM   505  C CG2 . THR A 1 89  ? 10.497  8.117   11.523  1.00 36.14 ? 89  THR A CG2 1 
ATOM   506  N N   . LEU A 1 90  ? 7.208   6.858   12.673  1.00 36.89 ? 90  LEU A N   1 
ATOM   507  C CA  . LEU A 1 90  ? 6.198   7.548   13.487  1.00 37.76 ? 90  LEU A CA  1 
ATOM   508  C C   . LEU A 1 90  ? 6.066   6.917   14.867  1.00 38.82 ? 90  LEU A C   1 
ATOM   509  O O   . LEU A 1 90  ? 5.944   7.626   15.861  1.00 39.29 ? 90  LEU A O   1 
ATOM   510  C CB  . LEU A 1 90  ? 4.810   7.524   12.816  1.00 36.77 ? 90  LEU A CB  1 
ATOM   511  C CG  . LEU A 1 90  ? 4.638   8.344   11.540  1.00 36.89 ? 90  LEU A CG  1 
ATOM   512  C CD1 . LEU A 1 90  ? 3.153   8.261   11.121  1.00 33.63 ? 90  LEU A CD1 1 
ATOM   513  C CD2 . LEU A 1 90  ? 5.129   9.790   11.694  1.00 36.01 ? 90  LEU A CD2 1 
ATOM   514  N N   . ALA A 1 91  ? 6.067   5.588   14.914  1.00 41.05 ? 91  ALA A N   1 
ATOM   515  C CA  . ALA A 1 91  ? 5.846   4.849   16.164  1.00 43.44 ? 91  ALA A CA  1 
ATOM   516  C C   . ALA A 1 91  ? 6.934   5.230   17.174  1.00 45.09 ? 91  ALA A C   1 
ATOM   517  O O   . ALA A 1 91  ? 6.660   5.403   18.349  1.00 45.67 ? 91  ALA A O   1 
ATOM   518  C CB  . ALA A 1 91  ? 5.821   3.329   15.911  1.00 42.56 ? 91  ALA A CB  1 
ATOM   519  N N   . GLU A 1 92  ? 8.167   5.368   16.690  1.00 46.87 ? 92  GLU A N   1 
ATOM   520  C CA  . GLU A 1 92  ? 9.271   5.885   17.493  1.00 48.39 ? 92  GLU A CA  1 
ATOM   521  C C   . GLU A 1 92  ? 9.180   7.403   17.644  1.00 47.89 ? 92  GLU A C   1 
ATOM   522  O O   . GLU A 1 92  ? 10.001  7.976   18.341  1.00 47.69 ? 92  GLU A O   1 
ATOM   523  C CB  . GLU A 1 92  ? 10.601  5.514   16.844  1.00 48.25 ? 92  GLU A CB  1 
ATOM   524  C CG  . GLU A 1 92  ? 10.762  4.010   16.613  1.00 50.51 ? 92  GLU A CG  1 
ATOM   525  C CD  . GLU A 1 92  ? 11.919  3.713   15.669  1.00 54.29 ? 92  GLU A CD  1 
ATOM   526  O OE1 . GLU A 1 92  ? 12.706  4.653   15.419  1.00 55.03 ? 92  GLU A OE1 1 
ATOM   527  O OE2 . GLU A 1 92  ? 12.035  2.567   15.171  1.00 52.70 ? 92  GLU A OE2 1 
ATOM   528  N N   . ASP A 1 98  ? -2.605  16.202  19.180  1.00 33.35 ? 98  ASP A N   1 
ATOM   529  C CA  . ASP A 1 98  ? -3.925  15.683  19.507  1.00 32.66 ? 98  ASP A CA  1 
ATOM   530  C C   . ASP A 1 98  ? -4.218  14.348  18.790  1.00 32.11 ? 98  ASP A C   1 
ATOM   531  O O   . ASP A 1 98  ? -3.491  13.952  17.890  1.00 30.16 ? 98  ASP A O   1 
ATOM   532  C CB  . ASP A 1 98  ? -5.048  16.762  19.401  1.00 33.50 ? 98  ASP A CB  1 
ATOM   533  C CG  . ASP A 1 98  ? -5.530  17.057  17.951  1.00 37.24 ? 98  ASP A CG  1 
ATOM   534  O OD1 . ASP A 1 98  ? -5.127  16.413  16.962  1.00 34.29 ? 98  ASP A OD1 1 
ATOM   535  O OD2 . ASP A 1 98  ? -6.369  17.986  17.828  1.00 43.40 ? 98  ASP A OD2 1 
ATOM   536  N N   . ARG A 1 99  ? -5.252  13.649  19.246  1.00 31.01 ? 99  ARG A N   1 
ATOM   537  C CA  . ARG A 1 99  ? -5.575  12.304  18.756  1.00 31.13 ? 99  ARG A CA  1 
ATOM   538  C C   . ARG A 1 99  ? -5.965  12.268  17.256  1.00 29.50 ? 99  ARG A C   1 
ATOM   539  O O   . ARG A 1 99  ? -5.531  11.368  16.533  1.00 28.87 ? 99  ARG A O   1 
ATOM   540  C CB  . ARG A 1 99  ? -6.644  11.679  19.647  1.00 31.79 ? 99  ARG A CB  1 
ATOM   541  C CG  . ARG A 1 99  ? -8.051  12.148  19.353  1.00 34.91 ? 99  ARG A CG  1 
ATOM   542  C CD  . ARG A 1 99  ? -8.971  12.045  20.567  1.00 38.85 ? 99  ARG A CD  1 
ATOM   543  N NE  . ARG A 1 99  ? -10.314 12.415  20.143  1.00 41.92 ? 99  ARG A NE  1 
ATOM   544  C CZ  . ARG A 1 99  ? -11.409 12.291  20.899  1.00 43.99 ? 99  ARG A CZ  1 
ATOM   545  N NH1 . ARG A 1 99  ? -11.325 11.797  22.129  1.00 40.86 ? 99  ARG A NH1 1 
ATOM   546  N NH2 . ARG A 1 99  ? -12.592 12.644  20.407  1.00 45.03 ? 99  ARG A NH2 1 
ATOM   547  N N   . GLU A 1 100 ? -6.731  13.266  16.796  1.00 27.12 ? 100 GLU A N   1 
ATOM   548  C CA  . GLU A 1 100 ? -7.074  13.336  15.391  1.00 27.55 ? 100 GLU A CA  1 
ATOM   549  C C   . GLU A 1 100 ? -5.824  13.425  14.514  1.00 26.93 ? 100 GLU A C   1 
ATOM   550  O O   . GLU A 1 100 ? -5.671  12.763  13.484  1.00 24.96 ? 100 GLU A O   1 
ATOM   551  C CB  . GLU A 1 100 ? -7.997  14.524  15.110  1.00 27.80 ? 100 GLU A CB  1 
ATOM   552  C CG  . GLU A 1 100 ? -8.234  14.620  13.625  1.00 34.75 ? 100 GLU A CG  1 
ATOM   553  C CD  . GLU A 1 100 ? -9.309  15.567  13.222  1.00 41.87 ? 100 GLU A CD  1 
ATOM   554  O OE1 . GLU A 1 100 ? -10.334 15.658  13.928  1.00 46.51 ? 100 GLU A OE1 1 
ATOM   555  O OE2 . GLU A 1 100 ? -9.123  16.195  12.157  1.00 47.45 ? 100 GLU A OE2 1 
ATOM   556  N N   . ASN A 1 101 ? -4.902  14.279  14.936  1.00 25.75 ? 101 ASN A N   1 
ATOM   557  C CA  . ASN A 1 101 ? -3.671  14.437  14.196  1.00 26.23 ? 101 ASN A CA  1 
ATOM   558  C C   . ASN A 1 101 ? -2.758  13.206  14.162  1.00 23.47 ? 101 ASN A C   1 
ATOM   559  O O   . ASN A 1 101 ? -2.068  12.944  13.160  1.00 24.91 ? 101 ASN A O   1 
ATOM   560  C CB  . ASN A 1 101 ? -2.910  15.619  14.805  1.00 26.93 ? 101 ASN A CB  1 
ATOM   561  C CG  . ASN A 1 101 ? -2.223  16.367  13.775  1.00 31.04 ? 101 ASN A CG  1 
ATOM   562  O OD1 . ASN A 1 101 ? -1.008  16.317  13.730  1.00 36.07 ? 101 ASN A OD1 1 
ATOM   563  N ND2 . ASN A 1 101 ? -2.993  17.016  12.853  1.00 30.43 ? 101 ASN A ND2 1 
ATOM   564  N N   . MET A 1 102 ? -2.693  12.501  15.281  1.00 22.96 ? 102 MET A N   1 
ATOM   565  C CA  . MET A 1 102 ? -1.944  11.230  15.351  1.00 22.20 ? 102 MET A CA  1 
ATOM   566  C C   . MET A 1 102 ? -2.445  10.222  14.316  1.00 20.04 ? 102 MET A C   1 
ATOM   567  O O   . MET A 1 102 ? -1.659  9.619   13.606  1.00 18.63 ? 102 MET A O   1 
ATOM   568  C CB  . MET A 1 102 ? -2.015  10.630  16.764  1.00 21.83 ? 102 MET A CB  1 
ATOM   569  C CG  . MET A 1 102 ? -1.513  9.152   16.849  1.00 26.02 ? 102 MET A CG  1 
ATOM   570  S SD  . MET A 1 102 ? -1.661  8.375   18.496  1.00 33.00 ? 102 MET A SD  1 
ATOM   571  C CE  . MET A 1 102 ? -3.402  7.923   18.509  1.00 29.55 ? 102 MET A CE  1 
ATOM   572  N N   . TRP A 1 103 ? -3.766  10.042  14.223  1.00 19.28 ? 103 TRP A N   1 
ATOM   573  C CA  . TRP A 1 103 ? -4.327  9.099   13.246  1.00 17.96 ? 103 TRP A CA  1 
ATOM   574  C C   . TRP A 1 103 ? -4.104  9.635   11.839  1.00 18.67 ? 103 TRP A C   1 
ATOM   575  O O   . TRP A 1 103 ? -3.722  8.888   10.933  1.00 19.67 ? 103 TRP A O   1 
ATOM   576  C CB  . TRP A 1 103 ? -5.854  8.830   13.514  1.00 16.62 ? 103 TRP A CB  1 
ATOM   577  C CG  . TRP A 1 103 ? -6.002  8.026   14.793  1.00 18.52 ? 103 TRP A CG  1 
ATOM   578  C CD1 . TRP A 1 103 ? -6.547  8.454   15.983  1.00 17.40 ? 103 TRP A CD1 1 
ATOM   579  C CD2 . TRP A 1 103 ? -5.598  6.652   15.004  1.00 16.28 ? 103 TRP A CD2 1 
ATOM   580  N NE1 . TRP A 1 103 ? -6.494  7.431   16.933  1.00 18.68 ? 103 TRP A NE1 1 
ATOM   581  C CE2 . TRP A 1 103 ? -5.888  6.335   16.377  1.00 18.40 ? 103 TRP A CE2 1 
ATOM   582  C CE3 . TRP A 1 103 ? -4.969  5.682   14.200  1.00 16.13 ? 103 TRP A CE3 1 
ATOM   583  C CZ2 . TRP A 1 103 ? -5.607  5.083   16.948  1.00 17.39 ? 103 TRP A CZ2 1 
ATOM   584  C CZ3 . TRP A 1 103 ? -4.667  4.401   14.795  1.00 16.03 ? 103 TRP A CZ3 1 
ATOM   585  C CH2 . TRP A 1 103 ? -5.023  4.113   16.133  1.00 19.35 ? 103 TRP A CH2 1 
ATOM   586  N N   . ARG A 1 104 ? -4.292  10.939  11.656  1.00 17.59 ? 104 ARG A N   1 
ATOM   587  C CA  . ARG A 1 104 ? -4.079  11.534  10.329  1.00 17.75 ? 104 ARG A CA  1 
ATOM   588  C C   . ARG A 1 104 ? -2.625  11.306  9.812   1.00 18.08 ? 104 ARG A C   1 
ATOM   589  O O   . ARG A 1 104 ? -2.376  10.945  8.626   1.00 17.16 ? 104 ARG A O   1 
ATOM   590  C CB  . ARG A 1 104 ? -4.400  13.057  10.409  1.00 18.04 ? 104 ARG A CB  1 
ATOM   591  C CG  . ARG A 1 104 ? -4.121  13.790  9.076   1.00 18.27 ? 104 ARG A CG  1 
ATOM   592  C CD  . ARG A 1 104 ? -4.569  15.276  9.087   1.00 22.32 ? 104 ARG A CD  1 
ATOM   593  N NE  . ARG A 1 104 ? -5.979  15.427  9.428   1.00 26.26 ? 104 ARG A NE  1 
ATOM   594  C CZ  . ARG A 1 104 ? -7.002  15.438  8.562   1.00 28.52 ? 104 ARG A CZ  1 
ATOM   595  N NH1 . ARG A 1 104 ? -6.805  15.378  7.238   1.00 32.20 ? 104 ARG A NH1 1 
ATOM   596  N NH2 . ARG A 1 104 ? -8.245  15.595  9.027   1.00 26.65 ? 104 ARG A NH2 1 
ATOM   597  N N   . THR A 1 105 ? -1.659  11.539  10.703  1.00 18.26 ? 105 THR A N   1 
ATOM   598  C CA  . THR A 1 105 ? -0.280  11.307  10.382  1.00 18.64 ? 105 THR A CA  1 
ATOM   599  C C   . THR A 1 105 ? 0.005   9.869   10.035  1.00 19.66 ? 105 THR A C   1 
ATOM   600  O O   . THR A 1 105 ? 0.768   9.603   9.111   1.00 20.68 ? 105 THR A O   1 
ATOM   601  C CB  . THR A 1 105 ? 0.704   11.832  11.543  1.00 20.18 ? 105 THR A CB  1 
ATOM   602  O OG1 . THR A 1 105 ? 0.395   13.204  11.794  1.00 22.74 ? 105 THR A OG1 1 
ATOM   603  C CG2 . THR A 1 105 ? 2.106   11.825  11.021  1.00 21.52 ? 105 THR A CG2 1 
ATOM   604  N N   . GLY A 1 106 ? -0.604  8.905   10.738  1.00 20.84 ? 106 GLY A N   1 
ATOM   605  C CA  . GLY A 1 106 ? -0.466  7.505   10.317  1.00 18.50 ? 106 GLY A CA  1 
ATOM   606  C C   . GLY A 1 106 ? -1.137  7.157   8.980   1.00 17.24 ? 106 GLY A C   1 
ATOM   607  O O   . GLY A 1 106 ? -0.521  6.509   8.096   1.00 16.11 ? 106 GLY A O   1 
ATOM   608  N N   . ILE A 1 107 ? -2.398  7.550   8.802   1.00 15.52 ? 107 ILE A N   1 
ATOM   609  C CA  . ILE A 1 107 ? -3.035  7.293   7.495   1.00 14.51 ? 107 ILE A CA  1 
ATOM   610  C C   . ILE A 1 107 ? -2.264  7.939   6.364   1.00 14.92 ? 107 ILE A C   1 
ATOM   611  O O   . ILE A 1 107 ? -2.142  7.381   5.255   1.00 15.80 ? 107 ILE A O   1 
ATOM   612  C CB  . ILE A 1 107 ? -4.512  7.769   7.508   1.00 14.05 ? 107 ILE A CB  1 
ATOM   613  C CG1 . ILE A 1 107 ? -5.293  6.966   8.604   1.00 13.12 ? 107 ILE A CG1 1 
ATOM   614  C CG2 . ILE A 1 107 ? -5.116  7.695   6.092   1.00 13.51 ? 107 ILE A CG2 1 
ATOM   615  C CD1 . ILE A 1 107 ? -6.655  7.640   8.990   1.00 16.78 ? 107 ILE A CD1 1 
ATOM   616  N N   . ASN A 1 108 ? -1.728  9.137   6.627   1.00 14.75 ? 108 ASN A N   1 
ATOM   617  C CA  . ASN A 1 108 ? -0.960  9.831   5.632   1.00 16.56 ? 108 ASN A CA  1 
ATOM   618  C C   . ASN A 1 108 ? 0.252   9.068   5.118   1.00 15.77 ? 108 ASN A C   1 
ATOM   619  O O   . ASN A 1 108 ? 0.669   9.266   3.992   1.00 17.51 ? 108 ASN A O   1 
ATOM   620  C CB  . ASN A 1 108 ? -0.460  11.219  6.171   1.00 17.17 ? 108 ASN A CB  1 
ATOM   621  C CG  . ASN A 1 108 ? 0.114   12.090  5.059   1.00 17.50 ? 108 ASN A CG  1 
ATOM   622  O OD1 . ASN A 1 108 ? -0.586  12.451  4.131   1.00 17.39 ? 108 ASN A OD1 1 
ATOM   623  N ND2 . ASN A 1 108 ? 1.374   12.522  5.215   1.00 16.15 ? 108 ASN A ND2 1 
ATOM   624  N N   . VAL A 1 109 ? 0.857   8.240   5.944   1.00 17.02 ? 109 VAL A N   1 
ATOM   625  C CA  . VAL A 1 109 ? 1.973   7.417   5.456   1.00 18.36 ? 109 VAL A CA  1 
ATOM   626  C C   . VAL A 1 109 ? 1.548   6.653   4.206   1.00 17.02 ? 109 VAL A C   1 
ATOM   627  O O   . VAL A 1 109 ? 2.302   6.557   3.209   1.00 16.68 ? 109 VAL A O   1 
ATOM   628  C CB  . VAL A 1 109 ? 2.443   6.425   6.580   1.00 19.10 ? 109 VAL A CB  1 
ATOM   629  C CG1 . VAL A 1 109 ? 3.262   5.226   6.039   1.00 21.07 ? 109 VAL A CG1 1 
ATOM   630  C CG2 . VAL A 1 109 ? 3.262   7.173   7.650   1.00 21.87 ? 109 VAL A CG2 1 
ATOM   631  N N   . PHE A 1 110 ? 0.345   6.072   4.244   1.00 15.21 ? 110 PHE A N   1 
ATOM   632  C CA  . PHE A 1 110 ? -0.113  5.219   3.136   1.00 14.06 ? 110 PHE A CA  1 
ATOM   633  C C   . PHE A 1 110 ? -0.587  6.064   1.966   1.00 15.27 ? 110 PHE A C   1 
ATOM   634  O O   . PHE A 1 110 ? -0.286  5.789   0.782   1.00 15.18 ? 110 PHE A O   1 
ATOM   635  C CB  . PHE A 1 110 ? -1.253  4.290   3.677   1.00 13.36 ? 110 PHE A CB  1 
ATOM   636  C CG  . PHE A 1 110 ? -0.718  3.304   4.680   1.00 14.65 ? 110 PHE A CG  1 
ATOM   637  C CD1 . PHE A 1 110 ? -0.024  2.208   4.247   1.00 15.50 ? 110 PHE A CD1 1 
ATOM   638  C CD2 . PHE A 1 110 ? -0.768  3.593   6.044   1.00 16.66 ? 110 PHE A CD2 1 
ATOM   639  C CE1 . PHE A 1 110 ? 0.600   1.322   5.192   1.00 13.98 ? 110 PHE A CE1 1 
ATOM   640  C CE2 . PHE A 1 110 ? -0.179  2.740   6.986   1.00 20.73 ? 110 PHE A CE2 1 
ATOM   641  C CZ  . PHE A 1 110 ? 0.508   1.595   6.532   1.00 17.29 ? 110 PHE A CZ  1 
ATOM   642  N N   . PHE A 1 111 ? -1.287  7.146   2.288   1.00 16.59 ? 111 PHE A N   1 
ATOM   643  C CA  . PHE A 1 111 ? -1.713  8.091   1.234   1.00 18.11 ? 111 PHE A CA  1 
ATOM   644  C C   . PHE A 1 111 ? -0.485  8.601   0.429   1.00 18.43 ? 111 PHE A C   1 
ATOM   645  O O   . PHE A 1 111 ? -0.516  8.601   -0.779  1.00 17.19 ? 111 PHE A O   1 
ATOM   646  C CB  . PHE A 1 111 ? -2.421  9.284   1.915   1.00 18.67 ? 111 PHE A CB  1 
ATOM   647  C CG  . PHE A 1 111 ? -2.850  10.393  0.968   1.00 20.03 ? 111 PHE A CG  1 
ATOM   648  C CD1 . PHE A 1 111 ? -3.936  10.213  0.093   1.00 21.01 ? 111 PHE A CD1 1 
ATOM   649  C CD2 . PHE A 1 111 ? -2.219  11.638  1.004   1.00 24.02 ? 111 PHE A CD2 1 
ATOM   650  C CE1 . PHE A 1 111 ? -4.367  11.275  -0.767  1.00 20.02 ? 111 PHE A CE1 1 
ATOM   651  C CE2 . PHE A 1 111 ? -2.616  12.695  0.147   1.00 24.88 ? 111 PHE A CE2 1 
ATOM   652  C CZ  . PHE A 1 111 ? -3.691  12.515  -0.737  1.00 21.10 ? 111 PHE A CZ  1 
ATOM   653  N N   . GLU A 1 112 ? 0.568   9.081   1.126   1.00 18.93 ? 112 GLU A N   1 
ATOM   654  C CA  . GLU A 1 112 ? 1.745   9.613   0.437   1.00 19.37 ? 112 GLU A CA  1 
ATOM   655  C C   . GLU A 1 112 ? 2.602   8.514   -0.160  1.00 20.18 ? 112 GLU A C   1 
ATOM   656  O O   . GLU A 1 112 ? 3.120   8.707   -1.263  1.00 21.03 ? 112 GLU A O   1 
ATOM   657  C CB  . GLU A 1 112 ? 2.675   10.391  1.424   1.00 19.82 ? 112 GLU A CB  1 
ATOM   658  C CG  . GLU A 1 112 ? 2.112   11.750  1.795   1.00 20.80 ? 112 GLU A CG  1 
ATOM   659  C CD  . GLU A 1 112 ? 2.028   12.723  0.590   1.00 28.94 ? 112 GLU A CD  1 
ATOM   660  O OE1 . GLU A 1 112 ? 2.853   12.577  -0.350  1.00 30.21 ? 112 GLU A OE1 1 
ATOM   661  O OE2 . GLU A 1 112 ? 1.137   13.611  0.592   1.00 28.17 ? 112 GLU A OE2 1 
ATOM   662  N N   . THR A 1 113 ? 2.775   7.388   0.546   1.00 18.01 ? 113 THR A N   1 
ATOM   663  C CA  . THR A 1 113 ? 3.681   6.352   0.010   1.00 20.33 ? 113 THR A CA  1 
ATOM   664  C C   . THR A 1 113 ? 3.087   5.687   -1.249  1.00 19.10 ? 113 THR A C   1 
ATOM   665  O O   . THR A 1 113 ? 3.768   5.582   -2.316  1.00 17.92 ? 113 THR A O   1 
ATOM   666  C CB  . THR A 1 113 ? 4.095   5.265   1.043   1.00 20.99 ? 113 THR A CB  1 
ATOM   667  O OG1 . THR A 1 113 ? 4.641   5.884   2.220   1.00 19.55 ? 113 THR A OG1 1 
ATOM   668  C CG2 . THR A 1 113 ? 5.191   4.323   0.457   1.00 24.39 ? 113 THR A CG2 1 
ATOM   669  N N   . PHE A 1 114 ? 1.840   5.220   -1.148  1.00 16.67 ? 114 PHE A N   1 
ATOM   670  C CA  . PHE A 1 114 ? 1.241   4.521   -2.287  1.00 16.54 ? 114 PHE A CA  1 
ATOM   671  C C   . PHE A 1 114 ? 0.851   5.523   -3.355  1.00 17.35 ? 114 PHE A C   1 
ATOM   672  O O   . PHE A 1 114 ? 0.911   5.251   -4.589  1.00 15.91 ? 114 PHE A O   1 
ATOM   673  C CB  . PHE A 1 114 ? 0.053   3.618   -1.812  1.00 16.16 ? 114 PHE A CB  1 
ATOM   674  C CG  . PHE A 1 114 ? 0.520   2.357   -1.128  1.00 17.75 ? 114 PHE A CG  1 
ATOM   675  C CD1 . PHE A 1 114 ? 0.928   1.255   -1.898  1.00 20.98 ? 114 PHE A CD1 1 
ATOM   676  C CD2 . PHE A 1 114 ? 0.563   2.260   0.242   1.00 17.86 ? 114 PHE A CD2 1 
ATOM   677  C CE1 . PHE A 1 114 ? 1.412   0.077   -1.307  1.00 18.25 ? 114 PHE A CE1 1 
ATOM   678  C CE2 . PHE A 1 114 ? 1.104   1.050   0.880   1.00 18.99 ? 114 PHE A CE2 1 
ATOM   679  C CZ  . PHE A 1 114 ? 1.465   -0.026  0.106   1.00 19.38 ? 114 PHE A CZ  1 
ATOM   680  N N   . GLY A 1 115 ? 0.449   6.706   -2.885  1.00 17.98 ? 115 GLY A N   1 
ATOM   681  C CA  . GLY A 1 115 ? -0.023  7.742   -3.832  1.00 19.24 ? 115 GLY A CA  1 
ATOM   682  C C   . GLY A 1 115 ? 1.115   8.364   -4.611  1.00 20.15 ? 115 GLY A C   1 
ATOM   683  O O   . GLY A 1 115 ? 0.888   8.964   -5.669  1.00 20.09 ? 115 GLY A O   1 
ATOM   684  N N   . SER A 1 116 ? 2.334   8.239   -4.107  1.00 20.03 ? 116 SER A N   1 
ATOM   685  C CA  . SER A 1 116 ? 3.551   8.615   -4.894  1.00 22.77 ? 116 SER A CA  1 
ATOM   686  C C   . SER A 1 116 ? 4.018   7.495   -5.845  1.00 22.17 ? 116 SER A C   1 
ATOM   687  O O   . SER A 1 116 ? 4.928   7.707   -6.653  1.00 22.34 ? 116 SER A O   1 
ATOM   688  C CB  . SER A 1 116 ? 4.731   8.976   -3.956  1.00 23.04 ? 116 SER A CB  1 
ATOM   689  O OG  . SER A 1 116 ? 4.335   10.193  -3.293  1.00 24.47 ? 116 SER A OG  1 
ATOM   690  N N   . HIS A 1 117 ? 3.448   6.316   -5.702  1.00 20.26 ? 117 HIS A N   1 
ATOM   691  C CA  . HIS A 1 117 ? 3.751   5.162   -6.593  1.00 22.05 ? 117 HIS A CA  1 
ATOM   692  C C   . HIS A 1 117 ? 2.459   4.534   -7.086  1.00 22.45 ? 117 HIS A C   1 
ATOM   693  O O   . HIS A 1 117 ? 2.211   3.360   -6.811  1.00 22.05 ? 117 HIS A O   1 
ATOM   694  C CB  . HIS A 1 117 ? 4.620   4.116   -5.858  1.00 20.48 ? 117 HIS A CB  1 
ATOM   695  C CG  . HIS A 1 117 ? 5.968   4.635   -5.513  1.00 23.37 ? 117 HIS A CG  1 
ATOM   696  N ND1 . HIS A 1 117 ? 6.251   5.223   -4.292  1.00 27.52 ? 117 HIS A ND1 1 
ATOM   697  C CD2 . HIS A 1 117 ? 7.095   4.767   -6.271  1.00 20.64 ? 117 HIS A CD2 1 
ATOM   698  C CE1 . HIS A 1 117 ? 7.500   5.675   -4.304  1.00 23.75 ? 117 HIS A CE1 1 
ATOM   699  N NE2 . HIS A 1 117 ? 8.035   5.394   -5.480  1.00 25.20 ? 117 HIS A NE2 1 
ATOM   700  N N   . LYS A 1 118 ? 1.639   5.322   -7.805  1.00 22.56 ? 118 LYS A N   1 
ATOM   701  C CA  . LYS A 1 118 ? 0.328   4.852   -8.254  1.00 22.86 ? 118 LYS A CA  1 
ATOM   702  C C   . LYS A 1 118 ? 0.347   3.695   -9.242  1.00 22.55 ? 118 LYS A C   1 
ATOM   703  O O   . LYS A 1 118 ? -0.503  2.813   -9.155  1.00 20.86 ? 118 LYS A O   1 
ATOM   704  C CB  . LYS A 1 118 ? -0.469  5.997   -8.885  1.00 24.11 ? 118 LYS A CB  1 
ATOM   705  C CG  . LYS A 1 118 ? -0.814  7.183   -7.921  1.00 22.16 ? 118 LYS A CG  1 
ATOM   706  C CD  . LYS A 1 118 ? -1.813  8.082   -8.690  1.00 22.88 ? 118 LYS A CD  1 
ATOM   707  C CE  . LYS A 1 118 ? -2.432  9.218   -7.923  1.00 29.38 ? 118 LYS A CE  1 
ATOM   708  N NZ  . LYS A 1 118 ? -1.525  9.933   -7.057  1.00 30.42 ? 118 LYS A NZ  1 
ATOM   709  N N   . ALA A 1 119 ? 1.275   3.724   -10.221 1.00 21.30 ? 119 ALA A N   1 
ATOM   710  C CA  . ALA A 1 119 ? 1.355   2.654   -11.207 1.00 20.17 ? 119 ALA A CA  1 
ATOM   711  C C   . ALA A 1 119 ? 1.731   1.306   -10.545 1.00 19.18 ? 119 ALA A C   1 
ATOM   712  O O   . ALA A 1 119 ? 1.107   0.251   -10.823 1.00 19.87 ? 119 ALA A O   1 
ATOM   713  C CB  . ALA A 1 119 ? 2.344   3.057   -12.376 1.00 21.42 ? 119 ALA A CB  1 
ATOM   714  N N   . VAL A 1 120 ? 2.693   1.332   -9.635  1.00 19.76 ? 120 VAL A N   1 
ATOM   715  C CA  . VAL A 1 120 ? 3.062   0.113   -8.881  1.00 20.04 ? 120 VAL A CA  1 
ATOM   716  C C   . VAL A 1 120 ? 1.884   -0.340  -8.006  1.00 21.36 ? 120 VAL A C   1 
ATOM   717  O O   . VAL A 1 120 ? 1.563   -1.523  -7.947  1.00 20.92 ? 120 VAL A O   1 
ATOM   718  C CB  . VAL A 1 120 ? 4.328   0.314   -8.013  1.00 20.59 ? 120 VAL A CB  1 
ATOM   719  C CG1 . VAL A 1 120 ? 4.560   -0.899  -7.062  1.00 19.09 ? 120 VAL A CG1 1 
ATOM   720  C CG2 . VAL A 1 120 ? 5.590   0.509   -8.956  1.00 19.86 ? 120 VAL A CG2 1 
ATOM   721  N N   . THR A 1 121 ? 1.250   0.613   -7.309  1.00 21.37 ? 121 THR A N   1 
ATOM   722  C CA  . THR A 1 121 ? 0.056   0.303   -6.496  1.00 20.13 ? 121 THR A CA  1 
ATOM   723  C C   . THR A 1 121 ? -1.000  -0.415  -7.338  1.00 20.58 ? 121 THR A C   1 
ATOM   724  O O   . THR A 1 121 ? -1.460  -1.495  -6.950  1.00 21.68 ? 121 THR A O   1 
ATOM   725  C CB  . THR A 1 121 ? -0.552  1.629   -5.898  1.00 19.17 ? 121 THR A CB  1 
ATOM   726  O OG1 . THR A 1 121 ? 0.411   2.186   -5.014  1.00 18.49 ? 121 THR A OG1 1 
ATOM   727  C CG2 . THR A 1 121 ? -1.815  1.341   -5.125  1.00 19.31 ? 121 THR A CG2 1 
ATOM   728  N N   . ARG A 1 122 ? -1.347  0.174   -8.480  1.00 19.90 ? 122 ARG A N   1 
ATOM   729  C CA  . ARG A 1 122 ? -2.393  -0.353  -9.371  1.00 22.40 ? 122 ARG A CA  1 
ATOM   730  C C   . ARG A 1 122 ? -1.997  -1.787  -9.858  1.00 22.65 ? 122 ARG A C   1 
ATOM   731  O O   . ARG A 1 122 ? -2.735  -2.757  -9.718  1.00 22.10 ? 122 ARG A O   1 
ATOM   732  C CB  . ARG A 1 122 ? -2.525  0.566   -10.593 1.00 22.47 ? 122 ARG A CB  1 
ATOM   733  C CG  . ARG A 1 122 ? -3.541  0.126   -11.674 1.00 29.73 ? 122 ARG A CG  1 
ATOM   734  C CD  . ARG A 1 122 ? -3.723  1.230   -12.764 1.00 40.16 ? 122 ARG A CD  1 
ATOM   735  N NE  . ARG A 1 122 ? -2.542  1.354   -13.633 1.00 47.10 ? 122 ARG A NE  1 
ATOM   736  C CZ  . ARG A 1 122 ? -1.692  2.399   -13.678 1.00 49.00 ? 122 ARG A CZ  1 
ATOM   737  N NH1 . ARG A 1 122 ? -1.838  3.499   -12.902 1.00 43.42 ? 122 ARG A NH1 1 
ATOM   738  N NH2 . ARG A 1 122 ? -0.660  2.341   -14.522 1.00 45.61 ? 122 ARG A NH2 1 
ATOM   739  N N   . ALA A 1 123 ? -0.795  -1.916  -10.395 1.00 23.05 ? 123 ALA A N   1 
ATOM   740  C CA  . ALA A 1 123 ? -0.399  -3.208  -10.980 1.00 23.15 ? 123 ALA A CA  1 
ATOM   741  C C   . ALA A 1 123 ? -0.200  -4.230  -9.878  1.00 22.78 ? 123 ALA A C   1 
ATOM   742  O O   . ALA A 1 123 ? -0.527  -5.437  -10.052 1.00 22.92 ? 123 ALA A O   1 
ATOM   743  C CB  . ALA A 1 123 ? 0.867   -3.014  -11.792 1.00 22.60 ? 123 ALA A CB  1 
ATOM   744  N N   . GLY A 1 124 ? 0.313   -3.794  -8.720  1.00 20.99 ? 124 GLY A N   1 
ATOM   745  C CA  . GLY A 1 124 ? 0.521   -4.760  -7.617  1.00 22.00 ? 124 GLY A CA  1 
ATOM   746  C C   . GLY A 1 124 ? -0.791  -5.298  -7.062  1.00 22.85 ? 124 GLY A C   1 
ATOM   747  O O   . GLY A 1 124 ? -0.918  -6.470  -6.691  1.00 23.76 ? 124 GLY A O   1 
ATOM   748  N N   . GLN A 1 125 ? -1.777  -4.425  -6.962  1.00 21.80 ? 125 GLN A N   1 
ATOM   749  C CA  . GLN A 1 125 ? -3.095  -4.879  -6.500  1.00 22.76 ? 125 GLN A CA  1 
ATOM   750  C C   . GLN A 1 125 ? -3.732  -5.832  -7.502  1.00 22.69 ? 125 GLN A C   1 
ATOM   751  O O   . GLN A 1 125 ? -4.264  -6.833  -7.106  1.00 23.43 ? 125 GLN A O   1 
ATOM   752  C CB  . GLN A 1 125 ? -4.002  -3.663  -6.243  1.00 22.11 ? 125 GLN A CB  1 
ATOM   753  C CG  . GLN A 1 125 ? -3.466  -2.800  -4.987  1.00 21.34 ? 125 GLN A CG  1 
ATOM   754  C CD  . GLN A 1 125 ? -3.427  -3.635  -3.702  1.00 24.40 ? 125 GLN A CD  1 
ATOM   755  O OE1 . GLN A 1 125 ? -4.430  -4.208  -3.328  1.00 24.95 ? 125 GLN A OE1 1 
ATOM   756  N NE2 . GLN A 1 125 ? -2.252  -3.744  -3.057  1.00 24.24 ? 125 GLN A NE2 1 
ATOM   757  N N   . ALA A 1 126 ? -3.669  -5.523  -8.784  1.00 23.76 ? 126 ALA A N   1 
ATOM   758  C CA  . ALA A 1 126 ? -4.239  -6.441  -9.790  1.00 25.74 ? 126 ALA A CA  1 
ATOM   759  C C   . ALA A 1 126 ? -3.529  -7.788  -9.756  1.00 26.25 ? 126 ALA A C   1 
ATOM   760  O O   . ALA A 1 126 ? -4.163  -8.817  -9.936  1.00 26.66 ? 126 ALA A O   1 
ATOM   761  C CB  . ALA A 1 126 ? -4.134  -5.828  -11.167 1.00 26.62 ? 126 ALA A CB  1 
ATOM   762  N N   . ALA A 1 127 ? -2.206  -7.778  -9.510  1.00 25.48 ? 127 ALA A N   1 
ATOM   763  C CA  . ALA A 1 127 ? -1.426  -9.051  -9.466  1.00 25.03 ? 127 ALA A CA  1 
ATOM   764  C C   . ALA A 1 127 ? -1.794  -9.957  -8.287  1.00 24.89 ? 127 ALA A C   1 
ATOM   765  O O   . ALA A 1 127 ? -1.560  -11.169 -8.354  1.00 23.03 ? 127 ALA A O   1 
ATOM   766  C CB  . ALA A 1 127 ? 0.079   -8.783  -9.444  1.00 22.55 ? 127 ALA A CB  1 
ATOM   767  N N   . ARG A 1 128 ? -2.403  -9.422  -7.222  1.00 23.81 ? 128 ARG A N   1 
ATOM   768  C CA  . ARG A 1 128 ? -2.854  -10.311 -6.124  1.00 25.40 ? 128 ARG A CA  1 
ATOM   769  C C   . ARG A 1 128 ? -3.727  -11.470 -6.629  1.00 26.99 ? 128 ARG A C   1 
ATOM   770  O O   . ARG A 1 128 ? -3.762  -12.553 -6.015  1.00 27.55 ? 128 ARG A O   1 
ATOM   771  C CB  . ARG A 1 128 ? -3.673  -9.568  -5.056  1.00 24.10 ? 128 ARG A CB  1 
ATOM   772  C CG  . ARG A 1 128 ? -2.851  -8.499  -4.373  1.00 25.87 ? 128 ARG A CG  1 
ATOM   773  C CD  . ARG A 1 128 ? -3.741  -7.543  -3.570  1.00 25.77 ? 128 ARG A CD  1 
ATOM   774  N NE  . ARG A 1 128 ? -4.565  -8.270  -2.634  1.00 25.47 ? 128 ARG A NE  1 
ATOM   775  C CZ  . ARG A 1 128 ? -5.482  -7.701  -1.835  1.00 32.70 ? 128 ARG A CZ  1 
ATOM   776  N NH1 . ARG A 1 128 ? -5.747  -6.359  -1.881  1.00 24.08 ? 128 ARG A NH1 1 
ATOM   777  N NH2 . ARG A 1 128 ? -6.126  -8.487  -0.981  1.00 23.74 ? 128 ARG A NH2 1 
ATOM   778  N N   . ALA A 1 129 ? -4.460  -11.227 -7.696  1.00 27.53 ? 129 ALA A N   1 
ATOM   779  C CA  . ALA A 1 129 ? -5.339  -12.240 -8.250  1.00 30.67 ? 129 ALA A CA  1 
ATOM   780  C C   . ALA A 1 129 ? -4.565  -13.428 -8.897  1.00 32.10 ? 129 ALA A C   1 
ATOM   781  O O   . ALA A 1 129 ? -5.043  -14.578 -8.896  1.00 32.33 ? 129 ALA A O   1 
ATOM   782  C CB  . ALA A 1 129 ? -6.373  -11.596 -9.249  1.00 28.47 ? 129 ALA A CB  1 
ATOM   783  N N   . THR A 1 130 ? -3.364  -13.155 -9.429  1.00 33.91 ? 130 THR A N   1 
ATOM   784  C CA  . THR A 1 130 ? -2.685  -14.128 -10.317 1.00 33.45 ? 130 THR A CA  1 
ATOM   785  C C   . THR A 1 130 ? -1.348  -14.588 -9.733  1.00 34.70 ? 130 THR A C   1 
ATOM   786  O O   . THR A 1 130 ? -0.743  -15.558 -10.223 1.00 33.87 ? 130 THR A O   1 
ATOM   787  C CB  . THR A 1 130 ? -2.490  -13.571 -11.732 1.00 34.01 ? 130 THR A CB  1 
ATOM   788  O OG1 . THR A 1 130 ? -1.793  -12.325 -11.667 1.00 32.33 ? 130 THR A OG1 1 
ATOM   789  C CG2 . THR A 1 130 ? -3.861  -13.339 -12.420 1.00 35.38 ? 130 THR A CG2 1 
ATOM   790  N N   . SER A 1 131 ? -0.874  -13.889 -8.705  1.00 31.42 ? 131 SER A N   1 
ATOM   791  C CA  . SER A 1 131 ? 0.373   -14.254 -8.121  1.00 30.59 ? 131 SER A CA  1 
ATOM   792  C C   . SER A 1 131 ? 0.227   -14.540 -6.644  1.00 30.70 ? 131 SER A C   1 
ATOM   793  O O   . SER A 1 131 ? -0.178  -13.658 -5.863  1.00 29.78 ? 131 SER A O   1 
ATOM   794  C CB  . SER A 1 131 ? 1.412   -13.166 -8.384  1.00 29.26 ? 131 SER A CB  1 
ATOM   795  O OG  . SER A 1 131 ? 2.449   -13.288 -7.443  1.00 29.05 ? 131 SER A OG  1 
ATOM   796  N N   . VAL A 1 132 ? 0.530   -15.786 -6.239  1.00 30.25 ? 132 VAL A N   1 
ATOM   797  C CA  . VAL A 1 132 ? 0.425   -16.145 -4.839  1.00 30.44 ? 132 VAL A CA  1 
ATOM   798  C C   . VAL A 1 132 ? 1.474   -15.359 -4.057  1.00 28.45 ? 132 VAL A C   1 
ATOM   799  O O   . VAL A 1 132 ? 1.255   -15.018 -2.900  1.00 26.26 ? 132 VAL A O   1 
ATOM   800  C CB  . VAL A 1 132 ? 0.612   -17.679 -4.552  1.00 32.26 ? 132 VAL A CB  1 
ATOM   801  C CG1 . VAL A 1 132 ? -0.249  -18.541 -5.513  1.00 34.12 ? 132 VAL A CG1 1 
ATOM   802  C CG2 . VAL A 1 132 ? 2.113   -18.093 -4.664  1.00 34.14 ? 132 VAL A CG2 1 
ATOM   803  N N   . GLU A 1 133 ? 2.641   -15.109 -4.649  1.00 26.76 ? 133 GLU A N   1 
ATOM   804  C CA  . GLU A 1 133 ? 3.686   -14.373 -3.889  1.00 27.26 ? 133 GLU A CA  1 
ATOM   805  C C   . GLU A 1 133 ? 3.213   -12.893 -3.639  1.00 24.90 ? 133 GLU A C   1 
ATOM   806  O O   . GLU A 1 133 ? 3.497   -12.316 -2.581  1.00 25.00 ? 133 GLU A O   1 
ATOM   807  C CB  . GLU A 1 133 ? 5.027   -14.328 -4.638  1.00 27.94 ? 133 GLU A CB  1 
ATOM   808  C CG  . GLU A 1 133 ? 5.755   -15.683 -4.849  1.00 36.22 ? 133 GLU A CG  1 
ATOM   809  C CD  . GLU A 1 133 ? 5.103   -16.589 -5.920  1.00 47.61 ? 133 GLU A CD  1 
ATOM   810  O OE1 . GLU A 1 133 ? 4.379   -16.090 -6.856  1.00 48.55 ? 133 GLU A OE1 1 
ATOM   811  O OE2 . GLU A 1 133 ? 5.315   -17.836 -5.803  1.00 53.54 ? 133 GLU A OE2 1 
ATOM   812  N N   . VAL A 1 134 ? 2.578   -12.286 -4.646  1.00 23.57 ? 134 VAL A N   1 
ATOM   813  C CA  . VAL A 1 134 ? 2.007   -10.921 -4.453  1.00 23.24 ? 134 VAL A CA  1 
ATOM   814  C C   . VAL A 1 134 ? 0.866   -10.978 -3.423  1.00 22.65 ? 134 VAL A C   1 
ATOM   815  O O   . VAL A 1 134 ? 0.874   -10.203 -2.472  1.00 21.50 ? 134 VAL A O   1 
ATOM   816  C CB  . VAL A 1 134 ? 1.525   -10.227 -5.779  1.00 24.63 ? 134 VAL A CB  1 
ATOM   817  C CG1 . VAL A 1 134 ? 0.717   -8.919  -5.479  1.00 21.34 ? 134 VAL A CG1 1 
ATOM   818  C CG2 . VAL A 1 134 ? 2.741   -9.824  -6.697  1.00 22.34 ? 134 VAL A CG2 1 
ATOM   819  N N   . ALA A 1 135 ? -0.103  -11.888 -3.606  1.00 21.44 ? 135 ALA A N   1 
ATOM   820  C CA  . ALA A 1 135 ? -1.113  -12.112 -2.510  1.00 21.59 ? 135 ALA A CA  1 
ATOM   821  C C   . ALA A 1 135 ? -0.541  -12.297 -1.093  1.00 21.51 ? 135 ALA A C   1 
ATOM   822  O O   . ALA A 1 135 ? -1.005  -11.640 -0.173  1.00 18.44 ? 135 ALA A O   1 
ATOM   823  C CB  . ALA A 1 135 ? -2.182  -13.241 -2.875  1.00 20.68 ? 135 ALA A CB  1 
ATOM   824  N N   . GLU A 1 136 ? 0.484   -13.157 -0.909  1.00 20.72 ? 136 GLU A N   1 
ATOM   825  C CA  . GLU A 1 136 ? 1.054   -13.403 0.413   1.00 22.67 ? 136 GLU A CA  1 
ATOM   826  C C   . GLU A 1 136 ? 1.782   -12.182 0.977   1.00 20.79 ? 136 GLU A C   1 
ATOM   827  O O   . GLU A 1 136 ? 1.686   -11.936 2.165   1.00 21.48 ? 136 GLU A O   1 
ATOM   828  C CB  . GLU A 1 136 ? 1.989   -14.671 0.416   1.00 23.95 ? 136 GLU A CB  1 
ATOM   829  C CG  . GLU A 1 136 ? 1.089   -15.960 0.161   1.00 30.14 ? 136 GLU A CG  1 
ATOM   830  C CD  . GLU A 1 136 ? 1.916   -17.272 0.184   1.00 39.55 ? 136 GLU A CD  1 
ATOM   831  O OE1 . GLU A 1 136 ? 3.159   -17.187 -0.006  1.00 39.62 ? 136 GLU A OE1 1 
ATOM   832  O OE2 . GLU A 1 136 ? 1.315   -18.363 0.378   1.00 40.65 ? 136 GLU A OE2 1 
ATOM   833  N N   . LEU A 1 137 ? 2.501   -11.459 0.123   1.00 19.73 ? 137 LEU A N   1 
ATOM   834  C CA  . LEU A 1 137 ? 3.158   -10.195 0.475   1.00 20.31 ? 137 LEU A CA  1 
ATOM   835  C C   . LEU A 1 137 ? 2.118   -9.222  1.027   1.00 19.31 ? 137 LEU A C   1 
ATOM   836  O O   . LEU A 1 137 ? 2.276   -8.688  2.144   1.00 17.95 ? 137 LEU A O   1 
ATOM   837  C CB  . LEU A 1 137 ? 3.864   -9.564  -0.774  1.00 19.22 ? 137 LEU A CB  1 
ATOM   838  C CG  . LEU A 1 137 ? 4.569   -8.213  -0.475  1.00 23.88 ? 137 LEU A CG  1 
ATOM   839  C CD1 . LEU A 1 137 ? 5.671   -8.324  0.611   1.00 25.18 ? 137 LEU A CD1 1 
ATOM   840  C CD2 . LEU A 1 137 ? 5.161   -7.568  -1.782  1.00 26.45 ? 137 LEU A CD2 1 
ATOM   841  N N   . TRP A 1 138 ? 1.044   -9.035  0.260   1.00 18.37 ? 138 TRP A N   1 
ATOM   842  C CA  . TRP A 1 138 ? -0.011  -8.077  0.657   1.00 19.18 ? 138 TRP A CA  1 
ATOM   843  C C   . TRP A 1 138 ? -0.653  -8.451  1.990   1.00 18.70 ? 138 TRP A C   1 
ATOM   844  O O   . TRP A 1 138 ? -0.693  -7.681  2.955   1.00 18.08 ? 138 TRP A O   1 
ATOM   845  C CB  . TRP A 1 138 ? -1.076  -7.891  -0.455  1.00 17.34 ? 138 TRP A CB  1 
ATOM   846  C CG  . TRP A 1 138 ? -1.880  -6.706  -0.110  1.00 20.43 ? 138 TRP A CG  1 
ATOM   847  C CD1 . TRP A 1 138 ? -3.165  -6.691  0.393   1.00 19.40 ? 138 TRP A CD1 1 
ATOM   848  C CD2 . TRP A 1 138 ? -1.423  -5.322  -0.081  1.00 18.55 ? 138 TRP A CD2 1 
ATOM   849  N NE1 . TRP A 1 138 ? -3.561  -5.389  0.610   1.00 17.75 ? 138 TRP A NE1 1 
ATOM   850  C CE2 . TRP A 1 138 ? -2.510  -4.538  0.356   1.00 19.64 ? 138 TRP A CE2 1 
ATOM   851  C CE3 . TRP A 1 138 ? -0.222  -4.685  -0.438  1.00 19.56 ? 138 TRP A CE3 1 
ATOM   852  C CZ2 . TRP A 1 138 ? -2.411  -3.143  0.524   1.00 16.96 ? 138 TRP A CZ2 1 
ATOM   853  C CZ3 . TRP A 1 138 ? -0.125  -3.291  -0.314  1.00 21.84 ? 138 TRP A CZ3 1 
ATOM   854  C CH2 . TRP A 1 138 ? -1.207  -2.538  0.159   1.00 19.16 ? 138 TRP A CH2 1 
ATOM   855  N N   . SER A 1 139 ? -1.097  -9.706  2.066   1.00 17.85 ? 139 SER A N   1 
ATOM   856  C CA  . SER A 1 139 ? -1.609  -10.286 3.294   1.00 18.58 ? 139 SER A CA  1 
ATOM   857  C C   . SER A 1 139 ? -0.707  -10.174 4.517   1.00 19.02 ? 139 SER A C   1 
ATOM   858  O O   . SER A 1 139 ? -1.181  -9.846  5.644   1.00 16.60 ? 139 SER A O   1 
ATOM   859  C CB  . SER A 1 139 ? -2.009  -11.763 3.009   1.00 19.20 ? 139 SER A CB  1 
ATOM   860  O OG  . SER A 1 139 ? -2.241  -12.436 4.218   1.00 26.82 ? 139 SER A OG  1 
ATOM   861  N N   . THR A 1 140 ? 0.600   -10.462 4.336   1.00 18.81 ? 140 THR A N   1 
ATOM   862  C CA  . THR A 1 140 ? 1.506   -10.369 5.457   1.00 19.47 ? 140 THR A CA  1 
ATOM   863  C C   . THR A 1 140 ? 1.552   -8.926  6.008   1.00 18.08 ? 140 THR A C   1 
ATOM   864  O O   . THR A 1 140 ? 1.500   -8.711  7.204   1.00 18.36 ? 140 THR A O   1 
ATOM   865  C CB  . THR A 1 140 ? 2.946   -10.867 5.038   1.00 21.81 ? 140 THR A CB  1 
ATOM   866  O OG1 . THR A 1 140 ? 2.827   -12.247 4.628   1.00 23.73 ? 140 THR A OG1 1 
ATOM   867  C CG2 . THR A 1 140 ? 3.911   -10.788 6.161   1.00 23.64 ? 140 THR A CG2 1 
ATOM   868  N N   . PHE A 1 141 ? 1.677   -7.931  5.129   1.00 17.76 ? 141 PHE A N   1 
ATOM   869  C CA  . PHE A 1 141 ? 1.802   -6.563  5.641   1.00 16.92 ? 141 PHE A CA  1 
ATOM   870  C C   . PHE A 1 141 ? 0.478   -6.020  6.165   1.00 16.52 ? 141 PHE A C   1 
ATOM   871  O O   . PHE A 1 141 ? 0.453   -5.280  7.156   1.00 16.05 ? 141 PHE A O   1 
ATOM   872  C CB  . PHE A 1 141 ? 2.463   -5.672  4.580   1.00 16.97 ? 141 PHE A CB  1 
ATOM   873  C CG  . PHE A 1 141 ? 3.944   -5.791  4.615   1.00 20.05 ? 141 PHE A CG  1 
ATOM   874  C CD1 . PHE A 1 141 ? 4.690   -4.976  5.485   1.00 20.34 ? 141 PHE A CD1 1 
ATOM   875  C CD2 . PHE A 1 141 ? 4.585   -6.798  3.898   1.00 20.05 ? 141 PHE A CD2 1 
ATOM   876  C CE1 . PHE A 1 141 ? 6.102   -5.100  5.534   1.00 22.98 ? 141 PHE A CE1 1 
ATOM   877  C CE2 . PHE A 1 141 ? 6.013   -6.943  3.985   1.00 24.16 ? 141 PHE A CE2 1 
ATOM   878  C CZ  . PHE A 1 141 ? 6.733   -6.102  4.783   1.00 23.17 ? 141 PHE A CZ  1 
ATOM   879  N N   . MET A 1 142 ? -0.609  -6.342  5.478   1.00 14.86 ? 142 MET A N   1 
ATOM   880  C CA  . MET A 1 142 ? -1.978  -5.986  6.067   1.00 15.00 ? 142 MET A CA  1 
ATOM   881  C C   . MET A 1 142 ? -2.162  -6.539  7.493   1.00 15.24 ? 142 MET A C   1 
ATOM   882  O O   . MET A 1 142 ? -2.626  -5.831  8.394   1.00 16.55 ? 142 MET A O   1 
ATOM   883  C CB  . MET A 1 142 ? -3.122  -6.449  5.168   1.00 11.93 ? 142 MET A CB  1 
ATOM   884  C CG  . MET A 1 142 ? -3.201  -5.643  3.851   1.00 12.62 ? 142 MET A CG  1 
ATOM   885  S SD  . MET A 1 142 ? -3.674  -3.860  4.125   1.00 18.85 ? 142 MET A SD  1 
ATOM   886  C CE  . MET A 1 142 ? -5.446  -4.086  4.462   1.00 18.05 ? 142 MET A CE  1 
ATOM   887  N N   . GLN A 1 143 ? -1.813  -7.799  7.715   1.00 16.95 ? 143 GLN A N   1 
ATOM   888  C CA  . GLN A 1 143 ? -1.856  -8.327  9.105   1.00 17.13 ? 143 GLN A CA  1 
ATOM   889  C C   . GLN A 1 143 ? -1.016  -7.535  10.078  1.00 16.11 ? 143 GLN A C   1 
ATOM   890  O O   . GLN A 1 143 ? -1.437  -7.243  11.213  1.00 15.53 ? 143 GLN A O   1 
ATOM   891  C CB  . GLN A 1 143 ? -1.385  -9.791  9.167   1.00 16.73 ? 143 GLN A CB  1 
ATOM   892  C CG  . GLN A 1 143 ? -2.353  -10.718 8.458   1.00 23.05 ? 143 GLN A CG  1 
ATOM   893  C CD  . GLN A 1 143 ? -1.850  -12.202 8.524   1.00 33.86 ? 143 GLN A CD  1 
ATOM   894  O OE1 . GLN A 1 143 ? -1.649  -12.757 9.612   1.00 33.88 ? 143 GLN A OE1 1 
ATOM   895  N NE2 . GLN A 1 143 ? -1.586  -12.795 7.354   1.00 34.49 ? 143 GLN A NE2 1 
ATOM   896  N N   . LYS A 1 144 ? 0.201   -7.251  9.667   1.00 15.52 ? 144 LYS A N   1 
ATOM   897  C CA  . LYS A 1 144 ? 1.092   -6.432  10.487  1.00 18.00 ? 144 LYS A CA  1 
ATOM   898  C C   . LYS A 1 144 ? 0.482   -5.035  10.809  1.00 16.71 ? 144 LYS A C   1 
ATOM   899  O O   . LYS A 1 144 ? 0.444   -4.595  11.980  1.00 15.67 ? 144 LYS A O   1 
ATOM   900  C CB  . LYS A 1 144 ? 2.419   -6.272  9.712   1.00 18.60 ? 144 LYS A CB  1 
ATOM   901  C CG  . LYS A 1 144 ? 3.417   -5.465  10.436  1.00 25.21 ? 144 LYS A CG  1 
ATOM   902  C CD  . LYS A 1 144 ? 4.865   -5.575  9.775   1.00 29.60 ? 144 LYS A CD  1 
ATOM   903  C CE  . LYS A 1 144 ? 5.908   -5.044  10.849  1.00 32.26 ? 144 LYS A CE  1 
ATOM   904  N NZ  . LYS A 1 144 ? 7.208   -4.623  10.221  1.00 30.09 ? 144 LYS A NZ  1 
ATOM   905  N N   . TRP A 1 145 ? -0.038  -4.356  9.776   1.00 15.63 ? 145 TRP A N   1 
ATOM   906  C CA  . TRP A 1 145 ? -0.599  -2.976  9.980   1.00 16.35 ? 145 TRP A CA  1 
ATOM   907  C C   . TRP A 1 145 ? -1.881  -2.973  10.849  1.00 15.68 ? 145 TRP A C   1 
ATOM   908  O O   . TRP A 1 145 ? -2.166  -2.046  11.668  1.00 16.49 ? 145 TRP A O   1 
ATOM   909  C CB  . TRP A 1 145 ? -0.883  -2.354  8.604   1.00 16.13 ? 145 TRP A CB  1 
ATOM   910  C CG  . TRP A 1 145 ? 0.422   -2.170  7.779   1.00 16.61 ? 145 TRP A CG  1 
ATOM   911  C CD1 . TRP A 1 145 ? 1.703   -1.948  8.298   1.00 15.96 ? 145 TRP A CD1 1 
ATOM   912  C CD2 . TRP A 1 145 ? 0.573   -2.185  6.341   1.00 14.79 ? 145 TRP A CD2 1 
ATOM   913  N NE1 . TRP A 1 145 ? 2.606   -1.795  7.249   1.00 16.41 ? 145 TRP A NE1 1 
ATOM   914  C CE2 . TRP A 1 145 ? 1.952   -1.949  6.057   1.00 17.04 ? 145 TRP A CE2 1 
ATOM   915  C CE3 . TRP A 1 145 ? -0.300  -2.369  5.276   1.00 16.28 ? 145 TRP A CE3 1 
ATOM   916  C CZ2 . TRP A 1 145 ? 2.449   -1.884  4.757   1.00 15.55 ? 145 TRP A CZ2 1 
ATOM   917  C CZ3 . TRP A 1 145 ? 0.209   -2.340  3.958   1.00 15.75 ? 145 TRP A CZ3 1 
ATOM   918  C CH2 . TRP A 1 145 ? 1.554   -2.059  3.720   1.00 16.85 ? 145 TRP A CH2 1 
ATOM   919  N N   . ILE A 1 146 ? -2.700  -4.011  10.640  1.00 15.30 ? 146 ILE A N   1 
ATOM   920  C CA  . ILE A 1 146 ? -3.909  -4.195  11.456  1.00 14.67 ? 146 ILE A CA  1 
ATOM   921  C C   . ILE A 1 146 ? -3.514  -4.508  12.921  1.00 14.67 ? 146 ILE A C   1 
ATOM   922  O O   . ILE A 1 146 ? -4.064  -3.917  13.866  1.00 14.46 ? 146 ILE A O   1 
ATOM   923  C CB  . ILE A 1 146 ? -4.760  -5.379  10.880  1.00 13.46 ? 146 ILE A CB  1 
ATOM   924  C CG1 . ILE A 1 146 ? -5.463  -4.919  9.556   1.00 13.50 ? 146 ILE A CG1 1 
ATOM   925  C CG2 . ILE A 1 146 ? -5.736  -5.921  11.973  1.00 13.58 ? 146 ILE A CG2 1 
ATOM   926  C CD1 . ILE A 1 146 ? -5.996  -6.098  8.659   1.00 14.50 ? 146 ILE A CD1 1 
ATOM   927  N N   . ALA A 1 147 ? -2.563  -5.426  13.111  1.00 15.92 ? 147 ALA A N   1 
ATOM   928  C CA  . ALA A 1 147 ? -2.092  -5.748  14.504  1.00 17.18 ? 147 ALA A CA  1 
ATOM   929  C C   . ALA A 1 147 ? -1.593  -4.466  15.201  1.00 17.52 ? 147 ALA A C   1 
ATOM   930  O O   . ALA A 1 147 ? -1.909  -4.149  16.384  1.00 16.37 ? 147 ALA A O   1 
ATOM   931  C CB  . ALA A 1 147 ? -0.990  -6.870  14.482  1.00 16.36 ? 147 ALA A CB  1 
ATOM   932  N N   . TYR A 1 148 ? -0.859  -3.651  14.444  1.00 17.95 ? 148 TYR A N   1 
ATOM   933  C CA  . TYR A 1 148 ? -0.364  -2.425  15.063  1.00 18.87 ? 148 TYR A CA  1 
ATOM   934  C C   . TYR A 1 148 ? -1.486  -1.402  15.309  1.00 17.56 ? 148 TYR A C   1 
ATOM   935  O O   . TYR A 1 148 ? -1.581  -0.767  16.358  1.00 15.71 ? 148 TYR A O   1 
ATOM   936  C CB  . TYR A 1 148 ? 0.793   -1.837  14.222  1.00 20.20 ? 148 TYR A CB  1 
ATOM   937  C CG  . TYR A 1 148 ? 1.264   -0.518  14.684  1.00 22.49 ? 148 TYR A CG  1 
ATOM   938  C CD1 . TYR A 1 148 ? 1.822   -0.354  15.956  1.00 26.54 ? 148 TYR A CD1 1 
ATOM   939  C CD2 . TYR A 1 148 ? 1.194   0.584   13.838  1.00 25.48 ? 148 TYR A CD2 1 
ATOM   940  C CE1 . TYR A 1 148 ? 2.272   0.903   16.393  1.00 24.37 ? 148 TYR A CE1 1 
ATOM   941  C CE2 . TYR A 1 148 ? 1.649   1.838   14.258  1.00 25.93 ? 148 TYR A CE2 1 
ATOM   942  C CZ  . TYR A 1 148 ? 2.151   1.987   15.530  1.00 27.94 ? 148 TYR A CZ  1 
ATOM   943  O OH  . TYR A 1 148 ? 2.588   3.231   15.918  1.00 34.53 ? 148 TYR A OH  1 
ATOM   944  N N   . THR A 1 149 ? -2.377  -1.234  14.342  1.00 16.73 ? 149 THR A N   1 
ATOM   945  C CA  . THR A 1 149 ? -3.559  -0.425  14.617  1.00 15.75 ? 149 THR A CA  1 
ATOM   946  C C   . THR A 1 149 ? -4.255  -0.897  15.868  1.00 15.27 ? 149 THR A C   1 
ATOM   947  O O   . THR A 1 149 ? -4.649  -0.069  16.685  1.00 18.09 ? 149 THR A O   1 
ATOM   948  C CB  . THR A 1 149 ? -4.616  -0.521  13.435  1.00 14.67 ? 149 THR A CB  1 
ATOM   949  O OG1 . THR A 1 149 ? -3.986  -0.088  12.224  1.00 13.41 ? 149 THR A OG1 1 
ATOM   950  C CG2 . THR A 1 149 ? -5.838  0.373   13.703  1.00 10.65 ? 149 THR A CG2 1 
ATOM   951  N N   . ALA A 1 150 ? -4.452  -2.210  16.018  1.00 15.84 ? 150 ALA A N   1 
ATOM   952  C CA  . ALA A 1 150 ? -5.230  -2.675  17.198  1.00 17.19 ? 150 ALA A CA  1 
ATOM   953  C C   . ALA A 1 150 ? -4.480  -2.372  18.522  1.00 17.54 ? 150 ALA A C   1 
ATOM   954  O O   . ALA A 1 150 ? -5.097  -2.058  19.552  1.00 18.78 ? 150 ALA A O   1 
ATOM   955  C CB  . ALA A 1 150 ? -5.531  -4.218  17.070  1.00 16.55 ? 150 ALA A CB  1 
ATOM   956  N N   . ALA A 1 151 ? -3.155  -2.554  18.489  1.00 19.23 ? 151 ALA A N   1 
ATOM   957  C CA  . ALA A 1 151 ? -2.282  -2.266  19.664  1.00 19.12 ? 151 ALA A CA  1 
ATOM   958  C C   . ALA A 1 151 ? -2.446  -0.778  20.036  1.00 19.96 ? 151 ALA A C   1 
ATOM   959  O O   . ALA A 1 151 ? -2.539  -0.433  21.204  1.00 18.14 ? 151 ALA A O   1 
ATOM   960  C CB  . ALA A 1 151 ? -0.796  -2.592  19.339  1.00 19.94 ? 151 ALA A CB  1 
ATOM   961  N N   . VAL A 1 152 ? -2.571  0.119   19.047  1.00 18.57 ? 152 VAL A N   1 
ATOM   962  C CA  . VAL A 1 152 ? -2.732  1.538   19.412  1.00 19.43 ? 152 VAL A CA  1 
ATOM   963  C C   . VAL A 1 152 ? -4.113  1.843   19.962  1.00 19.94 ? 152 VAL A C   1 
ATOM   964  O O   . VAL A 1 152 ? -4.262  2.599   20.930  1.00 19.41 ? 152 VAL A O   1 
ATOM   965  C CB  . VAL A 1 152 ? -2.320  2.508   18.226  1.00 20.86 ? 152 VAL A CB  1 
ATOM   966  C CG1 . VAL A 1 152 ? -2.526  4.009   18.610  1.00 20.20 ? 152 VAL A CG1 1 
ATOM   967  C CG2 . VAL A 1 152 ? -0.821  2.202   17.800  1.00 23.09 ? 152 VAL A CG2 1 
ATOM   968  N N   . ILE A 1 153 ? -5.160  1.295   19.335  1.00 18.68 ? 153 ILE A N   1 
ATOM   969  C CA  . ILE A 1 153 ? -6.508  1.410   19.905  1.00 17.71 ? 153 ILE A CA  1 
ATOM   970  C C   . ILE A 1 153 ? -6.514  0.895   21.351  1.00 19.96 ? 153 ILE A C   1 
ATOM   971  O O   . ILE A 1 153 ? -7.083  1.535   22.208  1.00 21.30 ? 153 ILE A O   1 
ATOM   972  C CB  . ILE A 1 153 ? -7.577  0.652   19.014  1.00 17.94 ? 153 ILE A CB  1 
ATOM   973  C CG1 . ILE A 1 153 ? -7.708  1.401   17.637  1.00 15.39 ? 153 ILE A CG1 1 
ATOM   974  C CG2 . ILE A 1 153 ? -8.970  0.530   19.684  1.00 14.91 ? 153 ILE A CG2 1 
ATOM   975  C CD1 . ILE A 1 153 ? -8.340  0.508   16.490  1.00 16.00 ? 153 ILE A CD1 1 
ATOM   976  N N   . ASP A 1 154 ? -5.954  -0.282  21.578  1.00 21.94 ? 154 ASP A N   1 
ATOM   977  C CA  . ASP A 1 154 ? -5.871  -0.889  22.925  1.00 24.03 ? 154 ASP A CA  1 
ATOM   978  C C   . ASP A 1 154 ? -5.169  0.033   23.953  1.00 25.85 ? 154 ASP A C   1 
ATOM   979  O O   . ASP A 1 154 ? -5.676  0.210   25.051  1.00 26.72 ? 154 ASP A O   1 
ATOM   980  C CB  . ASP A 1 154 ? -5.125  -2.215  22.827  1.00 24.04 ? 154 ASP A CB  1 
ATOM   981  C CG  . ASP A 1 154 ? -6.017  -3.317  22.468  1.00 28.36 ? 154 ASP A CG  1 
ATOM   982  O OD1 . ASP A 1 154 ? -7.230  -3.134  22.670  1.00 32.34 ? 154 ASP A OD1 1 
ATOM   983  O OD2 . ASP A 1 154 ? -5.525  -4.352  21.951  1.00 35.25 ? 154 ASP A OD2 1 
ATOM   984  N N   . ALA A 1 155 ? -4.038  0.619   23.570  1.00 26.17 ? 155 ALA A N   1 
ATOM   985  C CA  . ALA A 1 155 ? -3.395  1.685   24.367  1.00 27.38 ? 155 ALA A CA  1 
ATOM   986  C C   . ALA A 1 155 ? -4.333  2.869   24.599  1.00 27.94 ? 155 ALA A C   1 
ATOM   987  O O   . ALA A 1 155 ? -4.401  3.421   25.692  1.00 28.91 ? 155 ALA A O   1 
ATOM   988  C CB  . ALA A 1 155 ? -2.057  2.170   23.668  1.00 27.58 ? 155 ALA A CB  1 
ATOM   989  N N   . GLU A 1 156 ? -5.067  3.313   23.595  1.00 26.70 ? 156 GLU A N   1 
ATOM   990  C CA  . GLU A 1 156 ? -5.942  4.446   23.815  1.00 26.43 ? 156 GLU A CA  1 
ATOM   991  C C   . GLU A 1 156 ? -7.076  4.076   24.803  1.00 27.72 ? 156 GLU A C   1 
ATOM   992  O O   . GLU A 1 156 ? -7.598  4.946   25.557  1.00 28.34 ? 156 GLU A O   1 
ATOM   993  C CB  . GLU A 1 156 ? -6.553  4.952   22.495  1.00 26.09 ? 156 GLU A CB  1 
ATOM   994  C CG  . GLU A 1 156 ? -5.601  5.674   21.520  1.00 24.17 ? 156 GLU A CG  1 
ATOM   995  C CD  . GLU A 1 156 ? -5.213  7.045   22.067  1.00 25.21 ? 156 GLU A CD  1 
ATOM   996  O OE1 . GLU A 1 156 ? -4.254  7.068   22.853  1.00 24.66 ? 156 GLU A OE1 1 
ATOM   997  O OE2 . GLU A 1 156 ? -5.940  8.043   21.822  1.00 22.76 ? 156 GLU A OE2 1 
ATOM   998  N N   . ARG A 1 157 ? -7.538  2.833   24.718  1.00 26.21 ? 157 ARG A N   1 
ATOM   999  C CA  . ARG A 1 157 ? -8.509  2.326   25.663  1.00 27.27 ? 157 ARG A CA  1 
ATOM   1000 C C   . ARG A 1 157 ? -7.902  2.166   27.107  1.00 28.12 ? 157 ARG A C   1 
ATOM   1001 O O   . ARG A 1 157 ? -8.559  2.514   28.081  1.00 27.36 ? 157 ARG A O   1 
ATOM   1002 C CB  . ARG A 1 157 ? -9.039  1.006   25.177  1.00 27.29 ? 157 ARG A CB  1 
ATOM   1003 C CG  . ARG A 1 157 ? -9.887  1.135   23.888  1.00 25.00 ? 157 ARG A CG  1 
ATOM   1004 C CD  . ARG A 1 157 ? -10.253 -0.231  23.271  1.00 21.50 ? 157 ARG A CD  1 
ATOM   1005 N NE  . ARG A 1 157 ? -11.193 -0.018  22.142  1.00 21.60 ? 157 ARG A NE  1 
ATOM   1006 C CZ  . ARG A 1 157 ? -11.968 -0.976  21.610  1.00 19.14 ? 157 ARG A CZ  1 
ATOM   1007 N NH1 . ARG A 1 157 ? -11.883 -2.226  22.042  1.00 16.18 ? 157 ARG A NH1 1 
ATOM   1008 N NH2 . ARG A 1 157 ? -12.832 -0.677  20.635  1.00 18.20 ? 157 ARG A NH2 1 
ATOM   1009 N N   . ASP A 1 158 ? -6.705  1.591   27.211  1.00 29.59 ? 158 ASP A N   1 
ATOM   1010 C CA  . ASP A 1 158 ? -5.980  1.464   28.488  1.00 32.50 ? 158 ASP A CA  1 
ATOM   1011 C C   . ASP A 1 158 ? -5.837  2.833   29.172  1.00 34.03 ? 158 ASP A C   1 
ATOM   1012 O O   . ASP A 1 158 ? -6.114  2.946   30.373  1.00 35.97 ? 158 ASP A O   1 
ATOM   1013 C CB  . ASP A 1 158 ? -4.597  0.833   28.269  1.00 31.93 ? 158 ASP A CB  1 
ATOM   1014 C CG  . ASP A 1 158 ? -4.679  -0.644  27.950  1.00 35.32 ? 158 ASP A CG  1 
ATOM   1015 O OD1 . ASP A 1 158 ? -5.769  -1.245  28.102  1.00 35.77 ? 158 ASP A OD1 1 
ATOM   1016 O OD2 . ASP A 1 158 ? -3.658  -1.207  27.490  1.00 38.20 ? 158 ASP A OD2 1 
ATOM   1017 N N   . ARG A 1 159 ? -5.475  3.879   28.419  1.00 34.73 ? 159 ARG A N   1 
ATOM   1018 C CA  . ARG A 1 159 ? -5.354  5.242   29.011  1.00 36.26 ? 159 ARG A CA  1 
ATOM   1019 C C   . ARG A 1 159 ? -6.695  5.958   29.315  1.00 35.68 ? 159 ARG A C   1 
ATOM   1020 O O   . ARG A 1 159 ? -6.710  7.018   29.910  1.00 36.26 ? 159 ARG A O   1 
ATOM   1021 C CB  . ARG A 1 159 ? -4.318  6.143   28.257  1.00 36.69 ? 159 ARG A CB  1 
ATOM   1022 C CG  . ARG A 1 159 ? -4.703  6.668   26.875  1.00 39.16 ? 159 ARG A CG  1 
ATOM   1023 C CD  . ARG A 1 159 ? -3.690  7.699   26.222  1.00 43.58 ? 159 ARG A CD  1 
ATOM   1024 N NE  . ARG A 1 159 ? -4.257  8.302   24.976  1.00 43.77 ? 159 ARG A NE  1 
ATOM   1025 C CZ  . ARG A 1 159 ? -4.775  9.541   24.845  1.00 45.26 ? 159 ARG A CZ  1 
ATOM   1026 N NH1 . ARG A 1 159 ? -4.814  10.379  25.876  1.00 42.05 ? 159 ARG A NH1 1 
ATOM   1027 N NH2 . ARG A 1 159 ? -5.268  9.962   23.663  1.00 43.72 ? 159 ARG A NH2 1 
ATOM   1028 N N   . GLY A 1 160 ? -7.827  5.369   28.943  1.00 35.01 ? 160 GLY A N   1 
ATOM   1029 C CA  . GLY A 1 160 ? -9.119  6.022   29.222  1.00 32.13 ? 160 GLY A CA  1 
ATOM   1030 C C   . GLY A 1 160 ? -9.546  6.996   28.153  1.00 31.66 ? 160 GLY A C   1 
ATOM   1031 O O   . GLY A 1 160 ? -10.559 7.676   28.305  1.00 31.76 ? 160 GLY A O   1 
ATOM   1032 N N   . ALA A 1 161 ? -8.784  7.103   27.052  1.00 30.39 ? 161 ALA A N   1 
ATOM   1033 C CA  . ALA A 1 161 ? -9.167  8.063   25.977  1.00 28.70 ? 161 ALA A CA  1 
ATOM   1034 C C   . ALA A 1 161 ? -10.158 7.531   24.960  1.00 28.17 ? 161 ALA A C   1 
ATOM   1035 O O   . ALA A 1 161 ? -10.970 8.302   24.462  1.00 28.41 ? 161 ALA A O   1 
ATOM   1036 C CB  . ALA A 1 161 ? -7.913  8.634   25.276  1.00 30.39 ? 161 ALA A CB  1 
ATOM   1037 N N   . ALA A 1 162 ? -10.129 6.210   24.684  1.00 25.76 ? 162 ALA A N   1 
ATOM   1038 C CA  . ALA A 1 162 ? -11.120 5.545   23.805  1.00 23.93 ? 162 ALA A CA  1 
ATOM   1039 C C   . ALA A 1 162 ? -12.018 4.558   24.609  1.00 23.41 ? 162 ALA A C   1 
ATOM   1040 O O   . ALA A 1 162 ? -11.511 3.875   25.456  1.00 23.12 ? 162 ALA A O   1 
ATOM   1041 C CB  . ALA A 1 162 ? -10.402 4.793   22.677  1.00 22.56 ? 162 ALA A CB  1 
ATOM   1042 N N   . PRO A 1 163 ? -13.326 4.483   24.306  1.00 22.80 ? 163 PRO A N   1 
ATOM   1043 C CA  . PRO A 1 163 ? -14.276 3.583   25.013  1.00 23.86 ? 163 PRO A CA  1 
ATOM   1044 C C   . PRO A 1 163 ? -14.143 2.130   24.506  1.00 25.48 ? 163 PRO A C   1 
ATOM   1045 O O   . PRO A 1 163 ? -13.732 1.908   23.350  1.00 23.88 ? 163 PRO A O   1 
ATOM   1046 C CB  . PRO A 1 163 ? -15.627 4.156   24.607  1.00 23.68 ? 163 PRO A CB  1 
ATOM   1047 C CG  . PRO A 1 163 ? -15.355 4.570   23.065  1.00 23.97 ? 163 PRO A CG  1 
ATOM   1048 C CD  . PRO A 1 163 ? -14.001 5.298   23.270  1.00 23.38 ? 163 PRO A CD  1 
ATOM   1049 N N   . ARG A 1 164 ? -14.439 1.152   25.363  1.00 25.09 ? 164 ARG A N   1 
ATOM   1050 C CA  . ARG A 1 164 ? -14.344 -0.246  24.978  1.00 26.81 ? 164 ARG A CA  1 
ATOM   1051 C C   . ARG A 1 164 ? -15.607 -0.639  24.239  1.00 25.94 ? 164 ARG A C   1 
ATOM   1052 O O   . ARG A 1 164 ? -16.581 -1.067  24.872  1.00 25.89 ? 164 ARG A O   1 
ATOM   1053 C CB  . ARG A 1 164 ? -14.064 -1.157  26.221  1.00 27.94 ? 164 ARG A CB  1 
ATOM   1054 C CG  . ARG A 1 164 ? -12.568 -1.029  26.680  1.00 32.53 ? 164 ARG A CG  1 
ATOM   1055 C CD  . ARG A 1 164 ? -12.217 -1.663  28.102  1.00 40.28 ? 164 ARG A CD  1 
ATOM   1056 N NE  . ARG A 1 164 ? -10.879 -1.248  28.602  1.00 39.78 ? 164 ARG A NE  1 
ATOM   1057 C CZ  . ARG A 1 164 ? -9.698  -1.502  28.004  1.00 40.01 ? 164 ARG A CZ  1 
ATOM   1058 N NH1 . ARG A 1 164 ? -9.630  -2.153  26.842  1.00 34.24 ? 164 ARG A NH1 1 
ATOM   1059 N NH2 . ARG A 1 164 ? -8.563  -1.068  28.551  1.00 37.25 ? 164 ARG A NH2 1 
ATOM   1060 N N   . THR A 1 165 ? -15.611 -0.462  22.906  1.00 23.21 ? 165 THR A N   1 
ATOM   1061 C CA  . THR A 1 165 ? -16.785 -0.771  22.089  1.00 21.61 ? 165 THR A CA  1 
ATOM   1062 C C   . THR A 1 165 ? -16.547 -2.134  21.394  1.00 22.48 ? 165 THR A C   1 
ATOM   1063 O O   . THR A 1 165 ? -16.406 -3.164  22.053  1.00 21.84 ? 165 THR A O   1 
ATOM   1064 C CB  . THR A 1 165 ? -17.054 0.380   21.086  1.00 20.85 ? 165 THR A CB  1 
ATOM   1065 O OG1 . THR A 1 165 ? -15.808 0.665   20.460  1.00 19.47 ? 165 THR A OG1 1 
ATOM   1066 C CG2 . THR A 1 165 ? -17.519 1.717   21.812  1.00 18.96 ? 165 THR A CG2 1 
ATOM   1067 N N   . LEU A 1 166 ? -16.340 -2.127  20.072  1.00 21.32 ? 166 LEU A N   1 
ATOM   1068 C CA  . LEU A 1 166 ? -15.954 -3.348  19.337  1.00 19.87 ? 166 LEU A CA  1 
ATOM   1069 C C   . LEU A 1 166 ? -14.630 -3.925  19.803  1.00 19.03 ? 166 LEU A C   1 
ATOM   1070 O O   . LEU A 1 166 ? -13.704 -3.151  20.184  1.00 20.32 ? 166 LEU A O   1 
ATOM   1071 C CB  . LEU A 1 166 ? -15.728 -2.964  17.837  1.00 18.84 ? 166 LEU A CB  1 
ATOM   1072 C CG  . LEU A 1 166 ? -16.871 -2.463  16.965  1.00 20.83 ? 166 LEU A CG  1 
ATOM   1073 C CD1 . LEU A 1 166 ? -16.425 -2.282  15.548  1.00 15.28 ? 166 LEU A CD1 1 
ATOM   1074 C CD2 . LEU A 1 166 ? -18.228 -3.320  17.046  1.00 19.65 ? 166 LEU A CD2 1 
ATOM   1075 N N   . PRO A 1 167 ? -14.473 -5.246  19.710  1.00 18.73 ? 167 PRO A N   1 
ATOM   1076 C CA  . PRO A 1 167 ? -13.125 -5.845  19.785  1.00 18.19 ? 167 PRO A CA  1 
ATOM   1077 C C   . PRO A 1 167 ? -12.112 -5.053  18.883  1.00 18.29 ? 167 PRO A C   1 
ATOM   1078 O O   . PRO A 1 167 ? -12.403 -4.759  17.668  1.00 15.23 ? 167 PRO A O   1 
ATOM   1079 C CB  . PRO A 1 167 ? -13.336 -7.257  19.181  1.00 17.23 ? 167 PRO A CB  1 
ATOM   1080 C CG  . PRO A 1 167 ? -14.780 -7.589  19.568  1.00 19.74 ? 167 PRO A CG  1 
ATOM   1081 C CD  . PRO A 1 167 ? -15.497 -6.263  19.353  1.00 18.64 ? 167 PRO A CD  1 
ATOM   1082 N N   . ALA A 1 168 ? -10.964 -4.700  19.470  1.00 15.54 ? 168 ALA A N   1 
ATOM   1083 C CA  . ALA A 1 168 ? -10.055 -3.786  18.792  1.00 17.06 ? 168 ALA A CA  1 
ATOM   1084 C C   . ALA A 1 168 ? -9.537  -4.317  17.462  1.00 14.81 ? 168 ALA A C   1 
ATOM   1085 O O   . ALA A 1 168 ? -9.347  -3.534  16.478  1.00 15.08 ? 168 ALA A O   1 
ATOM   1086 C CB  . ALA A 1 168 ? -8.835  -3.452  19.737  1.00 16.91 ? 168 ALA A CB  1 
ATOM   1087 N N   . HIS A 1 169 ? -9.284  -5.624  17.416  1.00 15.14 ? 169 HIS A N   1 
ATOM   1088 C CA  . HIS A 1 169 ? -8.684  -6.191  16.256  1.00 16.84 ? 169 HIS A CA  1 
ATOM   1089 C C   . HIS A 1 169 ? -9.660  -6.217  15.064  1.00 18.18 ? 169 HIS A C   1 
ATOM   1090 O O   . HIS A 1 169 ? -9.237  -6.091  13.875  1.00 15.53 ? 169 HIS A O   1 
ATOM   1091 C CB  . HIS A 1 169 ? -8.138  -7.623  16.540  1.00 19.90 ? 169 HIS A CB  1 
ATOM   1092 C CG  . HIS A 1 169 ? -7.242  -8.157  15.444  1.00 16.38 ? 169 HIS A CG  1 
ATOM   1093 N ND1 . HIS A 1 169 ? -7.694  -8.934  14.401  1.00 16.91 ? 169 HIS A ND1 1 
ATOM   1094 C CD2 . HIS A 1 169 ? -5.910  -7.977  15.231  1.00 15.59 ? 169 HIS A CD2 1 
ATOM   1095 C CE1 . HIS A 1 169 ? -6.678  -9.247  13.601  1.00 18.11 ? 169 HIS A CE1 1 
ATOM   1096 N NE2 . HIS A 1 169 ? -5.571  -8.715  14.116  1.00 18.19 ? 169 HIS A NE2 1 
ATOM   1097 N N   . GLU A 1 170 ? -10.945 -6.473  15.376  1.00 15.60 ? 170 GLU A N   1 
ATOM   1098 C CA  . GLU A 1 170 ? -11.998 -6.464  14.321  1.00 15.68 ? 170 GLU A CA  1 
ATOM   1099 C C   . GLU A 1 170 ? -12.227 -5.038  13.764  1.00 13.66 ? 170 GLU A C   1 
ATOM   1100 O O   . GLU A 1 170 ? -12.290 -4.862  12.576  1.00 12.69 ? 170 GLU A O   1 
ATOM   1101 C CB  . GLU A 1 170 ? -13.321 -7.043  14.846  1.00 14.83 ? 170 GLU A CB  1 
ATOM   1102 C CG  . GLU A 1 170 ? -13.086 -8.532  15.230  1.00 18.62 ? 170 GLU A CG  1 
ATOM   1103 C CD  . GLU A 1 170 ? -14.233 -9.132  16.077  1.00 20.77 ? 170 GLU A CD  1 
ATOM   1104 O OE1 . GLU A 1 170 ? -15.295 -8.484  16.207  1.00 18.12 ? 170 GLU A OE1 1 
ATOM   1105 O OE2 . GLU A 1 170 ? -14.053 -10.248 16.620  1.00 20.04 ? 170 GLU A OE2 1 
ATOM   1106 N N   . LEU A 1 171 ? -12.379 -4.042  14.636  1.00 12.79 ? 171 LEU A N   1 
ATOM   1107 C CA  . LEU A 1 171 ? -12.433 -2.639  14.208  1.00 12.75 ? 171 LEU A CA  1 
ATOM   1108 C C   . LEU A 1 171 ? -11.235 -2.240  13.323  1.00 11.98 ? 171 LEU A C   1 
ATOM   1109 O O   . LEU A 1 171 ? -11.412 -1.703  12.217  1.00 12.96 ? 171 LEU A O   1 
ATOM   1110 C CB  . LEU A 1 171 ? -12.420 -1.731  15.461  1.00 12.40 ? 171 LEU A CB  1 
ATOM   1111 C CG  . LEU A 1 171 ? -12.365 -0.207  15.197  1.00 12.41 ? 171 LEU A CG  1 
ATOM   1112 C CD1 . LEU A 1 171 ? -13.517 0.281   14.241  1.00 11.04 ? 171 LEU A CD1 1 
ATOM   1113 C CD2 . LEU A 1 171 ? -12.493 0.466   16.599  1.00 12.96 ? 171 LEU A CD2 1 
ATOM   1114 N N   . ALA A 1 172 ? -10.043 -2.614  13.775  1.00 11.70 ? 172 ALA A N   1 
ATOM   1115 C CA  . ALA A 1 172 ? -8.807  -2.319  13.056  1.00 13.56 ? 172 ALA A CA  1 
ATOM   1116 C C   . ALA A 1 172 ? -8.843  -2.961  11.679  1.00 13.12 ? 172 ALA A C   1 
ATOM   1117 O O   . ALA A 1 172 ? -8.383  -2.374  10.691  1.00 14.14 ? 172 ALA A O   1 
ATOM   1118 C CB  . ALA A 1 172 ? -7.587  -2.837  13.851  1.00 11.39 ? 172 ALA A CB  1 
ATOM   1119 N N   . THR A 1 173 ? -9.319  -4.200  11.617  1.00 13.29 ? 173 THR A N   1 
ATOM   1120 C CA  . THR A 1 173 ? -9.304  -4.911  10.362  1.00 12.43 ? 173 THR A CA  1 
ATOM   1121 C C   . THR A 1 173 ? -10.238 -4.182  9.376   1.00 13.61 ? 173 THR A C   1 
ATOM   1122 O O   . THR A 1 173 ? -9.858  -3.943  8.225   1.00 12.87 ? 173 THR A O   1 
ATOM   1123 C CB  . THR A 1 173 ? -9.777  -6.446  10.523  1.00 14.85 ? 173 THR A CB  1 
ATOM   1124 O OG1 . THR A 1 173 ? -8.909  -7.136  11.419  1.00 14.44 ? 173 THR A OG1 1 
ATOM   1125 C CG2 . THR A 1 173 ? -9.819  -7.173  9.193   1.00 10.01 ? 173 THR A CG2 1 
ATOM   1126 N N   . ALA A 1 174 ? -11.453 -3.828  9.813   1.00 12.64 ? 174 ALA A N   1 
ATOM   1127 C CA  . ALA A 1 174 ? -12.388 -3.119  8.872   1.00 13.94 ? 174 ALA A CA  1 
ATOM   1128 C C   . ALA A 1 174 ? -11.828 -1.751  8.430   1.00 12.85 ? 174 ALA A C   1 
ATOM   1129 O O   . ALA A 1 174 ? -11.972 -1.353  7.264   1.00 12.45 ? 174 ALA A O   1 
ATOM   1130 C CB  . ALA A 1 174 ? -13.820 -2.901  9.511   1.00 11.42 ? 174 ALA A CB  1 
ATOM   1131 N N   . LEU A 1 175 ? -11.252 -1.007  9.372   1.00 12.47 ? 175 LEU A N   1 
ATOM   1132 C CA  . LEU A 1 175 ? -10.660 0.327   9.027   1.00 11.75 ? 175 LEU A CA  1 
ATOM   1133 C C   . LEU A 1 175 ? -9.510  0.194   8.037   1.00 12.80 ? 175 LEU A C   1 
ATOM   1134 O O   . LEU A 1 175 ? -9.421  0.983   7.134   1.00 12.82 ? 175 LEU A O   1 
ATOM   1135 C CB  . LEU A 1 175 ? -10.153 1.029   10.297  1.00 12.06 ? 175 LEU A CB  1 
ATOM   1136 C CG  . LEU A 1 175 ? -11.294 1.433   11.291  1.00 11.50 ? 175 LEU A CG  1 
ATOM   1137 C CD1 . LEU A 1 175 ? -10.716 2.087   12.601  1.00 15.18 ? 175 LEU A CD1 1 
ATOM   1138 C CD2 . LEU A 1 175 ? -12.295 2.392   10.615  1.00 8.85  ? 175 LEU A CD2 1 
ATOM   1139 N N   . ASN A 1 176 ? -8.629  -0.796  8.244   1.00 12.26 ? 176 ASN A N   1 
ATOM   1140 C CA  . ASN A 1 176 ? -7.529  -1.036  7.341   1.00 13.25 ? 176 ASN A CA  1 
ATOM   1141 C C   . ASN A 1 176 ? -8.034  -1.435  5.944   1.00 12.55 ? 176 ASN A C   1 
ATOM   1142 O O   . ASN A 1 176 ? -7.459  -1.044  4.923   1.00 11.32 ? 176 ASN A O   1 
ATOM   1143 C CB  . ASN A 1 176 ? -6.599  -2.141  7.909   1.00 11.47 ? 176 ASN A CB  1 
ATOM   1144 C CG  . ASN A 1 176 ? -5.502  -1.549  8.818   1.00 11.79 ? 176 ASN A CG  1 
ATOM   1145 O OD1 . ASN A 1 176 ? -4.348  -1.455  8.380   1.00 13.81 ? 176 ASN A OD1 1 
ATOM   1146 N ND2 . ASN A 1 176 ? -5.867  -1.037  9.958   1.00 12.71 ? 176 ASN A ND2 1 
ATOM   1147 N N   . LEU A 1 177 ? -9.097  -2.233  5.907   1.00 12.99 ? 177 LEU A N   1 
ATOM   1148 C CA  . LEU A 1 177 ? -9.624  -2.675  4.581   1.00 12.58 ? 177 LEU A CA  1 
ATOM   1149 C C   . LEU A 1 177 ? -10.326 -1.499  3.923   1.00 12.57 ? 177 LEU A C   1 
ATOM   1150 O O   . LEU A 1 177 ? -10.395 -1.399  2.695   1.00 12.99 ? 177 LEU A O   1 
ATOM   1151 C CB  . LEU A 1 177 ? -10.611 -3.878  4.759   1.00 13.51 ? 177 LEU A CB  1 
ATOM   1152 C CG  . LEU A 1 177 ? -9.945  -5.240  5.125   1.00 14.45 ? 177 LEU A CG  1 
ATOM   1153 C CD1 . LEU A 1 177 ? -10.985 -6.361  5.295   1.00 13.89 ? 177 LEU A CD1 1 
ATOM   1154 C CD2 . LEU A 1 177 ? -9.041  -5.645  3.945   1.00 16.48 ? 177 LEU A CD2 1 
ATOM   1155 N N   . MET A 1 178 ? -11.024 -0.674  4.727   1.00 11.92 ? 178 MET A N   1 
ATOM   1156 C CA  . MET A 1 178 ? -11.636 0.494   4.118   1.00 12.76 ? 178 MET A CA  1 
ATOM   1157 C C   . MET A 1 178 ? -10.538 1.331   3.465   1.00 13.43 ? 178 MET A C   1 
ATOM   1158 O O   . MET A 1 178 ? -10.682 1.793   2.300   1.00 11.93 ? 178 MET A O   1 
ATOM   1159 C CB  . MET A 1 178 ? -12.314 1.381   5.182   1.00 11.46 ? 178 MET A CB  1 
ATOM   1160 C CG  . MET A 1 178 ? -12.786 2.752   4.564   1.00 12.96 ? 178 MET A CG  1 
ATOM   1161 S SD  . MET A 1 178 ? -13.616 3.808   5.816   1.00 15.06 ? 178 MET A SD  1 
ATOM   1162 C CE  . MET A 1 178 ? -12.271 4.059   7.069   1.00 8.56  ? 178 MET A CE  1 
ATOM   1163 N N   . ASN A 1 179 ? -9.419  1.500   4.177   1.00 10.97 ? 179 ASN A N   1 
ATOM   1164 C CA  . ASN A 1 179 ? -8.405  2.375   3.581   1.00 12.27 ? 179 ASN A CA  1 
ATOM   1165 C C   . ASN A 1 179 ? -7.824  1.812   2.332   1.00 12.09 ? 179 ASN A C   1 
ATOM   1166 O O   . ASN A 1 179 ? -7.538  2.543   1.356   1.00 12.12 ? 179 ASN A O   1 
ATOM   1167 C CB  . ASN A 1 179 ? -7.247  2.562   4.596   1.00 10.22 ? 179 ASN A CB  1 
ATOM   1168 C CG  . ASN A 1 179 ? -7.611  3.597   5.643   1.00 16.70 ? 179 ASN A CG  1 
ATOM   1169 O OD1 . ASN A 1 179 ? -8.829  3.933   5.825   1.00 12.72 ? 179 ASN A OD1 1 
ATOM   1170 N ND2 . ASN A 1 179 ? -6.575  4.168   6.300   1.00 12.71 ? 179 ASN A ND2 1 
ATOM   1171 N N   . GLU A 1 180 ? -7.532  0.506   2.378   1.00 12.43 ? 180 GLU A N   1 
ATOM   1172 C CA  . GLU A 1 180 ? -7.040  -0.197  1.187   1.00 12.73 ? 180 GLU A CA  1 
ATOM   1173 C C   . GLU A 1 180 ? -7.957  0.140   -0.016  1.00 14.84 ? 180 GLU A C   1 
ATOM   1174 O O   . GLU A 1 180 ? -7.511  0.606   -1.132  1.00 14.36 ? 180 GLU A O   1 
ATOM   1175 C CB  . GLU A 1 180 ? -7.087  -1.733  1.456   1.00 11.82 ? 180 GLU A CB  1 
ATOM   1176 C CG  . GLU A 1 180 ? -6.562  -2.508  0.288   1.00 14.81 ? 180 GLU A CG  1 
ATOM   1177 C CD  . GLU A 1 180 ? -6.765  -4.060  0.348   1.00 17.23 ? 180 GLU A CD  1 
ATOM   1178 O OE1 . GLU A 1 180 ? -6.224  -4.692  1.218   1.00 16.49 ? 180 GLU A OE1 1 
ATOM   1179 O OE2 . GLU A 1 180 ? -7.391  -4.633  -0.545  1.00 19.85 ? 180 GLU A OE2 1 
ATOM   1180 N N   . ARG A 1 181 ? -9.246  -0.185  0.130   1.00 13.48 ? 181 ARG A N   1 
ATOM   1181 C CA  . ARG A 1 181 ? -10.093 -0.020  -1.057  1.00 13.50 ? 181 ARG A CA  1 
ATOM   1182 C C   . ARG A 1 181 ? -10.351 1.431   -1.473  1.00 14.11 ? 181 ARG A C   1 
ATOM   1183 O O   . ARG A 1 181 ? -10.424 1.770   -2.691  1.00 13.38 ? 181 ARG A O   1 
ATOM   1184 C CB  . ARG A 1 181 ? -11.453 -0.761  -0.982  1.00 11.53 ? 181 ARG A CB  1 
ATOM   1185 C CG  . ARG A 1 181 ? -11.464 -1.818  -2.463  1.00 23.60 ? 181 ARG A CG  1 
ATOM   1186 C CD  . ARG A 1 181 ? -12.592 -1.619  -3.187  1.00 23.70 ? 181 ARG A CD  1 
ATOM   1187 N NE  . ARG A 1 181 ? -12.810 -0.448  -2.374  1.00 32.68 ? 181 ARG A NE  1 
ATOM   1188 C CZ  . ARG A 1 181 ? -13.176 -0.501  -1.103  1.00 46.81 ? 181 ARG A CZ  1 
ATOM   1189 N NH1 . ARG A 1 181 ? -13.463 -1.683  -0.541  1.00 54.33 ? 181 ARG A NH1 1 
ATOM   1190 N NH2 . ARG A 1 181 ? -13.301 0.637   -0.387  1.00 55.91 ? 181 ARG A NH2 1 
ATOM   1191 N N   . THR A 1 182 ? -10.509 2.299   -0.475  1.00 12.18 ? 182 THR A N   1 
ATOM   1192 C CA  . THR A 1 182 ? -10.857 3.683   -0.746  1.00 11.79 ? 182 THR A CA  1 
ATOM   1193 C C   . THR A 1 182 ? -9.593  4.469   -1.259  1.00 12.22 ? 182 THR A C   1 
ATOM   1194 O O   . THR A 1 182 ? -9.684  5.142   -2.271  1.00 10.13 ? 182 THR A O   1 
ATOM   1195 C CB  . THR A 1 182 ? -11.392 4.356   0.559   1.00 14.85 ? 182 THR A CB  1 
ATOM   1196 O OG1 . THR A 1 182 ? -12.462 3.566   1.103   1.00 14.01 ? 182 THR A OG1 1 
ATOM   1197 C CG2 . THR A 1 182 ? -11.894 5.826   0.261   1.00 13.23 ? 182 THR A CG2 1 
ATOM   1198 N N   . LEU A 1 183 ? -8.429  4.359   -0.572  1.00 10.58 ? 183 LEU A N   1 
ATOM   1199 C CA  . LEU A 1 183 ? -7.213  4.942   -1.169  1.00 12.55 ? 183 LEU A CA  1 
ATOM   1200 C C   . LEU A 1 183 ? -6.982  4.547   -2.614  1.00 12.59 ? 183 LEU A C   1 
ATOM   1201 O O   . LEU A 1 183 ? -6.703  5.405   -3.496  1.00 14.18 ? 183 LEU A O   1 
ATOM   1202 C CB  . LEU A 1 183 ? -5.921  4.561   -0.411  1.00 10.77 ? 183 LEU A CB  1 
ATOM   1203 C CG  . LEU A 1 183 ? -5.838  5.301   0.975   1.00 14.69 ? 183 LEU A CG  1 
ATOM   1204 C CD1 . LEU A 1 183 ? -4.621  4.725   1.763   1.00 14.60 ? 183 LEU A CD1 1 
ATOM   1205 C CD2 . LEU A 1 183 ? -5.850  6.911   0.957   1.00 14.40 ? 183 LEU A CD2 1 
ATOM   1206 N N   . PHE A 1 184 ? -7.013  3.248   -2.860  1.00 14.58 ? 184 PHE A N   1 
ATOM   1207 C CA  . PHE A 1 184 ? -6.625  2.755   -4.163  1.00 14.21 ? 184 PHE A CA  1 
ATOM   1208 C C   . PHE A 1 184 ? -7.684  3.091   -5.216  1.00 16.09 ? 184 PHE A C   1 
ATOM   1209 O O   . PHE A 1 184 ? -7.340  3.444   -6.350  1.00 16.35 ? 184 PHE A O   1 
ATOM   1210 C CB  . PHE A 1 184 ? -6.354  1.232   -4.083  1.00 15.63 ? 184 PHE A CB  1 
ATOM   1211 C CG  . PHE A 1 184 ? -5.175  0.891   -3.153  1.00 16.51 ? 184 PHE A CG  1 
ATOM   1212 C CD1 . PHE A 1 184 ? -4.277  1.909   -2.709  1.00 18.51 ? 184 PHE A CD1 1 
ATOM   1213 C CD2 . PHE A 1 184 ? -4.973  -0.412  -2.731  1.00 19.68 ? 184 PHE A CD2 1 
ATOM   1214 C CE1 . PHE A 1 184 ? -3.216  1.604   -1.832  1.00 19.09 ? 184 PHE A CE1 1 
ATOM   1215 C CE2 . PHE A 1 184 ? -3.869  -0.744  -1.889  1.00 22.03 ? 184 PHE A CE2 1 
ATOM   1216 C CZ  . PHE A 1 184 ? -3.003  0.263   -1.440  1.00 18.31 ? 184 PHE A CZ  1 
ATOM   1217 N N   . ALA A 1 185 ? -8.969  3.024   -4.864  1.00 14.17 ? 185 ALA A N   1 
ATOM   1218 C CA  . ALA A 1 185 ? -9.985  3.537   -5.808  1.00 16.92 ? 185 ALA A CA  1 
ATOM   1219 C C   . ALA A 1 185 ? -9.778  5.064   -6.158  1.00 17.39 ? 185 ALA A C   1 
ATOM   1220 O O   . ALA A 1 185 ? -9.891  5.482   -7.350  1.00 17.18 ? 185 ALA A O   1 
ATOM   1221 C CB  . ALA A 1 185 ? -11.448 3.308   -5.245  1.00 14.98 ? 185 ALA A CB  1 
ATOM   1222 N N   . SER A 1 186 ? -9.506  5.890   -5.148  1.00 17.35 ? 186 SER A N   1 
ATOM   1223 C CA  . SER A 1 186 ? -9.162  7.301   -5.389  1.00 17.63 ? 186 SER A CA  1 
ATOM   1224 C C   . SER A 1 186 ? -7.955  7.472   -6.341  1.00 17.59 ? 186 SER A C   1 
ATOM   1225 O O   . SER A 1 186 ? -8.003  8.358   -7.251  1.00 16.96 ? 186 SER A O   1 
ATOM   1226 C CB  . SER A 1 186 ? -8.824  8.057   -4.083  1.00 17.31 ? 186 SER A CB  1 
ATOM   1227 O OG  . SER A 1 186 ? -10.013 8.228   -3.280  1.00 26.03 ? 186 SER A OG  1 
ATOM   1228 N N   . PHE A 1 187 ? -6.865  6.729   -6.066  1.00 16.51 ? 187 PHE A N   1 
ATOM   1229 C CA  . PHE A 1 187 ? -5.618  6.872   -6.872  1.00 18.34 ? 187 PHE A CA  1 
ATOM   1230 C C   . PHE A 1 187 ? -5.929  6.433   -8.297  1.00 20.75 ? 187 PHE A C   1 
ATOM   1231 O O   . PHE A 1 187 ? -5.408  7.007   -9.222  1.00 23.40 ? 187 PHE A O   1 
ATOM   1232 C CB  . PHE A 1 187 ? -4.439  6.007   -6.361  1.00 15.79 ? 187 PHE A CB  1 
ATOM   1233 C CG  . PHE A 1 187 ? -3.969  6.354   -4.957  1.00 19.28 ? 187 PHE A CG  1 
ATOM   1234 C CD1 . PHE A 1 187 ? -4.144  7.641   -4.448  1.00 18.30 ? 187 PHE A CD1 1 
ATOM   1235 C CD2 . PHE A 1 187 ? -3.354  5.384   -4.153  1.00 16.62 ? 187 PHE A CD2 1 
ATOM   1236 C CE1 . PHE A 1 187 ? -3.724  7.965   -3.134  1.00 17.65 ? 187 PHE A CE1 1 
ATOM   1237 C CE2 . PHE A 1 187 ? -2.888  5.709   -2.846  1.00 20.21 ? 187 PHE A CE2 1 
ATOM   1238 C CZ  . PHE A 1 187 ? -3.120  6.997   -2.337  1.00 17.10 ? 187 PHE A CZ  1 
ATOM   1239 N N   . ALA A 1 188 ? -6.747  5.402   -8.476  1.00 22.15 ? 188 ALA A N   1 
ATOM   1240 C CA  . ALA A 1 188 ? -7.074  4.937   -9.843  1.00 23.10 ? 188 ALA A CA  1 
ATOM   1241 C C   . ALA A 1 188 ? -8.106  5.787   -10.551 1.00 23.13 ? 188 ALA A C   1 
ATOM   1242 O O   . ALA A 1 188 ? -8.392  5.521   -11.707 1.00 24.15 ? 188 ALA A O   1 
ATOM   1243 C CB  . ALA A 1 188 ? -7.477  3.399   -9.878  1.00 23.21 ? 188 ALA A CB  1 
ATOM   1244 N N   . GLY A 1 189 ? -8.645  6.822   -9.920  1.00 23.37 ? 189 GLY A N   1 
ATOM   1245 C CA  . GLY A 1 189 ? -9.748  7.572   -10.543 1.00 23.72 ? 189 GLY A CA  1 
ATOM   1246 C C   . GLY A 1 189 ? -10.980 6.686   -10.824 1.00 26.01 ? 189 GLY A C   1 
ATOM   1247 O O   . GLY A 1 189 ? -11.771 6.972   -11.763 1.00 24.61 ? 189 GLY A O   1 
ATOM   1248 N N   . GLU A 1 190 ? -11.199 5.650   -9.981  1.00 23.47 ? 190 GLU A N   1 
ATOM   1249 C CA  . GLU A 1 190 ? -12.349 4.761   -10.146 1.00 23.36 ? 190 GLU A CA  1 
ATOM   1250 C C   . GLU A 1 190 ? -13.713 5.484   -10.021 1.00 24.24 ? 190 GLU A C   1 
ATOM   1251 O O   . GLU A 1 190 ? -13.846 6.509   -9.348  1.00 23.99 ? 190 GLU A O   1 
ATOM   1252 C CB  . GLU A 1 190 ? -12.279 3.574   -9.161  1.00 23.12 ? 190 GLU A CB  1 
ATOM   1253 C CG  . GLU A 1 190 ? -11.292 2.431   -9.555  1.00 24.15 ? 190 GLU A CG  1 
ATOM   1254 C CD  . GLU A 1 190 ? -11.365 1.256   -8.538  1.00 27.13 ? 190 GLU A CD  1 
ATOM   1255 O OE1 . GLU A 1 190 ? -12.446 1.024   -7.945  1.00 27.99 ? 190 GLU A OE1 1 
ATOM   1256 O OE2 . GLU A 1 190 ? -10.332 0.622   -8.271  1.00 32.97 ? 190 GLU A OE2 1 
ATOM   1257 N N   . GLN A 1 191 ? -14.746 4.927   -10.659 1.00 24.94 ? 191 GLN A N   1 
ATOM   1258 C CA  . GLN A 1 191 ? -16.101 5.432   -10.446 1.00 26.92 ? 191 GLN A CA  1 
ATOM   1259 C C   . GLN A 1 191 ? -16.870 4.291   -9.774  1.00 25.58 ? 191 GLN A C   1 
ATOM   1260 O O   . GLN A 1 191 ? -17.074 3.234   -10.344 1.00 27.77 ? 191 GLN A O   1 
ATOM   1261 C CB  . GLN A 1 191 ? -16.744 5.914   -11.772 1.00 30.17 ? 191 GLN A CB  1 
ATOM   1262 C CG  . GLN A 1 191 ? -17.948 6.875   -11.482 1.00 37.68 ? 191 GLN A CG  1 
ATOM   1263 C CD  . GLN A 1 191 ? -18.380 7.686   -12.685 1.00 46.50 ? 191 GLN A CD  1 
ATOM   1264 O OE1 . GLN A 1 191 ? -18.527 7.149   -13.797 1.00 51.47 ? 191 GLN A OE1 1 
ATOM   1265 N NE2 . GLN A 1 191 ? -18.597 8.994   -12.475 1.00 46.37 ? 191 GLN A NE2 1 
ATOM   1266 N N   . PRO A 1 192 ? -17.251 4.468   -8.521  1.00 22.77 ? 192 PRO A N   1 
ATOM   1267 C CA  . PRO A 1 192 ? -17.118 5.669   -7.660  1.00 20.30 ? 192 PRO A CA  1 
ATOM   1268 C C   . PRO A 1 192 ? -15.738 5.703   -6.960  1.00 19.20 ? 192 PRO A C   1 
ATOM   1269 O O   . PRO A 1 192 ? -15.129 4.632   -6.689  1.00 20.26 ? 192 PRO A O   1 
ATOM   1270 C CB  . PRO A 1 192 ? -18.189 5.438   -6.578  1.00 19.88 ? 192 PRO A CB  1 
ATOM   1271 C CG  . PRO A 1 192 ? -18.145 3.928   -6.373  1.00 21.82 ? 192 PRO A CG  1 
ATOM   1272 C CD  . PRO A 1 192 ? -17.887 3.335   -7.829  1.00 23.05 ? 192 PRO A CD  1 
ATOM   1273 N N   . SER A 1 193 ? -15.340 6.885   -6.498  1.00 17.20 ? 193 SER A N   1 
ATOM   1274 C CA  . SER A 1 193 ? -14.199 6.997   -5.609  1.00 17.22 ? 193 SER A CA  1 
ATOM   1275 C C   . SER A 1 193 ? -14.366 8.370   -4.964  1.00 18.65 ? 193 SER A C   1 
ATOM   1276 O O   . SER A 1 193 ? -15.092 9.225   -5.489  1.00 17.75 ? 193 SER A O   1 
ATOM   1277 C CB  . SER A 1 193 ? -12.835 6.933   -6.361  1.00 16.33 ? 193 SER A CB  1 
ATOM   1278 O OG  . SER A 1 193 ? -12.853 7.859   -7.478  1.00 15.91 ? 193 SER A OG  1 
ATOM   1279 N N   . VAL A 1 194 ? -13.752 8.537   -3.799  1.00 17.51 ? 194 VAL A N   1 
ATOM   1280 C CA  . VAL A 1 194 ? -13.577 9.862   -3.178  1.00 16.46 ? 194 VAL A CA  1 
ATOM   1281 C C   . VAL A 1 194 ? -12.480 10.581  -4.005  1.00 16.20 ? 194 VAL A C   1 
ATOM   1282 O O   . VAL A 1 194 ? -11.493 9.940   -4.369  1.00 14.49 ? 194 VAL A O   1 
ATOM   1283 C CB  . VAL A 1 194 ? -13.125 9.705   -1.703  1.00 16.16 ? 194 VAL A CB  1 
ATOM   1284 C CG1 . VAL A 1 194 ? -12.901 11.075  -0.998  1.00 12.52 ? 194 VAL A CG1 1 
ATOM   1285 C CG2 . VAL A 1 194 ? -14.197 8.812   -0.889  1.00 17.34 ? 194 VAL A CG2 1 
ATOM   1286 N N   . PRO A 1 195 ? -12.672 11.885  -4.310  1.00 15.58 ? 195 PRO A N   1 
ATOM   1287 C CA  . PRO A 1 195 ? -11.604 12.626  -4.996  1.00 16.72 ? 195 PRO A CA  1 
ATOM   1288 C C   . PRO A 1 195 ? -10.338 12.508  -4.139  1.00 16.38 ? 195 PRO A C   1 
ATOM   1289 O O   . PRO A 1 195 ? -10.362 12.573  -2.854  1.00 15.78 ? 195 PRO A O   1 
ATOM   1290 C CB  . PRO A 1 195 ? -12.080 14.077  -4.913  1.00 15.57 ? 195 PRO A CB  1 
ATOM   1291 C CG  . PRO A 1 195 ? -13.703 13.908  -4.973  1.00 17.59 ? 195 PRO A CG  1 
ATOM   1292 C CD  . PRO A 1 195 ? -13.897 12.682  -4.086  1.00 16.13 ? 195 PRO A CD  1 
ATOM   1293 N N   . GLU A 1 196 ? -9.223  12.329  -4.821  1.00 16.33 ? 196 GLU A N   1 
ATOM   1294 C CA  . GLU A 1 196 ? -7.940  12.259  -4.138  1.00 17.49 ? 196 GLU A CA  1 
ATOM   1295 C C   . GLU A 1 196 ? -7.668  13.391  -3.138  1.00 17.63 ? 196 GLU A C   1 
ATOM   1296 O O   . GLU A 1 196 ? -7.132  13.155  -2.011  1.00 15.06 ? 196 GLU A O   1 
ATOM   1297 C CB  . GLU A 1 196 ? -6.799  12.112  -5.193  1.00 19.23 ? 196 GLU A CB  1 
ATOM   1298 C CG  . GLU A 1 196 ? -5.433  11.897  -4.523  1.00 23.70 ? 196 GLU A CG  1 
ATOM   1299 C CD  . GLU A 1 196 ? -4.328  11.442  -5.531  1.00 28.86 ? 196 GLU A CD  1 
ATOM   1300 O OE1 . GLU A 1 196 ? -4.664  10.981  -6.618  1.00 31.36 ? 196 GLU A OE1 1 
ATOM   1301 O OE2 . GLU A 1 196 ? -3.141  11.492  -5.189  1.00 34.76 ? 196 GLU A OE2 1 
ATOM   1302 N N   . ALA A 1 197 ? -8.073  14.625  -3.496  1.00 17.50 ? 197 ALA A N   1 
ATOM   1303 C CA  . ALA A 1 197 ? -7.908  15.759  -2.571  1.00 18.34 ? 197 ALA A CA  1 
ATOM   1304 C C   . ALA A 1 197 ? -8.809  15.706  -1.338  1.00 17.38 ? 197 ALA A C   1 
ATOM   1305 O O   . ALA A 1 197 ? -8.697  16.572  -0.462  1.00 17.20 ? 197 ALA A O   1 
ATOM   1306 C CB  . ALA A 1 197 ? -8.196  17.136  -3.342  1.00 18.08 ? 197 ALA A CB  1 
ATOM   1307 N N   . ARG A 1 198 ? -9.776  14.776  -1.291  1.00 15.79 ? 198 ARG A N   1 
ATOM   1308 C CA  . ARG A 1 198 ? -10.662 14.701  -0.122  1.00 14.45 ? 198 ARG A CA  1 
ATOM   1309 C C   . ARG A 1 198 ? -10.490 13.397  0.687   1.00 14.86 ? 198 ARG A C   1 
ATOM   1310 O O   . ARG A 1 198 ? -11.058 13.232  1.752   1.00 13.98 ? 198 ARG A O   1 
ATOM   1311 C CB  . ARG A 1 198 ? -12.129 14.817  -0.626  1.00 14.54 ? 198 ARG A CB  1 
ATOM   1312 C CG  . ARG A 1 198 ? -12.447 16.239  -1.190  1.00 12.89 ? 198 ARG A CG  1 
ATOM   1313 C CD  . ARG A 1 198 ? -12.405 17.352  -0.044  1.00 15.36 ? 198 ARG A CD  1 
ATOM   1314 N NE  . ARG A 1 198 ? -13.236 16.881  1.099   1.00 20.05 ? 198 ARG A NE  1 
ATOM   1315 C CZ  . ARG A 1 198 ? -12.987 17.197  2.370   1.00 23.41 ? 198 ARG A CZ  1 
ATOM   1316 N NH1 . ARG A 1 198 ? -11.981 18.032  2.631   1.00 22.01 ? 198 ARG A NH1 1 
ATOM   1317 N NH2 . ARG A 1 198 ? -13.710 16.671  3.396   1.00 21.19 ? 198 ARG A NH2 1 
ATOM   1318 N N   . VAL A 1 199 ? -9.735  12.457  0.144   1.00 14.15 ? 199 VAL A N   1 
ATOM   1319 C CA  . VAL A 1 199 ? -9.776  11.089  0.685   1.00 14.25 ? 199 VAL A CA  1 
ATOM   1320 C C   . VAL A 1 199 ? -9.061  11.026  2.079   1.00 14.24 ? 199 VAL A C   1 
ATOM   1321 O O   . VAL A 1 199 ? -9.553  10.389  2.996   1.00 12.75 ? 199 VAL A O   1 
ATOM   1322 C CB  . VAL A 1 199 ? -9.262  10.060  -0.367  1.00 15.01 ? 199 VAL A CB  1 
ATOM   1323 C CG1 . VAL A 1 199 ? -7.777  10.172  -0.476  1.00 13.28 ? 199 VAL A CG1 1 
ATOM   1324 C CG2 . VAL A 1 199 ? -9.639  8.661   0.100   1.00 13.13 ? 199 VAL A CG2 1 
ATOM   1325 N N   . LEU A 1 200 ? -7.980  11.799  2.289   1.00 14.15 ? 200 LEU A N   1 
ATOM   1326 C CA  . LEU A 1 200 ? -7.327  11.765  3.602   1.00 15.07 ? 200 LEU A CA  1 
ATOM   1327 C C   . LEU A 1 200 ? -8.291  12.219  4.712   1.00 15.31 ? 200 LEU A C   1 
ATOM   1328 O O   . LEU A 1 200 ? -8.488  11.526  5.743   1.00 14.15 ? 200 LEU A O   1 
ATOM   1329 C CB  . LEU A 1 200 ? -6.031  12.640  3.607   1.00 15.47 ? 200 LEU A CB  1 
ATOM   1330 C CG  . LEU A 1 200 ? -5.234  12.571  4.927   1.00 16.64 ? 200 LEU A CG  1 
ATOM   1331 C CD1 . LEU A 1 200 ? -4.870  11.158  5.289   1.00 15.48 ? 200 LEU A CD1 1 
ATOM   1332 C CD2 . LEU A 1 200 ? -3.944  13.495  4.701   1.00 15.61 ? 200 LEU A CD2 1 
ATOM   1333 N N   . ASP A 1 201 ? -8.940  13.349  4.481   1.00 13.17 ? 201 ASP A N   1 
ATOM   1334 C CA  . ASP A 1 201 ? -9.832  13.926  5.486   1.00 14.83 ? 201 ASP A CA  1 
ATOM   1335 C C   . ASP A 1 201 ? -11.056 12.955  5.740   1.00 14.50 ? 201 ASP A C   1 
ATOM   1336 O O   . ASP A 1 201 ? -11.570 12.797  6.860   1.00 13.59 ? 201 ASP A O   1 
ATOM   1337 C CB  . ASP A 1 201 ? -10.404 15.231  4.946   1.00 14.73 ? 201 ASP A CB  1 
ATOM   1338 C CG  . ASP A 1 201 ? -9.518  16.489  5.217   1.00 24.09 ? 201 ASP A CG  1 
ATOM   1339 O OD1 . ASP A 1 201 ? -8.613  16.439  6.055   1.00 25.05 ? 201 ASP A OD1 1 
ATOM   1340 O OD2 . ASP A 1 201 ? -9.883  17.570  4.642   1.00 26.27 ? 201 ASP A OD2 1 
ATOM   1341 N N   . THR A 1 202 ? -11.496 12.326  4.658   1.00 14.28 ? 202 THR A N   1 
ATOM   1342 C CA  . THR A 1 202 ? -12.664 11.403  4.730   1.00 13.91 ? 202 THR A CA  1 
ATOM   1343 C C   . THR A 1 202 ? -12.271 10.265  5.635   1.00 13.07 ? 202 THR A C   1 
ATOM   1344 O O   . THR A 1 202 ? -12.994 9.969   6.572   1.00 13.88 ? 202 THR A O   1 
ATOM   1345 C CB  . THR A 1 202 ? -13.072 10.890  3.312   1.00 15.45 ? 202 THR A CB  1 
ATOM   1346 O OG1 . THR A 1 202 ? -13.398 12.017  2.499   1.00 15.41 ? 202 THR A OG1 1 
ATOM   1347 C CG2 . THR A 1 202 ? -14.298 9.843   3.374   1.00 13.10 ? 202 THR A CG2 1 
ATOM   1348 N N   . LEU A 1 203 ? -11.131 9.614   5.365   1.00 13.82 ? 203 LEU A N   1 
ATOM   1349 C CA  . LEU A 1 203 ? -10.715 8.449   6.151   1.00 13.91 ? 203 LEU A CA  1 
ATOM   1350 C C   . LEU A 1 203 ? -10.406 8.830   7.581   1.00 14.05 ? 203 LEU A C   1 
ATOM   1351 O O   . LEU A 1 203 ? -10.804 8.127   8.502   1.00 13.27 ? 203 LEU A O   1 
ATOM   1352 C CB  . LEU A 1 203 ? -9.496  7.699   5.506   1.00 13.39 ? 203 LEU A CB  1 
ATOM   1353 C CG  . LEU A 1 203 ? -9.851  7.191   4.066   1.00 13.29 ? 203 LEU A CG  1 
ATOM   1354 C CD1 . LEU A 1 203 ? -8.461  6.773   3.430   1.00 14.19 ? 203 LEU A CD1 1 
ATOM   1355 C CD2 . LEU A 1 203 ? -10.900 5.995   4.119   1.00 9.88  ? 203 LEU A CD2 1 
ATOM   1356 N N   . VAL A 1 204 ? -9.804  10.001  7.789   1.00 13.37 ? 204 VAL A N   1 
ATOM   1357 C CA  . VAL A 1 204 ? -9.483  10.387  9.185   1.00 13.97 ? 204 VAL A CA  1 
ATOM   1358 C C   . VAL A 1 204 ? -10.761 10.536  10.024  1.00 13.56 ? 204 VAL A C   1 
ATOM   1359 O O   . VAL A 1 204 ? -10.862 10.079  11.195  1.00 14.88 ? 204 VAL A O   1 
ATOM   1360 C CB  . VAL A 1 204 ? -8.690  11.741  9.219   1.00 13.92 ? 204 VAL A CB  1 
ATOM   1361 C CG1 . VAL A 1 204 ? -8.629  12.247  10.669  1.00 16.53 ? 204 VAL A CG1 1 
ATOM   1362 C CG2 . VAL A 1 204 ? -7.266  11.579  8.630   1.00 11.56 ? 204 VAL A CG2 1 
ATOM   1363 N N   . HIS A 1 205 ? -11.744 11.181  9.454   1.00 13.46 ? 205 HIS A N   1 
ATOM   1364 C CA  . HIS A 1 205 ? -13.029 11.339  10.176  1.00 15.41 ? 205 HIS A CA  1 
ATOM   1365 C C   . HIS A 1 205 ? -13.595 9.975   10.596  1.00 13.99 ? 205 HIS A C   1 
ATOM   1366 O O   . HIS A 1 205 ? -14.056 9.806   11.725  1.00 13.82 ? 205 HIS A O   1 
ATOM   1367 C CB  . HIS A 1 205 ? -14.046 12.058  9.306   1.00 15.02 ? 205 HIS A CB  1 
ATOM   1368 C CG  . HIS A 1 205 ? -15.458 11.990  9.841   1.00 15.98 ? 205 HIS A CG  1 
ATOM   1369 N ND1 . HIS A 1 205 ? -15.949 12.894  10.757  1.00 15.81 ? 205 HIS A ND1 1 
ATOM   1370 C CD2 . HIS A 1 205 ? -16.462 11.120  9.615   1.00 12.64 ? 205 HIS A CD2 1 
ATOM   1371 C CE1 . HIS A 1 205 ? -17.212 12.635  11.031  1.00 15.69 ? 205 HIS A CE1 1 
ATOM   1372 N NE2 . HIS A 1 205 ? -17.538 11.516  10.402  1.00 16.21 ? 205 HIS A NE2 1 
ATOM   1373 N N   . ILE A 1 206 ? -13.576 9.006   9.673   1.00 14.46 ? 206 ILE A N   1 
ATOM   1374 C CA  . ILE A 1 206 ? -14.225 7.703   9.936   1.00 13.47 ? 206 ILE A CA  1 
ATOM   1375 C C   . ILE A 1 206 ? -13.367 6.977   10.980  1.00 13.88 ? 206 ILE A C   1 
ATOM   1376 O O   . ILE A 1 206 ? -13.930 6.381   11.885  1.00 14.35 ? 206 ILE A O   1 
ATOM   1377 C CB  . ILE A 1 206 ? -14.431 6.845   8.621   1.00 12.79 ? 206 ILE A CB  1 
ATOM   1378 C CG1 . ILE A 1 206 ? -15.471 7.538   7.764   1.00 15.01 ? 206 ILE A CG1 1 
ATOM   1379 C CG2 . ILE A 1 206 ? -15.119 5.435   8.944   1.00 10.91 ? 206 ILE A CG2 1 
ATOM   1380 C CD1 . ILE A 1 206 ? -15.381 7.123   6.231   1.00 13.43 ? 206 ILE A CD1 1 
ATOM   1381 N N   . TRP A 1 207 ? -12.023 7.097   10.911  1.00 12.93 ? 207 TRP A N   1 
ATOM   1382 C CA  . TRP A 1 207 ? -11.201 6.423   11.931  1.00 14.26 ? 207 TRP A CA  1 
ATOM   1383 C C   . TRP A 1 207 ? -11.465 7.024   13.314  1.00 16.62 ? 207 TRP A C   1 
ATOM   1384 O O   . TRP A 1 207 ? -11.743 6.309   14.246  1.00 16.58 ? 207 TRP A O   1 
ATOM   1385 C CB  . TRP A 1 207 ? -9.701  6.506   11.636  1.00 12.58 ? 207 TRP A CB  1 
ATOM   1386 C CG  . TRP A 1 207 ? -9.236  5.471   10.588  1.00 12.08 ? 207 TRP A CG  1 
ATOM   1387 C CD1 . TRP A 1 207 ? -9.751  5.296   9.309   1.00 11.25 ? 207 TRP A CD1 1 
ATOM   1388 C CD2 . TRP A 1 207 ? -8.137  4.560   10.719  1.00 11.28 ? 207 TRP A CD2 1 
ATOM   1389 N NE1 . TRP A 1 207 ? -9.039  4.264   8.671   1.00 13.12 ? 207 TRP A NE1 1 
ATOM   1390 C CE2 . TRP A 1 207 ? -8.045  3.823   9.513   1.00 12.59 ? 207 TRP A CE2 1 
ATOM   1391 C CE3 . TRP A 1 207 ? -7.216  4.268   11.754  1.00 11.08 ? 207 TRP A CE3 1 
ATOM   1392 C CZ2 . TRP A 1 207 ? -7.050  2.796   9.320   1.00 12.60 ? 207 TRP A CZ2 1 
ATOM   1393 C CZ3 . TRP A 1 207 ? -6.240  3.274   11.556  1.00 13.43 ? 207 TRP A CZ3 1 
ATOM   1394 C CH2 . TRP A 1 207 ? -6.169  2.542   10.362  1.00 11.66 ? 207 TRP A CH2 1 
ATOM   1395 N N   . VAL A 1 208 ? -11.398 8.348   13.416  1.00 15.36 ? 208 VAL A N   1 
ATOM   1396 C CA  . VAL A 1 208 ? -11.503 9.028   14.735  1.00 16.66 ? 208 VAL A CA  1 
ATOM   1397 C C   . VAL A 1 208 ? -12.889 8.795   15.368  1.00 16.64 ? 208 VAL A C   1 
ATOM   1398 O O   . VAL A 1 208 ? -12.984 8.495   16.573  1.00 17.00 ? 208 VAL A O   1 
ATOM   1399 C CB  . VAL A 1 208 ? -11.148 10.555  14.557  1.00 16.44 ? 208 VAL A CB  1 
ATOM   1400 C CG1 . VAL A 1 208 ? -11.393 11.345  15.894  1.00 22.47 ? 208 VAL A CG1 1 
ATOM   1401 C CG2 . VAL A 1 208 ? -9.615  10.615  14.192  1.00 18.13 ? 208 VAL A CG2 1 
ATOM   1402 N N   . THR A 1 209 ? -13.950 8.905   14.558  1.00 15.80 ? 209 THR A N   1 
ATOM   1403 C CA  . THR A 1 209 ? -15.263 8.745   15.104  1.00 17.61 ? 209 THR A CA  1 
ATOM   1404 C C   . THR A 1 209 ? -15.505 7.269   15.548  1.00 18.33 ? 209 THR A C   1 
ATOM   1405 O O   . THR A 1 209 ? -16.119 7.022   16.590  1.00 17.98 ? 209 THR A O   1 
ATOM   1406 C CB  . THR A 1 209 ? -16.365 9.258   14.168  1.00 18.85 ? 209 THR A CB  1 
ATOM   1407 O OG1 . THR A 1 209 ? -16.228 8.653   12.882  1.00 16.10 ? 209 THR A OG1 1 
ATOM   1408 C CG2 . THR A 1 209 ? -16.348 10.787  14.014  1.00 17.57 ? 209 THR A CG2 1 
ATOM   1409 N N   . SER A 1 210 ? -14.971 6.297   14.801  1.00 15.00 ? 210 SER A N   1 
ATOM   1410 C CA  . SER A 1 210 ? -15.320 4.916   15.084  1.00 14.54 ? 210 SER A CA  1 
ATOM   1411 C C   . SER A 1 210 ? -14.440 4.422   16.254  1.00 15.23 ? 210 SER A C   1 
ATOM   1412 O O   . SER A 1 210 ? -14.867 3.543   16.999  1.00 14.84 ? 210 SER A O   1 
ATOM   1413 C CB  . SER A 1 210 ? -15.125 4.028   13.824  1.00 12.50 ? 210 SER A CB  1 
ATOM   1414 O OG  . SER A 1 210 ? -13.744 4.014   13.496  1.00 15.48 ? 210 SER A OG  1 
ATOM   1415 N N   . ILE A 1 211 ? -13.242 4.999   16.393  1.00 15.13 ? 211 ILE A N   1 
ATOM   1416 C CA  . ILE A 1 211 ? -12.344 4.693   17.513  1.00 17.54 ? 211 ILE A CA  1 
ATOM   1417 C C   . ILE A 1 211 ? -12.781 5.389   18.809  1.00 20.01 ? 211 ILE A C   1 
ATOM   1418 O O   . ILE A 1 211 ? -12.710 4.769   19.870  1.00 19.98 ? 211 ILE A O   1 
ATOM   1419 C CB  . ILE A 1 211 ? -10.886 4.993   17.131  1.00 18.29 ? 211 ILE A CB  1 
ATOM   1420 C CG1 . ILE A 1 211 ? -10.469 3.997   15.997  1.00 14.10 ? 211 ILE A CG1 1 
ATOM   1421 C CG2 . ILE A 1 211 ? -9.917  4.959   18.373  1.00 17.41 ? 211 ILE A CG2 1 
ATOM   1422 C CD1 . ILE A 1 211 ? -9.025  4.375   15.261  1.00 9.96  ? 211 ILE A CD1 1 
ATOM   1423 N N   . TYR A 1 212 ? -13.246 6.650   18.740  1.00 18.36 ? 212 TYR A N   1 
ATOM   1424 C CA  . TYR A 1 212 ? -13.464 7.368   19.991  1.00 20.38 ? 212 TYR A CA  1 
ATOM   1425 C C   . TYR A 1 212 ? -14.925 7.464   20.321  1.00 21.41 ? 212 TYR A C   1 
ATOM   1426 O O   . TYR A 1 212 ? -15.237 7.864   21.420  1.00 21.58 ? 212 TYR A O   1 
ATOM   1427 C CB  . TYR A 1 212 ? -12.816 8.773   19.959  1.00 20.02 ? 212 TYR A CB  1 
ATOM   1428 C CG  . TYR A 1 212 ? -11.316 8.618   19.900  1.00 20.67 ? 212 TYR A CG  1 
ATOM   1429 C CD1 . TYR A 1 212 ? -10.570 8.338   21.081  1.00 21.11 ? 212 TYR A CD1 1 
ATOM   1430 C CD2 . TYR A 1 212 ? -10.635 8.710   18.659  1.00 18.85 ? 212 TYR A CD2 1 
ATOM   1431 C CE1 . TYR A 1 212 ? -9.182  8.198   21.011  1.00 17.55 ? 212 TYR A CE1 1 
ATOM   1432 C CE2 . TYR A 1 212 ? -9.258  8.583   18.587  1.00 17.42 ? 212 TYR A CE2 1 
ATOM   1433 C CZ  . TYR A 1 212 ? -8.541  8.324   19.738  1.00 18.99 ? 212 TYR A CZ  1 
ATOM   1434 O OH  . TYR A 1 212 ? -7.179  8.159   19.642  1.00 15.87 ? 212 TYR A OH  1 
ATOM   1435 N N   . GLY A 1 213 ? -15.803 7.032   19.407  1.00 22.68 ? 213 GLY A N   1 
ATOM   1436 C CA  . GLY A 1 213 ? -17.258 7.267   19.507  1.00 26.15 ? 213 GLY A CA  1 
ATOM   1437 C C   . GLY A 1 213 ? -17.902 6.154   20.314  1.00 29.11 ? 213 GLY A C   1 
ATOM   1438 O O   . GLY A 1 213 ? -17.520 5.009   20.192  1.00 27.46 ? 213 GLY A O   1 
ATOM   1439 N N   . GLU A 1 214 ? -18.903 6.481   21.127  1.00 32.20 ? 214 GLU A N   1 
ATOM   1440 C CA  . GLU A 1 214 ? -19.754 5.433   21.767  1.00 36.32 ? 214 GLU A CA  1 
ATOM   1441 C CB  . GLU A 1 214 ? -19.671 5.618   23.285  1.00 38.68 ? 214 GLU A CB  1 
ATOM   1442 C CG  . GLU A 1 214 ? -19.672 7.103   23.678  1.00 44.33 ? 214 GLU A CG  1 
ATOM   1443 C CD  . GLU A 1 214 ? -19.047 7.398   25.048  1.00 54.58 ? 214 GLU A CD  1 
ATOM   1444 O OE1 . GLU A 1 214 ? -19.799 7.889   25.945  1.00 56.84 ? 214 GLU A OE1 1 
ATOM   1445 O OE2 . GLU A 1 214 ? -17.823 7.169   25.231  1.00 55.41 ? 214 GLU A OE2 1 
HETATM 1446 F F3  . 2B2 B 2 .   ? -2.271  0.445   1.913   1.00 23.50 ? 301 2B2 A F3  1 
HETATM 1447 C C14 . 2B2 B 2 .   ? -3.323  0.275   2.668   1.00 23.07 ? 301 2B2 A C14 1 
HETATM 1448 F F1  . 2B2 B 2 .   ? -4.087  1.289   2.378   1.00 23.63 ? 301 2B2 A F1  1 
HETATM 1449 F F2  . 2B2 B 2 .   ? -3.936  -0.868  2.346   1.00 19.80 ? 301 2B2 A F2  1 
HETATM 1450 C C13 . 2B2 B 2 .   ? -3.002  0.325   4.146   1.00 16.97 ? 301 2B2 A C13 1 
HETATM 1451 C C12 . 2B2 B 2 .   ? -4.260  0.251   5.031   1.00 16.71 ? 301 2B2 A C12 1 
HETATM 1452 N N2  . 2B2 B 2 .   ? -3.945  0.669   6.430   1.00 14.47 ? 301 2B2 A N2  1 
HETATM 1453 C C11 . 2B2 B 2 .   ? -3.808  1.956   6.740   1.00 17.04 ? 301 2B2 A C11 1 
HETATM 1454 O O   . 2B2 B 2 .   ? -4.188  2.843   5.950   1.00 18.97 ? 301 2B2 A O   1 
HETATM 1455 C C8  . 2B2 B 2 .   ? -3.324  2.342   8.114   1.00 15.01 ? 301 2B2 A C8  1 
HETATM 1456 C C7  . 2B2 B 2 .   ? -2.867  1.348   9.005   1.00 14.84 ? 301 2B2 A C7  1 
HETATM 1457 C C6  . 2B2 B 2 .   ? -2.402  1.718   10.283  1.00 17.34 ? 301 2B2 A C6  1 
HETATM 1458 C C9  . 2B2 B 2 .   ? -3.343  3.689   8.511   1.00 16.87 ? 301 2B2 A C9  1 
HETATM 1459 C C10 . 2B2 B 2 .   ? -2.896  4.044   9.808   1.00 18.43 ? 301 2B2 A C10 1 
HETATM 1460 C C5  . 2B2 B 2 .   ? -2.424  3.052   10.685  1.00 18.24 ? 301 2B2 A C5  1 
HETATM 1461 C C3  . 2B2 B 2 .   ? -2.001  3.432   11.964  1.00 18.79 ? 301 2B2 A C3  1 
HETATM 1462 N N1  . 2B2 B 2 .   ? -1.971  4.747   12.305  1.00 18.64 ? 301 2B2 A N1  1 
HETATM 1463 C C4  . 2B2 B 2 .   ? -1.577  2.614   12.991  1.00 20.70 ? 301 2B2 A C4  1 
HETATM 1464 S S   . 2B2 B 2 .   ? -1.225  3.548   14.368  1.00 24.27 ? 301 2B2 A S   1 
HETATM 1465 C C2  . 2B2 B 2 .   ? -1.553  5.016   13.552  1.00 24.39 ? 301 2B2 A C2  1 
HETATM 1466 C C1  . 2B2 B 2 .   ? -1.434  6.370   14.194  1.00 21.21 ? 301 2B2 A C1  1 
HETATM 1467 O O   . HOH C 3 .   ? -6.742  13.795  0.584   1.00 13.25 ? 401 HOH A O   1 
HETATM 1468 O O   . HOH C 3 .   ? -12.160 -0.536  -5.341  1.00 27.21 ? 402 HOH A O   1 
HETATM 1469 O O   . HOH C 3 .   ? -14.889 1.978   -7.025  1.00 20.04 ? 403 HOH A O   1 
HETATM 1470 O O   . HOH C 3 .   ? -12.594 2.213   20.856  1.00 19.83 ? 404 HOH A O   1 
HETATM 1471 O O   . HOH C 3 .   ? -12.308 6.373   -3.043  1.00 18.63 ? 405 HOH A O   1 
HETATM 1472 O O   . HOH C 3 .   ? -10.713 -5.468  22.301  1.00 27.10 ? 406 HOH A O   1 
HETATM 1473 O O   . HOH C 3 .   ? -16.444 -6.204  15.946  1.00 20.02 ? 407 HOH A O   1 
HETATM 1474 O O   . HOH C 3 .   ? -0.183  14.496  2.489   1.00 18.87 ? 408 HOH A O   1 
HETATM 1475 O O   . HOH C 3 .   ? -3.314  -9.067  12.432  1.00 20.63 ? 409 HOH A O   1 
HETATM 1476 O O   . HOH C 3 .   ? -11.124 14.710  8.799   1.00 21.16 ? 410 HOH A O   1 
HETATM 1477 O O   . HOH C 3 .   ? -4.949  2.255   -7.332  1.00 20.64 ? 411 HOH A O   1 
HETATM 1478 O O   . HOH C 3 .   ? 2.330   -10.372 9.287   1.00 25.25 ? 412 HOH A O   1 
HETATM 1479 O O   . HOH C 3 .   ? 4.112   -2.164  11.148  1.00 34.46 ? 413 HOH A O   1 
HETATM 1480 O O   . HOH C 3 .   ? -3.163  3.709   -8.498  1.00 21.68 ? 414 HOH A O   1 
HETATM 1481 O O   . HOH C 3 .   ? -12.237 -11.471 15.951  0.50 7.86  ? 415 HOH A O   1 
HETATM 1482 O O   . HOH C 3 .   ? -6.459  14.447  21.824  1.00 37.72 ? 416 HOH A O   1 
HETATM 1483 O O   . HOH C 3 .   ? 2.682   11.405  7.731   1.00 25.53 ? 417 HOH A O   1 
HETATM 1484 O O   . HOH C 3 .   ? -8.661  15.319  -6.359  1.00 19.86 ? 418 HOH A O   1 
HETATM 1485 O O   . HOH C 3 .   ? 4.484   3.738   -9.450  1.00 20.22 ? 419 HOH A O   1 
HETATM 1486 O O   . HOH C 3 .   ? -0.409  -6.307  -12.542 1.00 26.32 ? 420 HOH A O   1 
HETATM 1487 O O   . HOH C 3 .   ? -4.995  -9.908  10.493  1.00 22.54 ? 421 HOH A O   1 
HETATM 1488 O O   . HOH C 3 .   ? -5.322  -2.426  -9.632  1.00 25.76 ? 422 HOH A O   1 
HETATM 1489 O O   . HOH C 3 .   ? -3.549  -10.696 -0.301  1.00 24.98 ? 423 HOH A O   1 
HETATM 1490 O O   . HOH C 3 .   ? 3.250   6.213   -10.549 1.00 31.61 ? 424 HOH A O   1 
HETATM 1491 O O   . HOH C 3 .   ? -6.094  -6.264  20.310  1.00 32.36 ? 425 HOH A O   1 
HETATM 1492 O O   . HOH C 3 .   ? -16.665 0.551   -9.428  1.00 34.15 ? 426 HOH A O   1 
HETATM 1493 O O   . HOH C 3 .   ? -8.762  -3.337  -2.439  1.00 23.76 ? 427 HOH A O   1 
HETATM 1494 O O   . HOH C 3 .   ? -2.380  16.134  2.002   1.00 23.47 ? 428 HOH A O   1 
HETATM 1495 O O   . HOH C 3 .   ? -11.726 14.336  11.268  1.00 27.70 ? 429 HOH A O   1 
HETATM 1496 O O   . HOH C 3 .   ? 2.485   7.974   -8.867  1.00 24.38 ? 430 HOH A O   1 
HETATM 1497 O O   . HOH C 3 .   ? -13.450 17.906  5.865   1.00 26.82 ? 431 HOH A O   1 
HETATM 1498 O O   . HOH C 3 .   ? -4.640  15.438  0.977   1.00 31.44 ? 432 HOH A O   1 
HETATM 1499 O O   . HOH C 3 .   ? -14.288 2.648   -12.513 1.00 32.15 ? 433 HOH A O   1 
HETATM 1500 O O   . HOH C 3 .   ? 23.392  -7.196  -21.506 1.00 29.22 ? 434 HOH A O   1 
HETATM 1501 O O   . HOH C 3 .   ? 2.351   -5.144  13.881  1.00 28.61 ? 435 HOH A O   1 
HETATM 1502 O O   . HOH C 3 .   ? -10.011 -8.279  18.803  1.00 28.94 ? 436 HOH A O   1 
HETATM 1503 O O   . HOH C 3 .   ? -2.348  -5.942  18.215  1.00 24.99 ? 437 HOH A O   1 
# 
